data_8S0M
#
_entry.id   8S0M
#
_cell.length_a   201.870
_cell.length_b   201.870
_cell.length_c   210.300
_cell.angle_alpha   90.00
_cell.angle_beta   90.00
_cell.angle_gamma   120.00
#
_symmetry.space_group_name_H-M   'P 61'
#
loop_
_entity.id
_entity.type
_entity.pdbx_description
1 polymer 'Transmembrane protease serine 2'
2 polymer 'Nanobody A01'
3 polymer 'Spike protein S1'
4 branched 2-acetamido-2-deoxy-beta-D-glucopyranose-(1-4)-2-acetamido-2-deoxy-beta-D-glucopyranose
5 non-polymer 2-acetamido-2-deoxy-beta-D-glucopyranose
6 non-polymer 'PHOSPHATE ION'
7 water water
#
loop_
_entity_poly.entity_id
_entity_poly.type
_entity_poly.pdbx_seq_one_letter_code
_entity_poly.pdbx_strand_id
1 'polypeptide(L)'
;KFMGSKCSNSGIECDSSGTCINPSNWCDGVSHCPGGEDENRCVRLYGPNFILQVYSSQRKSWHPVCQDDWNENYGRAACR
DMGYKNNFYSSQGIVDDSGSTSFMKLNTSAGNVDIYKKLYHSDACSSKAVVSLRCIACGVNLNSSRQSRIVGGESALPGA
WPWQVSLHVQNVHVCGGSIITPEWIVTAAHCVEKPLNNPWHWTAFAGILRQSFMFYGAGYQVEKVISHPNYDSKTKNNDI
ALMKLQKPLTFNDLVKPVCLPNPGMMLQPEQLCWISGWGATEEKGKTSEVLNAAKVLLIETQRCNSRYVYDNLITPAMIC
AGFLQGNVDSCQGDAGGPLVTSKNNIWWLIGDTSWGSGCAKAYRPGVYGNVMVFTDWIYRQMRADGGPFEDDDDK
;
B,E
2 'polypeptide(L)'
;MAQVQLVESGGGLVQPGGSLRLSCVVSGFSLDYYAIGWFRQAPGKEREGVSCIGSSGDKTNYADSVKGRFTISRDNAKNT
VYLQMNSLKPEDTAVYYCAAESALYSDCTEEQNPMLYDYWGQGTQVTVSSHHHHHH
;
U,V
3 'polypeptide(L)'
;SGFTVKPVATVYRRIPNLPDCDIDNWLNNVSVPSPLNWERRIFSNCNFNLSTLLRLVHVDSFSCNNLDKSKIFGSCFNSI
TVDKFAIPNRRRDDLQLGSSGFLQSSNYKIDISSSSCQLYYSLPLVNVTINNFNPSSWNRRYGFGSFNLSSYDVVYSDHC
FSVNSDFCPCADPSVVNSCAKSKPPSAICPAGTKYRHCDLDTTLYVKNWCRCSCLPDPISTYSPNTCPQKKVVVGIGEHC
PGLGINEEKCGTQLNHSSCFCSPDAFLGWSFDSCISNNRCNIFSNFIFNGINSGTTCSNDLLYSNTEISTGVCVNYDLYG
ITGQGIFKEVSAVYYNNWQNLLYDSNGNIIGFKDFLTNKTYTILPC
;
A,D
#
# COMPACT_ATOMS: atom_id res chain seq x y z
N ASN A 22 22.98 35.80 -19.41
CA ASN A 22 23.16 34.38 -19.16
C ASN A 22 23.06 33.57 -20.46
N PRO A 23 24.05 32.71 -20.71
CA PRO A 23 24.09 31.99 -22.00
C PRO A 23 22.87 31.12 -22.24
N SER A 24 22.28 30.55 -21.18
CA SER A 24 21.09 29.72 -21.35
C SER A 24 19.88 30.54 -21.75
N ASN A 25 19.73 31.73 -21.14
CA ASN A 25 18.61 32.60 -21.49
C ASN A 25 18.75 33.14 -22.90
N TRP A 26 19.97 33.49 -23.32
CA TRP A 26 20.18 33.91 -24.70
C TRP A 26 19.87 32.77 -25.64
N CYS A 27 19.06 33.04 -26.65
CA CYS A 27 18.68 32.06 -27.65
C CYS A 27 18.50 30.61 -27.18
N CYS A 42 18.79 32.74 -31.53
CA CYS A 42 19.74 33.22 -32.53
C CYS A 42 19.55 32.40 -33.78
N VAL A 43 20.33 31.32 -33.92
CA VAL A 43 20.30 30.57 -35.16
C VAL A 43 20.21 29.08 -34.87
N ARG A 44 19.61 28.36 -35.81
CA ARG A 44 19.49 26.92 -35.71
C ARG A 44 19.34 26.34 -37.12
N LEU A 45 19.41 25.02 -37.20
CA LEU A 45 19.10 24.28 -38.41
C LEU A 45 17.87 23.44 -38.11
N TYR A 46 16.85 23.54 -38.95
CA TYR A 46 15.56 22.92 -38.70
C TYR A 46 15.32 21.85 -39.76
N GLY A 47 14.87 20.68 -39.32
CA GLY A 47 14.43 19.64 -40.23
C GLY A 47 15.55 18.84 -40.84
N PRO A 48 15.20 17.74 -41.51
CA PRO A 48 16.21 16.91 -42.18
C PRO A 48 16.88 17.59 -43.37
N ASN A 49 16.40 18.76 -43.79
CA ASN A 49 17.01 19.49 -44.90
C ASN A 49 17.84 20.67 -44.44
N PHE A 50 18.08 20.81 -43.14
CA PHE A 50 19.01 21.80 -42.59
C PHE A 50 18.58 23.23 -42.96
N ILE A 51 17.28 23.51 -42.85
CA ILE A 51 16.80 24.87 -43.13
C ILE A 51 17.34 25.83 -42.08
N LEU A 52 18.05 26.85 -42.54
CA LEU A 52 18.64 27.83 -41.63
C LEU A 52 17.55 28.72 -41.06
N GLN A 53 17.38 28.71 -39.73
CA GLN A 53 16.34 29.49 -39.09
C GLN A 53 16.93 30.46 -38.07
N VAL A 54 16.38 31.66 -38.06
CA VAL A 54 16.77 32.72 -37.13
C VAL A 54 15.56 33.07 -36.26
N TYR A 55 15.80 33.37 -34.99
CA TYR A 55 14.75 33.76 -34.07
C TYR A 55 14.50 35.26 -34.17
N SER A 56 13.22 35.63 -34.24
CA SER A 56 12.81 37.02 -34.37
C SER A 56 12.72 37.65 -32.99
N SER A 57 13.51 38.69 -32.76
CA SER A 57 13.44 39.40 -31.50
C SER A 57 12.02 39.92 -31.26
N GLN A 58 11.44 39.49 -30.13
CA GLN A 58 10.18 39.95 -29.56
C GLN A 58 8.94 39.41 -30.30
N ARG A 59 9.07 38.76 -31.45
CA ARG A 59 7.93 38.19 -32.18
C ARG A 59 7.67 36.74 -31.80
N LYS A 60 8.56 36.14 -31.04
CA LYS A 60 8.53 34.73 -30.65
C LYS A 60 8.50 33.75 -31.83
N SER A 61 9.42 33.92 -32.78
CA SER A 61 9.30 32.99 -33.88
C SER A 61 10.60 32.86 -34.67
N TRP A 62 10.73 31.70 -35.27
CA TRP A 62 11.81 31.26 -36.14
C TRP A 62 11.48 31.55 -37.60
N HIS A 63 12.47 32.00 -38.38
CA HIS A 63 12.15 32.27 -39.77
C HIS A 63 13.29 31.76 -40.63
N PRO A 64 12.97 31.20 -41.81
CA PRO A 64 14.03 30.75 -42.72
C PRO A 64 14.80 31.93 -43.29
N VAL A 65 15.85 31.64 -44.05
CA VAL A 65 16.69 32.69 -44.62
C VAL A 65 16.59 32.62 -46.13
N CYS A 66 16.43 33.78 -46.76
CA CYS A 66 16.35 33.86 -48.20
C CYS A 66 17.70 33.54 -48.82
N GLN A 67 17.69 32.83 -49.96
CA GLN A 67 18.94 32.60 -50.66
C GLN A 67 19.52 33.92 -51.16
N ASP A 68 18.73 35.00 -51.15
CA ASP A 68 19.07 36.33 -51.64
C ASP A 68 20.40 36.80 -51.09
N ASP A 69 21.40 36.85 -51.98
CA ASP A 69 22.74 37.37 -51.75
C ASP A 69 23.51 36.53 -50.75
N TRP A 70 23.15 35.25 -50.61
CA TRP A 70 23.86 34.36 -49.71
C TRP A 70 25.07 33.78 -50.43
N ASN A 71 26.13 33.51 -49.67
CA ASN A 71 27.35 32.95 -50.23
C ASN A 71 27.96 32.03 -49.19
N GLU A 72 29.13 31.48 -49.51
CA GLU A 72 29.69 30.45 -48.64
C GLU A 72 30.21 31.09 -47.34
N ASN A 73 30.66 32.34 -47.43
CA ASN A 73 31.20 33.05 -46.26
C ASN A 73 30.12 33.22 -45.20
N TYR A 74 28.90 33.59 -45.62
CA TYR A 74 27.79 33.72 -44.68
C TYR A 74 27.47 32.37 -44.03
N GLY A 75 27.52 31.29 -44.81
CA GLY A 75 27.27 29.98 -44.23
C GLY A 75 28.30 29.63 -43.18
N ARG A 76 29.58 29.94 -43.44
CA ARG A 76 30.61 29.69 -42.44
C ARG A 76 30.40 30.57 -41.21
N ALA A 77 29.97 31.82 -41.43
CA ALA A 77 29.64 32.69 -40.30
C ALA A 77 28.54 32.10 -39.44
N ALA A 78 27.47 31.60 -40.07
CA ALA A 78 26.38 31.00 -39.31
C ALA A 78 26.86 29.75 -38.57
N CYS A 79 27.73 28.97 -39.21
CA CYS A 79 28.27 27.77 -38.57
C CYS A 79 29.10 28.13 -37.35
N ARG A 80 29.96 29.16 -37.48
CA ARG A 80 30.71 29.64 -36.33
C ARG A 80 29.79 30.19 -35.24
N ASP A 81 28.65 30.77 -35.63
CA ASP A 81 27.68 31.21 -34.64
C ASP A 81 27.11 30.02 -33.88
N MET A 82 26.93 28.89 -34.57
CA MET A 82 26.44 27.69 -33.90
C MET A 82 27.55 26.94 -33.17
N GLY A 83 28.80 27.38 -33.31
CA GLY A 83 29.88 26.78 -32.56
C GLY A 83 30.68 25.74 -33.31
N TYR A 84 30.50 25.60 -34.62
CA TYR A 84 31.25 24.61 -35.37
C TYR A 84 32.62 25.11 -35.82
N LYS A 85 32.99 26.32 -35.45
CA LYS A 85 34.31 26.90 -35.76
C LYS A 85 34.47 26.91 -37.29
N ASN A 86 35.66 26.58 -37.80
CA ASN A 86 35.96 26.63 -39.22
C ASN A 86 35.33 25.50 -40.02
N ASN A 87 34.55 24.63 -39.39
CA ASN A 87 33.90 23.56 -40.14
C ASN A 87 32.87 24.16 -41.09
N PHE A 88 32.81 23.63 -42.30
CA PHE A 88 31.79 24.05 -43.26
C PHE A 88 31.68 23.01 -44.36
N TYR A 89 30.47 22.50 -44.59
CA TYR A 89 30.30 21.48 -45.61
C TYR A 89 29.70 22.10 -46.86
N SER A 90 28.44 22.55 -46.78
CA SER A 90 27.79 23.07 -47.98
C SER A 90 26.74 24.09 -47.60
N SER A 91 26.34 24.88 -48.59
CA SER A 91 25.26 25.84 -48.45
C SER A 91 24.67 26.02 -49.84
N GLN A 92 23.35 25.99 -49.92
CA GLN A 92 22.65 26.11 -51.17
C GLN A 92 21.24 26.60 -50.91
N GLY A 93 20.45 26.69 -51.97
CA GLY A 93 19.06 27.10 -51.88
C GLY A 93 18.15 25.90 -52.11
N ILE A 94 17.15 25.76 -51.24
CA ILE A 94 16.17 24.69 -51.31
C ILE A 94 14.78 25.29 -51.12
N VAL A 95 13.76 24.50 -51.46
CA VAL A 95 12.39 24.90 -51.16
C VAL A 95 12.08 24.77 -49.67
N ASP A 96 11.38 25.78 -49.15
CA ASP A 96 11.00 25.85 -47.73
C ASP A 96 9.90 24.85 -47.46
N ASP A 97 10.16 23.79 -46.69
CA ASP A 97 9.05 22.91 -46.33
C ASP A 97 8.54 23.11 -44.90
N SER A 98 9.00 24.15 -44.20
CA SER A 98 8.49 24.31 -42.85
C SER A 98 7.17 25.07 -42.75
N GLY A 99 6.63 25.66 -43.82
CA GLY A 99 5.37 26.33 -43.59
C GLY A 99 5.48 27.60 -42.75
N SER A 100 6.62 28.30 -42.76
CA SER A 100 6.67 29.44 -41.87
C SER A 100 5.95 30.67 -42.41
N THR A 101 5.67 31.59 -41.46
CA THR A 101 4.96 32.83 -41.71
C THR A 101 5.75 33.84 -42.53
N SER A 102 6.94 34.24 -42.05
CA SER A 102 7.76 35.17 -42.80
C SER A 102 9.21 34.72 -42.83
N PHE A 103 10.01 35.43 -43.63
CA PHE A 103 11.40 35.12 -43.88
C PHE A 103 12.29 36.25 -43.36
N MET A 104 13.59 36.00 -43.37
CA MET A 104 14.60 36.98 -42.96
C MET A 104 15.41 37.33 -44.22
N LYS A 105 15.31 38.58 -44.66
CA LYS A 105 16.02 39.06 -45.84
C LYS A 105 17.01 40.12 -45.43
N LEU A 106 18.27 39.93 -45.80
CA LEU A 106 19.31 40.90 -45.47
C LEU A 106 19.07 42.20 -46.22
N ASN A 107 19.16 43.33 -45.51
CA ASN A 107 19.06 44.63 -46.16
C ASN A 107 20.12 44.71 -47.26
N THR A 108 19.68 45.09 -48.47
CA THR A 108 20.55 45.06 -49.63
C THR A 108 21.88 45.77 -49.38
N SER A 109 21.87 46.83 -48.57
CA SER A 109 23.09 47.51 -48.19
C SER A 109 22.78 48.37 -46.95
N ALA A 110 23.13 47.86 -45.77
CA ALA A 110 22.99 48.58 -44.53
C ALA A 110 24.31 48.86 -43.85
N GLY A 111 25.42 48.35 -44.39
CA GLY A 111 26.74 48.62 -43.85
C GLY A 111 27.21 47.62 -42.82
N ASP A 114 28.46 44.28 -37.54
CA ASP A 114 27.80 42.99 -37.75
C ASP A 114 26.65 43.09 -38.74
N ILE A 115 26.73 42.28 -39.81
CA ILE A 115 25.62 42.16 -40.77
C ILE A 115 24.39 41.50 -40.16
N TYR A 116 24.42 41.13 -38.89
CA TYR A 116 23.37 40.28 -38.32
C TYR A 116 22.04 41.05 -38.25
N LYS A 117 22.08 42.34 -37.89
CA LYS A 117 20.86 43.14 -37.73
C LYS A 117 20.18 43.37 -39.08
N LYS A 118 20.96 43.29 -40.17
CA LYS A 118 20.60 43.68 -41.53
C LYS A 118 19.31 43.00 -41.98
N LEU A 119 19.08 41.80 -41.46
CA LEU A 119 17.98 40.87 -41.73
C LEU A 119 16.69 41.30 -41.07
N TYR A 120 15.76 41.75 -41.91
CA TYR A 120 14.47 42.31 -41.56
C TYR A 120 13.40 41.36 -42.11
N HIS A 121 12.24 41.43 -41.49
CA HIS A 121 11.08 40.60 -41.73
C HIS A 121 10.45 40.74 -43.11
N SER A 122 11.03 40.08 -44.12
CA SER A 122 10.54 40.13 -45.49
C SER A 122 9.44 39.09 -45.74
N ASP A 123 8.40 39.50 -46.45
CA ASP A 123 7.30 38.61 -46.81
C ASP A 123 7.64 37.58 -47.89
N ALA A 124 8.68 37.79 -48.70
CA ALA A 124 9.02 36.80 -49.72
C ALA A 124 10.49 36.92 -50.11
N CYS A 125 11.02 35.85 -50.71
CA CYS A 125 12.39 35.87 -51.20
C CYS A 125 12.38 36.08 -52.71
N SER A 126 13.36 36.85 -53.20
CA SER A 126 13.49 37.09 -54.64
C SER A 126 13.84 35.83 -55.40
N SER A 127 14.81 35.07 -54.88
CA SER A 127 15.27 33.82 -55.49
C SER A 127 14.32 32.65 -55.28
N LYS A 128 13.21 32.83 -54.56
CA LYS A 128 12.24 31.75 -54.33
C LYS A 128 12.91 30.53 -53.69
N ALA A 129 13.83 30.76 -52.78
CA ALA A 129 14.55 29.65 -52.16
C ALA A 129 15.07 30.10 -50.79
N VAL A 130 15.10 29.13 -49.87
CA VAL A 130 15.63 29.37 -48.54
C VAL A 130 16.99 28.70 -48.45
N VAL A 131 17.70 28.99 -47.37
CA VAL A 131 19.09 28.57 -47.23
C VAL A 131 19.14 27.21 -46.55
N SER A 132 19.74 26.24 -47.23
CA SER A 132 20.15 24.99 -46.62
C SER A 132 21.64 25.06 -46.31
N LEU A 133 21.99 24.79 -45.07
CA LEU A 133 23.37 24.97 -44.60
C LEU A 133 23.76 23.74 -43.79
N ARG A 134 24.79 23.03 -44.25
CA ARG A 134 25.39 21.93 -43.51
C ARG A 134 26.79 22.33 -43.10
N CYS A 135 27.04 22.30 -41.80
CA CYS A 135 28.31 22.78 -41.26
C CYS A 135 29.39 21.71 -41.22
N ILE A 136 29.03 20.44 -41.40
CA ILE A 136 30.00 19.36 -41.34
C ILE A 136 29.42 18.16 -42.08
N ALA A 137 30.29 17.45 -42.80
CA ALA A 137 29.91 16.22 -43.49
C ALA A 137 29.70 15.12 -42.46
N CYS A 138 28.45 14.67 -42.29
CA CYS A 138 28.13 13.65 -41.30
C CYS A 138 27.00 12.77 -41.79
N GLY A 139 26.68 11.75 -41.00
CA GLY A 139 25.55 10.87 -41.23
C GLY A 139 25.70 9.87 -42.36
N VAL A 140 26.91 9.65 -42.87
CA VAL A 140 27.13 8.69 -43.95
C VAL A 140 27.96 7.53 -43.43
N ASN A 141 27.55 6.31 -43.74
CA ASN A 141 28.28 5.12 -43.32
C ASN A 141 28.35 4.14 -44.49
N LEU A 142 28.68 2.90 -44.17
CA LEU A 142 28.76 1.81 -45.15
C LEU A 142 27.40 1.45 -45.71
N ASN A 143 27.26 1.47 -47.02
CA ASN A 143 25.97 1.18 -47.63
C ASN A 143 25.67 -0.30 -47.42
N SER A 144 24.38 -0.63 -47.34
CA SER A 144 23.98 -2.02 -47.08
C SER A 144 24.63 -2.97 -48.08
N SER A 145 25.20 -4.06 -47.57
CA SER A 145 25.85 -5.07 -48.41
C SER A 145 25.33 -6.48 -48.11
N GLU A 154 23.94 -8.72 -34.82
CA GLU A 154 25.11 -9.49 -35.25
C GLU A 154 26.39 -8.66 -35.07
N SER A 155 27.50 -9.21 -35.56
CA SER A 155 28.78 -8.51 -35.45
C SER A 155 28.80 -7.29 -36.37
N ALA A 156 29.18 -6.14 -35.82
CA ALA A 156 29.19 -4.93 -36.62
C ALA A 156 30.27 -5.00 -37.68
N LEU A 157 29.97 -4.53 -38.89
CA LEU A 157 30.96 -4.48 -39.94
C LEU A 157 31.84 -3.25 -39.81
N PRO A 158 33.07 -3.31 -40.35
CA PRO A 158 33.92 -2.11 -40.37
C PRO A 158 33.34 -1.00 -41.23
N GLY A 159 33.25 0.20 -40.67
CA GLY A 159 32.66 1.33 -41.34
C GLY A 159 31.15 1.41 -41.21
N ALA A 160 30.53 0.42 -40.58
CA ALA A 160 29.08 0.43 -40.39
C ALA A 160 28.65 1.52 -39.41
N TRP A 161 29.43 1.76 -38.37
CA TRP A 161 29.13 2.77 -37.36
C TRP A 161 30.38 3.58 -37.09
N PRO A 162 30.78 4.45 -38.04
CA PRO A 162 32.07 5.11 -37.91
C PRO A 162 32.12 6.14 -36.80
N TRP A 163 30.99 6.52 -36.24
CA TRP A 163 30.94 7.46 -35.13
C TRP A 163 31.06 6.78 -33.77
N GLN A 164 31.03 5.46 -33.73
CA GLN A 164 31.15 4.76 -32.47
C GLN A 164 32.56 4.89 -31.92
N VAL A 165 32.69 5.27 -30.66
CA VAL A 165 33.98 5.25 -29.99
C VAL A 165 33.85 4.50 -28.68
N SER A 166 34.95 3.84 -28.30
CA SER A 166 35.08 3.19 -27.01
C SER A 166 35.92 4.08 -26.09
N LEU A 167 35.39 4.37 -24.91
CA LEU A 167 36.03 5.22 -23.93
C LEU A 167 36.55 4.33 -22.81
N HIS A 168 37.87 4.41 -22.59
CA HIS A 168 38.61 3.54 -21.69
C HIS A 168 39.15 4.34 -20.51
N VAL A 169 39.18 3.67 -19.35
CA VAL A 169 39.89 4.16 -18.17
C VAL A 169 40.74 3.00 -17.69
N GLN A 170 42.02 3.28 -17.43
CA GLN A 170 42.96 2.27 -16.95
C GLN A 170 43.01 1.08 -17.91
N ASN A 171 43.07 1.39 -19.20
CA ASN A 171 43.19 0.42 -20.31
C ASN A 171 42.01 -0.54 -20.40
N VAL A 172 40.84 -0.14 -19.90
CA VAL A 172 39.66 -1.00 -19.85
C VAL A 172 38.48 -0.19 -20.42
N HIS A 173 37.80 -0.77 -21.40
CA HIS A 173 36.57 -0.18 -21.93
C HIS A 173 35.52 0.05 -20.85
N VAL A 174 35.23 1.32 -20.59
CA VAL A 174 34.29 1.74 -19.56
C VAL A 174 32.97 2.23 -20.15
N CYS A 175 33.01 2.98 -21.25
CA CYS A 175 31.79 3.55 -21.80
C CYS A 175 31.90 3.63 -23.32
N GLY A 176 30.80 4.06 -23.95
CA GLY A 176 30.78 4.34 -25.36
C GLY A 176 30.48 5.80 -25.65
N GLY A 177 30.62 6.16 -26.92
CA GLY A 177 30.33 7.53 -27.32
C GLY A 177 30.16 7.67 -28.81
N SER A 178 29.75 8.86 -29.22
CA SER A 178 29.44 9.15 -30.61
C SER A 178 30.24 10.36 -31.06
N ILE A 179 30.93 10.21 -32.20
CA ILE A 179 31.67 11.32 -32.78
C ILE A 179 30.70 12.31 -33.40
N ILE A 180 30.91 13.59 -33.12
CA ILE A 180 30.09 14.63 -33.75
C ILE A 180 30.97 15.63 -34.49
N THR A 181 32.20 15.86 -33.99
CA THR A 181 33.21 16.65 -34.68
C THR A 181 34.53 15.88 -34.59
N PRO A 182 35.58 16.28 -35.32
CA PRO A 182 36.88 15.61 -35.15
C PRO A 182 37.44 15.68 -33.73
N GLU A 183 36.90 16.55 -32.86
CA GLU A 183 37.40 16.68 -31.51
C GLU A 183 36.32 16.62 -30.43
N TRP A 184 35.07 16.34 -30.78
CA TRP A 184 33.97 16.33 -29.80
C TRP A 184 33.23 15.00 -29.85
N ILE A 185 32.94 14.46 -28.68
CA ILE A 185 32.26 13.18 -28.51
C ILE A 185 31.10 13.35 -27.56
N VAL A 186 29.94 12.87 -27.95
CA VAL A 186 28.76 12.84 -27.08
C VAL A 186 28.73 11.53 -26.33
N THR A 187 28.58 11.59 -25.01
CA THR A 187 28.43 10.40 -24.19
C THR A 187 27.44 10.72 -23.08
N ALA A 188 27.40 9.86 -22.07
CA ALA A 188 26.47 10.05 -20.96
C ALA A 188 27.14 10.81 -19.83
N ALA A 189 26.33 11.52 -19.05
CA ALA A 189 26.85 12.26 -17.91
C ALA A 189 27.22 11.32 -16.78
N HIS A 190 26.46 10.24 -16.59
CA HIS A 190 26.77 9.32 -15.50
C HIS A 190 28.05 8.52 -15.75
N CYS A 191 28.51 8.43 -16.99
CA CYS A 191 29.84 7.85 -17.22
C CYS A 191 30.92 8.65 -16.50
N VAL A 192 30.84 9.98 -16.58
CA VAL A 192 31.89 10.87 -16.09
C VAL A 192 31.56 11.51 -14.73
N GLU A 193 30.66 10.93 -13.95
CA GLU A 193 30.52 11.45 -12.59
C GLU A 193 31.81 11.24 -11.80
N LYS A 194 31.92 11.94 -10.68
CA LYS A 194 33.06 11.73 -9.79
C LYS A 194 33.16 10.26 -9.40
N PRO A 195 34.39 9.72 -9.27
CA PRO A 195 35.67 10.40 -9.45
C PRO A 195 36.26 10.36 -10.86
N LEU A 196 35.42 10.23 -11.89
CA LEU A 196 35.88 10.11 -13.26
C LEU A 196 35.57 11.39 -14.03
N ASN A 197 35.49 12.50 -13.30
CA ASN A 197 35.17 13.79 -13.89
C ASN A 197 36.40 14.44 -14.48
N ASN A 198 37.57 13.92 -14.16
CA ASN A 198 38.82 14.42 -14.67
C ASN A 198 39.07 13.85 -16.07
N PRO A 199 39.41 14.70 -17.05
CA PRO A 199 39.65 14.21 -18.41
C PRO A 199 40.84 13.28 -18.55
N TRP A 200 41.83 13.36 -17.66
CA TRP A 200 43.02 12.52 -17.80
C TRP A 200 42.76 11.04 -17.54
N HIS A 201 41.59 10.67 -17.02
CA HIS A 201 41.31 9.25 -16.89
C HIS A 201 40.91 8.58 -18.19
N TRP A 202 40.60 9.34 -19.24
CA TRP A 202 39.88 8.78 -20.36
C TRP A 202 40.75 8.71 -21.61
N THR A 203 40.58 7.62 -22.37
CA THR A 203 41.19 7.46 -23.69
C THR A 203 40.10 7.00 -24.66
N ALA A 204 40.08 7.59 -25.86
CA ALA A 204 39.10 7.23 -26.88
C ALA A 204 39.70 6.40 -28.00
N PHE A 205 38.99 5.33 -28.39
CA PHE A 205 39.37 4.44 -29.49
C PHE A 205 38.27 4.50 -30.53
N ALA A 206 38.63 4.87 -31.76
CA ALA A 206 37.71 4.98 -32.88
C ALA A 206 38.19 4.11 -34.02
N GLY A 207 37.24 3.71 -34.87
CA GLY A 207 37.58 2.90 -36.02
C GLY A 207 38.08 1.51 -35.71
N ILE A 208 37.98 1.07 -34.46
CA ILE A 208 38.45 -0.24 -34.03
C ILE A 208 37.24 -1.00 -33.51
N LEU A 209 37.05 -2.23 -34.00
CA LEU A 209 35.88 -2.99 -33.59
C LEU A 209 36.13 -3.91 -32.42
N ARG A 210 37.34 -4.44 -32.29
CA ARG A 210 37.68 -5.40 -31.25
C ARG A 210 38.39 -4.74 -30.09
N GLN A 211 37.91 -4.98 -28.87
CA GLN A 211 38.58 -4.43 -27.69
C GLN A 211 40.03 -4.88 -27.60
N SER A 212 40.32 -6.14 -27.98
CA SER A 212 41.67 -6.66 -27.89
C SER A 212 42.65 -5.88 -28.77
N PHE A 213 42.13 -5.16 -29.77
CA PHE A 213 42.93 -4.37 -30.70
C PHE A 213 43.01 -2.90 -30.29
N MET A 214 42.63 -2.58 -29.06
CA MET A 214 42.74 -1.25 -28.48
C MET A 214 43.89 -1.34 -27.49
N PHE A 215 45.11 -1.23 -28.00
CA PHE A 215 46.24 -1.39 -27.09
C PHE A 215 46.61 -0.08 -26.40
N TYR A 216 47.46 -0.23 -25.38
CA TYR A 216 47.95 0.90 -24.60
C TYR A 216 48.67 1.88 -25.50
N GLY A 217 48.22 3.13 -25.63
CA GLY A 217 48.93 4.01 -26.52
C GLY A 217 48.23 4.39 -27.81
N ALA A 218 47.26 3.58 -28.24
CA ALA A 218 46.57 3.78 -29.50
C ALA A 218 45.33 4.65 -29.43
N GLY A 219 44.89 5.06 -28.25
CA GLY A 219 43.66 5.79 -28.14
C GLY A 219 43.95 7.26 -27.94
N TYR A 220 42.99 8.09 -28.35
CA TYR A 220 43.17 9.53 -28.27
C TYR A 220 42.83 10.03 -26.88
N GLN A 221 43.76 10.80 -26.31
CA GLN A 221 43.59 11.34 -24.98
C GLN A 221 42.46 12.36 -24.96
N VAL A 222 41.69 12.35 -23.89
CA VAL A 222 40.60 13.30 -23.72
C VAL A 222 41.11 14.48 -22.92
N GLU A 223 40.92 15.69 -23.46
CA GLU A 223 41.40 16.92 -22.82
C GLU A 223 40.33 17.48 -21.88
N LYS A 224 39.05 17.52 -22.28
CA LYS A 224 38.03 18.15 -21.44
C LYS A 224 36.82 17.24 -21.35
N VAL A 225 36.20 17.25 -20.17
CA VAL A 225 34.96 16.53 -19.87
C VAL A 225 33.94 17.49 -19.27
N ILE A 226 32.79 17.64 -19.93
CA ILE A 226 31.76 18.59 -19.51
C ILE A 226 30.48 17.80 -19.29
N SER A 227 30.05 17.67 -18.04
CA SER A 227 28.73 17.10 -17.77
C SER A 227 27.67 18.17 -17.93
N HIS A 228 26.47 17.74 -18.31
CA HIS A 228 25.35 18.67 -18.39
C HIS A 228 25.11 19.32 -17.02
N PRO A 229 24.92 20.63 -16.97
CA PRO A 229 24.81 21.30 -15.66
C PRO A 229 23.61 20.84 -14.82
N ASN A 230 22.53 20.37 -15.46
CA ASN A 230 21.36 19.90 -14.74
C ASN A 230 21.29 18.39 -14.65
N TYR A 231 22.42 17.69 -14.71
CA TYR A 231 22.41 16.24 -14.56
C TYR A 231 22.09 15.85 -13.11
N ASP A 232 21.11 14.96 -12.96
CA ASP A 232 20.66 14.46 -11.66
C ASP A 232 20.94 12.97 -11.61
N SER A 233 22.01 12.56 -10.92
CA SER A 233 22.32 11.13 -10.85
C SER A 233 21.22 10.33 -10.17
N LYS A 234 20.43 10.95 -9.29
CA LYS A 234 19.37 10.22 -8.61
C LYS A 234 18.32 9.71 -9.58
N THR A 235 17.96 10.52 -10.58
CA THR A 235 16.92 10.17 -11.54
C THR A 235 17.46 9.94 -12.94
N LYS A 236 18.75 10.15 -13.17
CA LYS A 236 19.37 10.11 -14.48
C LYS A 236 18.77 11.13 -15.44
N ASN A 237 18.16 12.19 -14.93
CA ASN A 237 17.66 13.23 -15.81
C ASN A 237 18.80 14.05 -16.38
N ASN A 238 18.69 14.39 -17.66
CA ASN A 238 19.72 15.16 -18.38
C ASN A 238 21.06 14.43 -18.37
N ASP A 239 21.03 13.14 -18.68
CA ASP A 239 22.21 12.29 -18.64
C ASP A 239 22.94 12.40 -19.98
N ILE A 240 23.70 13.48 -20.13
CA ILE A 240 24.50 13.68 -21.33
C ILE A 240 25.75 14.47 -20.96
N ALA A 241 26.86 14.17 -21.64
CA ALA A 241 28.11 14.87 -21.42
C ALA A 241 28.88 14.95 -22.72
N LEU A 242 29.81 15.89 -22.77
CA LEU A 242 30.68 16.09 -23.92
C LEU A 242 32.13 15.84 -23.53
N MET A 243 32.85 15.14 -24.39
CA MET A 243 34.30 14.98 -24.28
C MET A 243 34.99 15.67 -25.45
N LYS A 244 35.96 16.53 -25.15
CA LYS A 244 36.80 17.11 -26.18
C LYS A 244 38.17 16.45 -26.11
N LEU A 245 38.64 15.94 -27.26
CA LEU A 245 39.92 15.26 -27.32
C LEU A 245 41.08 16.24 -27.44
N GLN A 246 42.23 15.80 -26.99
CA GLN A 246 43.44 16.61 -27.09
C GLN A 246 43.90 16.74 -28.54
N LYS A 247 43.72 15.70 -29.36
CA LYS A 247 44.17 15.71 -30.73
C LYS A 247 43.02 15.36 -31.67
N PRO A 248 42.93 16.04 -32.81
CA PRO A 248 41.83 15.77 -33.75
C PRO A 248 41.91 14.37 -34.36
N LEU A 249 40.74 13.77 -34.55
CA LEU A 249 40.64 12.48 -35.22
C LEU A 249 40.91 12.62 -36.71
N THR A 250 41.54 11.60 -37.28
CA THR A 250 41.71 11.52 -38.73
C THR A 250 40.52 10.72 -39.28
N PHE A 251 39.67 11.39 -40.06
CA PHE A 251 38.47 10.74 -40.58
C PHE A 251 38.77 9.90 -41.80
N ASN A 252 38.08 8.78 -41.92
CA ASN A 252 38.24 7.86 -43.04
C ASN A 252 36.95 7.07 -43.19
N ASP A 253 37.04 5.90 -43.83
CA ASP A 253 35.87 5.05 -44.00
C ASP A 253 35.40 4.45 -42.68
N LEU A 254 36.30 4.34 -41.70
CA LEU A 254 36.00 3.71 -40.42
C LEU A 254 35.65 4.72 -39.33
N VAL A 255 36.07 5.98 -39.50
CA VAL A 255 35.84 7.01 -38.50
C VAL A 255 35.18 8.19 -39.20
N LYS A 256 33.92 8.45 -38.87
CA LYS A 256 33.13 9.54 -39.42
C LYS A 256 32.20 10.04 -38.33
N PRO A 257 31.74 11.28 -38.41
CA PRO A 257 30.82 11.78 -37.40
C PRO A 257 29.36 11.52 -37.74
N VAL A 258 28.53 11.52 -36.68
CA VAL A 258 27.08 11.44 -36.81
C VAL A 258 26.53 12.85 -36.70
N CYS A 259 25.42 13.09 -37.40
CA CYS A 259 24.80 14.41 -37.42
C CYS A 259 24.03 14.64 -36.13
N LEU A 260 24.17 15.84 -35.56
CA LEU A 260 23.31 16.20 -34.43
C LEU A 260 21.87 16.39 -34.91
N PRO A 261 20.88 16.00 -34.10
CA PRO A 261 19.49 16.13 -34.55
C PRO A 261 19.00 17.56 -34.50
N ASN A 262 18.27 17.94 -35.52
CA ASN A 262 17.67 19.26 -35.55
C ASN A 262 16.24 19.21 -35.04
N PRO A 263 15.68 20.33 -34.58
CA PRO A 263 14.24 20.36 -34.29
C PRO A 263 13.42 20.14 -35.55
N GLY A 264 12.34 19.38 -35.43
CA GLY A 264 11.49 19.12 -36.58
C GLY A 264 11.94 18.00 -37.49
N MET A 265 12.57 16.96 -36.92
CA MET A 265 12.98 15.79 -37.71
C MET A 265 11.78 15.06 -38.34
N MET A 266 10.61 15.17 -37.71
CA MET A 266 9.38 14.52 -38.18
C MET A 266 9.52 13.00 -38.30
N LEU A 267 10.12 12.39 -37.28
CA LEU A 267 10.29 10.94 -37.20
C LEU A 267 8.94 10.25 -37.02
N GLN A 268 8.88 8.98 -37.41
CA GLN A 268 7.69 8.17 -37.19
C GLN A 268 7.49 7.92 -35.68
N PRO A 269 6.25 7.67 -35.24
CA PRO A 269 6.04 7.39 -33.81
C PRO A 269 6.85 6.23 -33.27
N GLU A 270 7.03 5.18 -34.08
CA GLU A 270 7.85 4.05 -33.69
C GLU A 270 8.97 3.93 -34.71
N GLN A 271 9.68 5.04 -34.92
CA GLN A 271 10.77 5.09 -35.87
C GLN A 271 11.81 4.03 -35.56
N LEU A 272 12.25 3.33 -36.60
CA LEU A 272 13.30 2.33 -36.47
C LEU A 272 14.66 3.01 -36.30
N CYS A 273 15.37 2.63 -35.25
CA CYS A 273 16.66 3.19 -34.91
C CYS A 273 17.62 2.05 -34.70
N TRP A 274 18.90 2.37 -34.61
CA TRP A 274 19.93 1.38 -34.36
C TRP A 274 20.73 1.75 -33.12
N ILE A 275 21.12 0.72 -32.36
CA ILE A 275 22.10 0.90 -31.29
C ILE A 275 23.32 0.03 -31.57
N SER A 276 24.48 0.51 -31.14
CA SER A 276 25.73 -0.21 -31.28
C SER A 276 26.62 -0.02 -30.07
N GLY A 277 27.51 -0.97 -29.85
CA GLY A 277 28.44 -0.88 -28.74
C GLY A 277 29.07 -2.23 -28.42
N TRP A 278 29.81 -2.24 -27.31
CA TRP A 278 30.45 -3.43 -26.77
C TRP A 278 29.72 -3.90 -25.53
N GLY A 279 28.44 -3.61 -25.51
CA GLY A 279 27.59 -3.93 -24.38
C GLY A 279 27.43 -5.42 -24.21
N ALA A 280 27.33 -5.84 -22.95
CA ALA A 280 27.22 -7.26 -22.65
C ALA A 280 25.83 -7.70 -23.13
N THR A 281 25.83 -8.73 -23.98
CA THR A 281 24.59 -9.27 -24.52
C THR A 281 23.69 -9.89 -23.45
N GLU A 282 24.28 -10.58 -22.48
CA GLU A 282 23.53 -11.16 -21.37
C GLU A 282 23.74 -10.33 -20.11
N GLU A 283 22.72 -10.28 -19.26
CA GLU A 283 22.83 -9.54 -18.00
C GLU A 283 23.93 -10.15 -17.14
N LYS A 284 24.67 -9.27 -16.45
CA LYS A 284 25.76 -9.60 -15.52
C LYS A 284 26.96 -10.08 -16.31
N GLY A 285 26.85 -10.09 -17.65
CA GLY A 285 27.86 -10.58 -18.56
C GLY A 285 28.99 -9.58 -18.67
N LYS A 286 30.12 -10.01 -19.22
CA LYS A 286 31.19 -9.03 -19.32
C LYS A 286 31.18 -8.35 -20.67
N THR A 287 32.04 -7.34 -20.80
CA THR A 287 32.12 -6.53 -22.01
C THR A 287 32.33 -7.38 -23.27
N SER A 288 31.50 -7.18 -24.28
CA SER A 288 31.67 -7.89 -25.53
C SER A 288 33.02 -7.53 -26.15
N GLU A 289 33.76 -8.55 -26.62
CA GLU A 289 35.05 -8.25 -27.24
C GLU A 289 34.89 -7.45 -28.54
N VAL A 290 33.90 -7.81 -29.36
CA VAL A 290 33.73 -7.19 -30.67
C VAL A 290 32.52 -6.26 -30.63
N LEU A 291 32.53 -5.28 -31.52
CA LEU A 291 31.44 -4.33 -31.61
C LEU A 291 30.20 -5.02 -32.18
N ASN A 292 29.04 -4.75 -31.58
CA ASN A 292 27.80 -5.34 -32.06
C ASN A 292 26.79 -4.22 -32.29
N ALA A 293 25.75 -4.53 -33.06
CA ALA A 293 24.68 -3.58 -33.31
C ALA A 293 23.35 -4.30 -33.52
N ALA A 294 22.26 -3.59 -33.21
CA ALA A 294 20.91 -4.14 -33.32
C ALA A 294 19.94 -3.03 -33.66
N LYS A 295 18.81 -3.45 -34.19
CA LYS A 295 17.72 -2.55 -34.52
C LYS A 295 16.75 -2.51 -33.35
N VAL A 296 16.22 -1.32 -33.08
CA VAL A 296 15.21 -1.11 -32.07
C VAL A 296 14.18 -0.17 -32.67
N LEU A 297 13.02 -0.11 -32.03
CA LEU A 297 12.00 0.85 -32.37
C LEU A 297 11.79 1.82 -31.22
N LEU A 298 11.61 3.08 -31.59
CA LEU A 298 11.19 4.08 -30.62
C LEU A 298 9.87 3.68 -30.00
N ILE A 299 9.70 4.05 -28.74
CA ILE A 299 8.49 3.79 -27.98
C ILE A 299 7.98 5.15 -27.56
N GLU A 300 6.69 5.40 -27.82
CA GLU A 300 6.11 6.68 -27.48
C GLU A 300 6.32 6.97 -26.00
N THR A 301 6.69 8.22 -25.71
CA THR A 301 6.95 8.58 -24.32
C THR A 301 5.69 8.39 -23.49
N GLN A 302 4.53 8.68 -24.08
CA GLN A 302 3.26 8.48 -23.39
C GLN A 302 3.07 7.02 -23.00
N ARG A 303 3.31 6.11 -23.94
CA ARG A 303 3.22 4.68 -23.65
C ARG A 303 4.35 4.23 -22.73
N CYS A 304 5.50 4.88 -22.82
CA CYS A 304 6.64 4.51 -21.99
C CYS A 304 6.46 4.94 -20.54
N ASN A 305 5.70 6.00 -20.30
CA ASN A 305 5.41 6.45 -18.95
C ASN A 305 4.23 5.73 -18.33
N SER A 306 3.71 4.69 -18.97
CA SER A 306 2.61 3.97 -18.38
C SER A 306 3.00 3.40 -17.02
N ARG A 307 1.98 3.13 -16.21
CA ARG A 307 2.19 2.62 -14.86
C ARG A 307 2.92 1.28 -14.90
N TYR A 308 2.61 0.44 -15.88
CA TYR A 308 3.17 -0.90 -15.94
C TYR A 308 4.43 -0.95 -16.79
N VAL A 309 4.99 0.20 -17.15
CA VAL A 309 6.31 0.32 -17.77
C VAL A 309 7.24 0.99 -16.77
N TYR A 310 7.36 2.32 -16.86
CA TYR A 310 8.26 3.10 -16.03
C TYR A 310 7.55 4.14 -15.17
N ASP A 311 6.23 4.27 -15.32
CA ASP A 311 5.35 4.96 -14.38
C ASP A 311 5.80 6.41 -14.13
N ASN A 312 5.88 7.18 -15.21
CA ASN A 312 6.14 8.62 -15.16
C ASN A 312 7.56 8.93 -14.68
N LEU A 313 8.52 8.08 -15.04
CA LEU A 313 9.94 8.36 -14.86
C LEU A 313 10.60 8.93 -16.10
N ILE A 314 9.95 8.85 -17.26
CA ILE A 314 10.56 9.35 -18.49
C ILE A 314 10.27 10.83 -18.54
N THR A 315 11.32 11.64 -18.52
CA THR A 315 11.21 13.09 -18.57
C THR A 315 11.31 13.58 -20.00
N PRO A 316 11.01 14.86 -20.24
CA PRO A 316 11.23 15.42 -21.58
C PRO A 316 12.66 15.32 -22.07
N ALA A 317 13.63 15.14 -21.17
CA ALA A 317 15.02 14.92 -21.53
C ALA A 317 15.33 13.46 -21.85
N MET A 318 14.31 12.62 -21.97
CA MET A 318 14.46 11.20 -22.25
C MET A 318 13.57 10.76 -23.41
N ILE A 319 14.03 9.72 -24.11
CA ILE A 319 13.26 9.02 -25.11
C ILE A 319 13.39 7.53 -24.77
N CYS A 320 12.45 6.74 -25.27
CA CYS A 320 12.46 5.32 -24.99
C CYS A 320 12.63 4.55 -26.29
N ALA A 321 13.35 3.45 -26.22
CA ALA A 321 13.52 2.63 -27.40
C ALA A 321 13.69 1.20 -26.94
N GLY A 322 13.32 0.29 -27.82
CA GLY A 322 13.51 -1.11 -27.57
C GLY A 322 12.38 -1.96 -28.10
N PHE A 323 11.90 -2.86 -27.25
CA PHE A 323 10.68 -3.61 -27.48
C PHE A 323 10.03 -3.85 -26.14
N LEU A 324 8.74 -3.58 -26.04
CA LEU A 324 8.06 -3.67 -24.76
C LEU A 324 7.87 -5.12 -24.36
N GLN A 325 7.49 -5.97 -25.32
CA GLN A 325 7.22 -7.35 -24.97
C GLN A 325 8.46 -8.07 -24.49
N GLY A 326 9.64 -7.67 -24.95
CA GLY A 326 10.86 -8.23 -24.41
C GLY A 326 11.42 -9.24 -25.38
N ASN A 327 12.23 -10.17 -24.87
CA ASN A 327 12.82 -11.25 -25.66
C ASN A 327 13.73 -10.80 -26.79
N VAL A 328 13.85 -9.49 -27.01
CA VAL A 328 14.65 -8.97 -28.11
C VAL A 328 15.89 -8.36 -27.47
N ASP A 329 17.04 -8.93 -27.82
CA ASP A 329 18.37 -8.56 -27.37
C ASP A 329 18.94 -7.22 -27.85
N SER A 330 18.43 -6.10 -27.34
CA SER A 330 19.09 -4.84 -27.66
C SER A 330 20.14 -4.50 -26.63
N CYS A 331 20.82 -5.52 -26.09
CA CYS A 331 21.78 -5.31 -25.02
C CYS A 331 23.17 -4.96 -25.54
N GLN A 332 23.38 -5.02 -26.85
CA GLN A 332 24.68 -4.78 -27.43
C GLN A 332 25.23 -3.41 -27.12
N GLY A 333 24.37 -2.47 -26.79
CA GLY A 333 24.82 -1.13 -26.55
C GLY A 333 25.42 -0.97 -25.17
N ASP A 334 26.40 -0.08 -25.11
CA ASP A 334 27.01 0.34 -23.87
C ASP A 334 26.47 1.73 -23.50
N ALA A 335 26.61 2.04 -22.22
CA ALA A 335 26.26 3.35 -21.70
C ALA A 335 26.98 4.45 -22.48
N GLY A 336 26.23 5.50 -22.79
CA GLY A 336 26.68 6.60 -23.61
C GLY A 336 26.81 6.30 -25.09
N GLY A 337 26.60 5.06 -25.49
CA GLY A 337 26.70 4.66 -26.87
C GLY A 337 25.62 5.31 -27.71
N PRO A 338 25.74 5.18 -29.03
CA PRO A 338 24.85 5.92 -29.93
C PRO A 338 23.50 5.23 -30.12
N LEU A 339 22.45 6.04 -30.15
CA LEU A 339 21.15 5.66 -30.70
C LEU A 339 20.93 6.54 -31.92
N VAL A 340 20.86 5.93 -33.10
CA VAL A 340 20.83 6.70 -34.34
C VAL A 340 19.63 6.24 -35.16
N THR A 341 19.20 7.11 -36.07
CA THR A 341 18.12 6.81 -36.99
C THR A 341 18.44 7.37 -38.37
N SER A 342 17.81 6.78 -39.38
CA SER A 342 18.02 7.18 -40.76
C SER A 342 16.79 7.96 -41.24
N LYS A 343 17.02 9.21 -41.65
CA LYS A 343 15.98 10.05 -42.20
C LYS A 343 16.58 10.97 -43.25
N ASN A 344 15.87 11.10 -44.37
CA ASN A 344 16.33 11.89 -45.50
C ASN A 344 17.71 11.40 -45.96
N ASN A 345 17.93 10.09 -45.85
CA ASN A 345 19.19 9.45 -46.21
C ASN A 345 20.36 10.03 -45.42
N ILE A 346 20.11 10.38 -44.16
CA ILE A 346 21.11 10.91 -43.25
C ILE A 346 20.95 10.19 -41.91
N TRP A 347 22.08 9.84 -41.30
CA TRP A 347 22.09 9.23 -39.98
C TRP A 347 22.18 10.30 -38.91
N TRP A 348 21.20 10.32 -38.02
CA TRP A 348 21.07 11.30 -36.95
C TRP A 348 21.22 10.62 -35.60
N LEU A 349 21.89 11.31 -34.67
CA LEU A 349 22.01 10.86 -33.29
C LEU A 349 20.77 11.31 -32.52
N ILE A 350 19.84 10.38 -32.30
CA ILE A 350 18.60 10.70 -31.60
C ILE A 350 18.80 10.63 -30.09
N GLY A 351 19.60 9.68 -29.64
CA GLY A 351 19.81 9.51 -28.21
C GLY A 351 21.16 8.93 -27.88
N ASP A 352 21.53 9.08 -26.61
CA ASP A 352 22.68 8.44 -26.01
C ASP A 352 22.19 7.51 -24.92
N THR A 353 22.73 6.30 -24.89
CA THR A 353 22.27 5.29 -23.95
C THR A 353 22.40 5.80 -22.52
N SER A 354 21.26 5.92 -21.83
CA SER A 354 21.27 6.43 -20.47
C SER A 354 21.05 5.32 -19.44
N TRP A 355 19.81 4.84 -19.30
CA TRP A 355 19.51 3.84 -18.28
C TRP A 355 18.47 2.85 -18.80
N GLY A 356 18.05 1.95 -17.91
CA GLY A 356 17.19 0.84 -18.28
C GLY A 356 17.31 -0.28 -17.27
N SER A 357 16.17 -0.79 -16.81
CA SER A 357 16.18 -1.89 -15.85
C SER A 357 16.49 -3.20 -16.56
N GLY A 358 17.62 -3.81 -16.21
CA GLY A 358 18.04 -5.03 -16.86
C GLY A 358 18.08 -4.83 -18.36
N CYS A 359 18.08 -5.91 -19.13
CA CYS A 359 17.95 -5.73 -20.56
C CYS A 359 17.28 -6.94 -21.20
N ALA A 360 16.58 -6.68 -22.30
CA ALA A 360 15.70 -7.65 -22.98
C ALA A 360 14.59 -8.14 -22.06
N LYS A 361 14.29 -7.35 -21.04
CA LYS A 361 13.23 -7.63 -20.08
C LYS A 361 11.93 -6.97 -20.47
N ALA A 362 10.83 -7.71 -20.33
CA ALA A 362 9.56 -7.15 -20.74
C ALA A 362 9.18 -6.03 -19.79
N TYR A 363 8.44 -5.06 -20.33
CA TYR A 363 7.98 -3.88 -19.60
C TYR A 363 9.15 -3.12 -19.02
N ARG A 364 10.35 -3.29 -19.60
CA ARG A 364 11.54 -2.55 -19.18
C ARG A 364 12.39 -2.12 -20.38
N PRO A 365 11.87 -1.28 -21.26
CA PRO A 365 12.66 -0.87 -22.43
C PRO A 365 13.81 0.06 -22.04
N GLY A 366 14.68 0.33 -23.01
CA GLY A 366 15.83 1.20 -22.74
C GLY A 366 15.45 2.68 -22.81
N VAL A 367 16.01 3.46 -21.89
CA VAL A 367 15.82 4.91 -21.81
C VAL A 367 17.10 5.62 -22.25
N TYR A 368 16.97 6.54 -23.20
CA TYR A 368 18.09 7.26 -23.80
C TYR A 368 17.89 8.75 -23.56
N GLY A 369 19.00 9.48 -23.45
CA GLY A 369 18.91 10.93 -23.44
C GLY A 369 18.42 11.51 -24.76
N ASN A 370 17.65 12.59 -24.68
CA ASN A 370 17.02 13.20 -25.84
C ASN A 370 17.93 14.28 -26.40
N VAL A 371 18.78 13.88 -27.34
CA VAL A 371 19.84 14.75 -27.84
C VAL A 371 19.25 16.01 -28.46
N MET A 372 18.04 15.92 -28.99
CA MET A 372 17.39 17.08 -29.61
C MET A 372 17.30 18.25 -28.65
N VAL A 373 16.99 17.98 -27.37
CA VAL A 373 16.87 19.07 -26.40
C VAL A 373 18.22 19.50 -25.86
N PHE A 374 19.29 18.80 -26.23
CA PHE A 374 20.63 19.15 -25.81
C PHE A 374 21.49 19.74 -26.93
N THR A 375 20.97 19.78 -28.17
CA THR A 375 21.79 20.25 -29.29
C THR A 375 22.26 21.69 -29.10
N ASP A 376 21.40 22.56 -28.54
CA ASP A 376 21.81 23.94 -28.28
C ASP A 376 22.92 24.02 -27.23
N TRP A 377 22.80 23.24 -26.16
CA TRP A 377 23.85 23.24 -25.15
C TRP A 377 25.15 22.73 -25.75
N ILE A 378 25.06 21.74 -26.64
CA ILE A 378 26.26 21.22 -27.31
C ILE A 378 26.89 22.31 -28.17
N TYR A 379 26.05 23.03 -28.93
CA TYR A 379 26.54 24.14 -29.74
C TYR A 379 27.22 25.19 -28.87
N ARG A 380 26.61 25.51 -27.73
CA ARG A 380 27.18 26.51 -26.83
C ARG A 380 28.52 26.08 -26.31
N GLN A 381 28.65 24.80 -25.96
CA GLN A 381 29.91 24.30 -25.41
C GLN A 381 30.99 24.31 -26.48
N MET A 382 30.61 23.98 -27.72
CA MET A 382 31.58 23.99 -28.80
C MET A 382 32.04 25.42 -29.11
N ARG A 383 31.12 26.38 -29.02
CA ARG A 383 31.51 27.76 -29.28
C ARG A 383 32.37 28.30 -28.14
N ALA A 384 32.02 27.98 -26.89
CA ALA A 384 32.78 28.46 -25.76
C ALA A 384 34.16 27.86 -25.68
N ASP A 385 34.39 26.71 -26.33
CA ASP A 385 35.73 26.13 -26.27
C ASP A 385 36.73 26.99 -27.03
N GLY A 386 36.58 27.07 -28.35
CA GLY A 386 37.48 27.83 -29.19
C GLY A 386 37.38 29.33 -29.06
N ASN B 22 15.11 -39.02 41.09
CA ASN B 22 14.91 -40.10 42.05
C ASN B 22 13.46 -40.15 42.55
N PRO B 23 12.90 -41.36 42.62
CA PRO B 23 11.46 -41.49 42.94
C PRO B 23 11.07 -40.90 44.29
N SER B 24 11.98 -40.82 45.25
CA SER B 24 11.62 -40.27 46.55
C SER B 24 11.31 -38.77 46.47
N ASN B 25 12.08 -38.03 45.67
CA ASN B 25 11.84 -36.60 45.48
C ASN B 25 10.55 -36.34 44.69
N TRP B 26 10.26 -37.17 43.69
CA TRP B 26 9.00 -37.02 42.95
C TRP B 26 7.82 -37.25 43.89
N CYS B 27 6.84 -36.34 43.81
CA CYS B 27 5.72 -36.27 44.75
C CYS B 27 6.13 -36.64 46.18
N CYS B 42 0.81 -36.92 43.68
CA CYS B 42 -0.07 -37.70 44.53
C CYS B 42 -1.37 -36.92 44.69
N VAL B 43 -1.46 -36.05 45.70
CA VAL B 43 -2.72 -35.38 45.96
C VAL B 43 -2.49 -33.89 46.14
N ARG B 44 -3.51 -33.11 45.80
CA ARG B 44 -3.45 -31.66 45.96
C ARG B 44 -4.87 -31.11 46.09
N LEU B 45 -4.95 -29.83 46.42
CA LEU B 45 -6.19 -29.09 46.40
C LEU B 45 -6.05 -28.04 45.30
N TYR B 46 -7.02 -27.99 44.39
CA TYR B 46 -6.94 -27.17 43.19
C TYR B 46 -8.01 -26.08 43.24
N GLY B 47 -7.62 -24.86 42.91
CA GLY B 47 -8.56 -23.78 42.73
C GLY B 47 -9.01 -23.17 44.03
N PRO B 48 -9.71 -22.03 43.93
CA PRO B 48 -10.24 -21.37 45.14
C PRO B 48 -11.35 -22.17 45.82
N ASN B 49 -11.83 -23.26 45.22
CA ASN B 49 -12.86 -24.09 45.81
C ASN B 49 -12.33 -25.39 46.39
N PHE B 50 -11.01 -25.55 46.48
CA PHE B 50 -10.39 -26.70 47.17
C PHE B 50 -10.81 -28.02 46.55
N ILE B 51 -10.81 -28.09 45.21
CA ILE B 51 -11.16 -29.32 44.53
C ILE B 51 -10.08 -30.36 44.81
N LEU B 52 -10.49 -31.50 45.36
CA LEU B 52 -9.52 -32.55 45.68
C LEU B 52 -9.07 -33.20 44.37
N GLN B 53 -7.77 -33.13 44.08
CA GLN B 53 -7.24 -33.68 42.85
C GLN B 53 -6.15 -34.71 43.13
N VAL B 54 -6.18 -35.79 42.34
CA VAL B 54 -5.21 -36.87 42.42
C VAL B 54 -4.45 -36.94 41.10
N TYR B 55 -3.16 -37.27 41.19
CA TYR B 55 -2.27 -37.42 40.04
C TYR B 55 -2.36 -38.83 39.45
N SER B 56 -2.46 -38.91 38.13
CA SER B 56 -2.53 -40.18 37.43
C SER B 56 -1.12 -40.65 37.10
N SER B 57 -0.72 -41.79 37.66
CA SER B 57 0.54 -42.43 37.30
C SER B 57 0.53 -42.71 35.80
N GLN B 58 1.65 -42.42 35.11
CA GLN B 58 1.73 -42.87 33.72
C GLN B 58 0.95 -41.92 32.79
N ARG B 59 -0.26 -41.48 33.18
CA ARG B 59 -0.94 -40.59 32.26
C ARG B 59 -0.55 -39.14 32.51
N LYS B 60 0.19 -38.88 33.60
CA LYS B 60 0.60 -37.53 33.97
C LYS B 60 -0.52 -36.50 34.15
N SER B 61 -1.52 -36.80 34.97
CA SER B 61 -2.55 -35.78 34.98
C SER B 61 -3.36 -35.85 36.28
N TRP B 62 -3.94 -34.70 36.60
CA TRP B 62 -4.77 -34.50 37.77
C TRP B 62 -6.24 -34.78 37.51
N HIS B 63 -6.90 -35.41 38.48
CA HIS B 63 -8.30 -35.70 38.25
C HIS B 63 -9.00 -35.41 39.57
N PRO B 64 -10.21 -34.86 39.51
CA PRO B 64 -10.97 -34.61 40.75
C PRO B 64 -11.39 -35.93 41.35
N VAL B 65 -12.00 -35.92 42.52
CA VAL B 65 -12.41 -37.16 43.15
C VAL B 65 -13.93 -37.14 43.23
N CYS B 66 -14.54 -38.26 42.88
CA CYS B 66 -15.99 -38.38 42.93
C CYS B 66 -16.48 -38.37 44.38
N GLN B 67 -17.62 -37.72 44.60
CA GLN B 67 -18.23 -37.76 45.92
C GLN B 67 -18.68 -39.19 46.26
N ASP B 68 -18.71 -40.09 45.26
CA ASP B 68 -19.17 -41.46 45.40
C ASP B 68 -18.51 -42.12 46.60
N ASP B 69 -19.31 -42.34 47.64
CA ASP B 69 -18.95 -43.06 48.85
C ASP B 69 -17.89 -42.31 49.65
N TRP B 70 -17.80 -40.99 49.48
CA TRP B 70 -16.83 -40.21 50.23
C TRP B 70 -17.43 -39.84 51.58
N ASN B 71 -16.58 -39.75 52.59
CA ASN B 71 -17.01 -39.41 53.94
C ASN B 71 -15.89 -38.60 54.59
N GLU B 72 -16.09 -38.26 55.87
CA GLU B 72 -15.17 -37.33 56.51
C GLU B 72 -13.82 -37.99 56.78
N ASN B 73 -13.83 -39.31 57.02
CA ASN B 73 -12.60 -40.05 57.33
C ASN B 73 -11.61 -40.00 56.16
N TYR B 74 -12.10 -40.19 54.92
CA TYR B 74 -11.23 -40.09 53.76
C TYR B 74 -10.65 -38.69 53.62
N GLY B 75 -11.47 -37.66 53.91
CA GLY B 75 -10.95 -36.31 53.84
C GLY B 75 -9.83 -36.09 54.84
N ARG B 76 -9.98 -36.63 56.06
CA ARG B 76 -8.91 -36.51 57.04
C ARG B 76 -7.68 -37.27 56.59
N ALA B 77 -7.88 -38.44 55.96
CA ALA B 77 -6.77 -39.21 55.39
C ALA B 77 -6.03 -38.42 54.34
N ALA B 78 -6.76 -37.77 53.43
CA ALA B 78 -6.11 -36.97 52.39
C ALA B 78 -5.36 -35.79 53.00
N CYS B 79 -5.92 -35.18 54.04
CA CYS B 79 -5.24 -34.08 54.69
C CYS B 79 -3.95 -34.54 55.34
N ARG B 80 -3.98 -35.70 56.01
CA ARG B 80 -2.77 -36.28 56.56
C ARG B 80 -1.77 -36.63 55.46
N ASP B 81 -2.27 -37.04 54.28
CA ASP B 81 -1.37 -37.29 53.15
C ASP B 81 -0.67 -36.00 52.71
N MET B 82 -1.37 -34.87 52.78
CA MET B 82 -0.76 -33.60 52.42
C MET B 82 0.09 -33.02 53.55
N GLY B 83 0.09 -33.63 54.72
CA GLY B 83 0.95 -33.18 55.79
C GLY B 83 0.28 -32.29 56.81
N TYR B 84 -1.05 -32.18 56.79
CA TYR B 84 -1.74 -31.33 57.75
C TYR B 84 -2.02 -32.03 59.07
N LYS B 85 -1.58 -33.28 59.21
CA LYS B 85 -1.73 -34.06 60.45
C LYS B 85 -3.23 -34.16 60.78
N ASN B 86 -3.60 -34.04 62.05
CA ASN B 86 -4.98 -34.19 62.50
C ASN B 86 -5.87 -33.01 62.16
N ASN B 87 -5.35 -32.00 61.46
CA ASN B 87 -6.19 -30.87 61.07
C ASN B 87 -7.25 -31.32 60.06
N PHE B 88 -8.47 -30.81 60.24
CA PHE B 88 -9.54 -31.07 59.28
C PHE B 88 -10.64 -30.05 59.50
N TYR B 89 -11.00 -29.33 58.43
CA TYR B 89 -12.04 -28.30 58.54
C TYR B 89 -13.35 -28.84 57.97
N SER B 90 -13.39 -29.07 56.66
CA SER B 90 -14.65 -29.48 56.04
C SER B 90 -14.37 -30.32 54.81
N SER B 91 -15.40 -31.05 54.38
CA SER B 91 -15.35 -31.82 53.15
C SER B 91 -16.79 -31.92 52.67
N GLN B 92 -16.98 -31.68 51.38
CA GLN B 92 -18.31 -31.70 50.79
C GLN B 92 -18.17 -31.96 49.30
N GLY B 93 -19.31 -31.95 48.61
CA GLY B 93 -19.36 -32.13 47.17
C GLY B 93 -19.68 -30.80 46.49
N ILE B 94 -18.91 -30.48 45.45
CA ILE B 94 -19.10 -29.27 44.68
C ILE B 94 -19.05 -29.62 43.21
N VAL B 95 -19.51 -28.68 42.37
CA VAL B 95 -19.35 -28.85 40.93
C VAL B 95 -17.89 -28.63 40.51
N ASP B 96 -17.42 -29.48 39.62
CA ASP B 96 -16.06 -29.44 39.11
C ASP B 96 -15.94 -28.25 38.17
N ASP B 97 -15.20 -27.20 38.52
CA ASP B 97 -15.00 -26.14 37.56
C ASP B 97 -13.64 -26.21 36.87
N SER B 98 -12.88 -27.28 37.09
CA SER B 98 -11.59 -27.34 36.42
C SER B 98 -11.63 -27.89 35.00
N GLY B 99 -12.76 -28.41 34.50
CA GLY B 99 -12.65 -28.88 33.14
C GLY B 99 -11.81 -30.14 32.96
N SER B 100 -11.70 -31.01 33.96
CA SER B 100 -10.80 -32.12 33.73
C SER B 100 -11.39 -33.22 32.86
N THR B 101 -10.47 -34.03 32.33
CA THR B 101 -10.77 -35.14 31.44
C THR B 101 -11.49 -36.30 32.12
N SER B 102 -10.91 -36.83 33.20
CA SER B 102 -11.55 -37.90 33.93
C SER B 102 -11.47 -37.64 35.43
N PHE B 103 -12.19 -38.48 36.19
CA PHE B 103 -12.32 -38.35 37.63
C PHE B 103 -11.71 -39.56 38.33
N MET B 104 -11.63 -39.46 39.66
CA MET B 104 -11.10 -40.54 40.48
C MET B 104 -12.21 -41.12 41.36
N TYR B 116 -5.49 -45.85 47.51
CA TYR B 116 -4.88 -45.51 46.23
C TYR B 116 -5.34 -46.53 45.17
N LYS B 117 -5.40 -47.80 45.59
CA LYS B 117 -5.75 -48.95 44.76
C LYS B 117 -7.21 -48.94 44.30
N LYS B 118 -8.07 -48.22 45.01
CA LYS B 118 -9.53 -48.23 44.99
C LYS B 118 -10.09 -47.04 44.21
N LEU B 119 -9.39 -45.92 44.27
CA LEU B 119 -9.74 -44.66 43.61
C LEU B 119 -9.33 -44.84 42.15
N TYR B 120 -10.33 -45.04 41.29
CA TYR B 120 -10.16 -45.36 39.88
C TYR B 120 -10.71 -44.30 38.92
N HIS B 121 -10.13 -44.34 37.72
CA HIS B 121 -10.36 -43.45 36.58
C HIS B 121 -11.78 -43.57 36.02
N SER B 122 -12.74 -42.92 36.68
CA SER B 122 -14.13 -42.96 36.23
C SER B 122 -14.40 -41.86 35.20
N ASP B 123 -15.15 -42.21 34.14
CA ASP B 123 -15.49 -41.21 33.13
C ASP B 123 -16.53 -40.20 33.63
N ALA B 124 -17.30 -40.56 34.66
CA ALA B 124 -18.30 -39.67 35.24
C ALA B 124 -18.55 -40.10 36.67
N CYS B 125 -19.10 -39.19 37.47
CA CYS B 125 -19.43 -39.54 38.83
C CYS B 125 -20.94 -39.79 38.93
N SER B 126 -21.31 -40.78 39.76
CA SER B 126 -22.72 -41.10 39.95
C SER B 126 -23.45 -39.95 40.64
N SER B 127 -22.84 -39.40 41.70
CA SER B 127 -23.41 -38.30 42.47
C SER B 127 -23.29 -36.95 41.77
N LYS B 128 -22.68 -36.89 40.58
CA LYS B 128 -22.52 -35.65 39.83
C LYS B 128 -21.83 -34.55 40.64
N ALA B 129 -20.82 -34.93 41.42
CA ALA B 129 -20.13 -33.96 42.26
C ALA B 129 -18.73 -34.44 42.55
N VAL B 130 -17.80 -33.49 42.67
CA VAL B 130 -16.42 -33.77 43.00
C VAL B 130 -16.17 -33.34 44.44
N VAL B 131 -15.02 -33.72 44.97
CA VAL B 131 -14.73 -33.53 46.39
C VAL B 131 -14.06 -32.19 46.60
N SER B 132 -14.69 -31.36 47.44
CA SER B 132 -14.07 -30.16 48.01
C SER B 132 -13.60 -30.47 49.42
N LEU B 133 -12.33 -30.19 49.69
CA LEU B 133 -11.70 -30.59 50.96
C LEU B 133 -10.91 -29.41 51.49
N ARG B 134 -11.28 -28.92 52.68
CA ARG B 134 -10.53 -27.90 53.39
C ARG B 134 -9.94 -28.55 54.64
N CYS B 135 -8.61 -28.49 54.77
CA CYS B 135 -7.92 -29.17 55.86
C CYS B 135 -7.77 -28.31 57.12
N ILE B 136 -8.03 -27.01 57.05
CA ILE B 136 -7.85 -26.14 58.21
C ILE B 136 -8.68 -24.89 58.00
N ALA B 137 -9.29 -24.41 59.08
CA ALA B 137 -10.04 -23.15 59.02
C ALA B 137 -9.04 -22.01 58.90
N CYS B 138 -9.04 -21.34 57.74
CA CYS B 138 -8.10 -20.26 57.45
C CYS B 138 -8.77 -19.24 56.55
N GLY B 139 -8.04 -18.16 56.28
CA GLY B 139 -8.45 -17.13 55.36
C GLY B 139 -9.57 -16.21 55.82
N VAL B 140 -9.90 -16.20 57.10
CA VAL B 140 -10.95 -15.33 57.61
C VAL B 140 -10.30 -14.30 58.53
N ASN B 141 -10.67 -13.05 58.37
CA ASN B 141 -10.12 -11.97 59.18
C ASN B 141 -11.24 -11.02 59.58
N LEU B 142 -10.84 -9.82 60.00
CA LEU B 142 -11.77 -8.76 60.41
C LEU B 142 -12.55 -8.26 59.20
N ASN B 143 -13.88 -8.29 59.31
CA ASN B 143 -14.73 -7.90 58.19
C ASN B 143 -14.58 -6.42 57.85
N SER B 144 -13.96 -5.64 58.74
CA SER B 144 -13.72 -4.21 58.56
C SER B 144 -15.01 -3.46 58.22
N SER B 145 -15.88 -3.39 59.23
CA SER B 145 -17.14 -2.67 59.10
C SER B 145 -16.91 -1.16 59.09
N GLY B 152 -5.20 4.98 63.16
CA GLY B 152 -6.28 5.79 62.62
C GLY B 152 -6.33 5.76 61.10
N GLY B 153 -5.15 5.71 60.49
CA GLY B 153 -5.04 5.64 59.04
C GLY B 153 -4.52 4.31 58.56
N GLU B 154 -3.24 4.27 58.16
CA GLU B 154 -2.62 3.03 57.71
C GLU B 154 -2.39 2.04 58.85
N SER B 155 -2.77 2.40 60.08
CA SER B 155 -2.57 1.50 61.21
C SER B 155 -3.51 0.30 61.13
N ALA B 156 -2.94 -0.89 61.30
CA ALA B 156 -3.73 -2.11 61.20
C ALA B 156 -4.68 -2.21 62.39
N LEU B 157 -5.90 -2.67 62.13
CA LEU B 157 -6.84 -2.87 63.21
C LEU B 157 -6.58 -4.21 63.88
N PRO B 158 -6.98 -4.36 65.15
CA PRO B 158 -6.86 -5.68 65.79
C PRO B 158 -7.76 -6.70 65.12
N GLY B 159 -7.16 -7.85 64.76
CA GLY B 159 -7.89 -8.87 64.06
C GLY B 159 -7.95 -8.68 62.56
N ALA B 160 -7.41 -7.57 62.05
CA ALA B 160 -7.40 -7.32 60.62
C ALA B 160 -6.48 -8.29 59.87
N TRP B 161 -5.34 -8.63 60.46
CA TRP B 161 -4.38 -9.54 59.84
C TRP B 161 -3.93 -10.55 60.89
N PRO B 162 -4.81 -11.49 61.26
CA PRO B 162 -4.51 -12.36 62.40
C PRO B 162 -3.39 -13.37 62.16
N TRP B 163 -2.95 -13.57 60.92
CA TRP B 163 -1.85 -14.47 60.62
C TRP B 163 -0.48 -13.81 60.73
N GLN B 164 -0.44 -12.49 60.90
CA GLN B 164 0.83 -11.78 61.00
C GLN B 164 1.52 -12.13 62.32
N VAL B 165 2.80 -12.50 62.26
CA VAL B 165 3.60 -12.68 63.46
C VAL B 165 4.89 -11.88 63.33
N SER B 166 5.36 -11.40 64.47
CA SER B 166 6.66 -10.74 64.57
C SER B 166 7.70 -11.70 65.15
N LEU B 167 8.81 -11.85 64.45
CA LEU B 167 9.90 -12.75 64.83
C LEU B 167 11.04 -11.89 65.36
N HIS B 168 11.42 -12.17 66.61
CA HIS B 168 12.36 -11.40 67.41
C HIS B 168 13.63 -12.19 67.70
N VAL B 169 14.74 -11.46 67.75
CA VAL B 169 16.02 -11.94 68.25
C VAL B 169 16.52 -10.89 69.25
N GLN B 170 16.92 -11.33 70.44
CA GLN B 170 17.43 -10.46 71.50
C GLN B 170 16.44 -9.33 71.82
N ASN B 171 15.17 -9.72 71.94
CA ASN B 171 14.07 -8.83 72.31
C ASN B 171 13.85 -7.69 71.31
N VAL B 172 14.24 -7.89 70.05
CA VAL B 172 14.15 -6.87 69.00
C VAL B 172 13.50 -7.53 67.79
N HIS B 173 12.42 -6.91 67.28
CA HIS B 173 11.79 -7.34 66.03
C HIS B 173 12.73 -7.35 64.84
N VAL B 174 13.00 -8.55 64.32
CA VAL B 174 13.91 -8.76 63.21
C VAL B 174 13.17 -9.06 61.91
N CYS B 175 12.11 -9.87 61.96
CA CYS B 175 11.43 -10.27 60.73
C CYS B 175 9.94 -10.45 60.99
N GLY B 176 9.20 -10.71 59.92
CA GLY B 176 7.80 -11.07 60.00
C GLY B 176 7.53 -12.47 59.47
N GLY B 177 6.30 -12.92 59.68
CA GLY B 177 5.90 -14.23 59.19
C GLY B 177 4.39 -14.38 59.17
N SER B 178 3.95 -15.51 58.61
CA SER B 178 2.53 -15.79 58.41
C SER B 178 2.19 -17.13 59.04
N ILE B 179 1.13 -17.14 59.86
CA ILE B 179 0.65 -18.39 60.44
C ILE B 179 -0.08 -19.20 59.38
N ILE B 180 0.24 -20.50 59.31
CA ILE B 180 -0.47 -21.40 58.40
C ILE B 180 -1.09 -22.56 59.17
N THR B 181 -0.45 -22.95 60.27
CA THR B 181 -1.00 -23.94 61.20
C THR B 181 -0.78 -23.41 62.62
N PRO B 182 -1.38 -24.00 63.65
CA PRO B 182 -1.08 -23.57 65.02
C PRO B 182 0.39 -23.68 65.41
N GLU B 183 1.21 -24.38 64.62
CA GLU B 183 2.62 -24.54 64.95
C GLU B 183 3.57 -24.24 63.79
N TRP B 184 3.08 -23.76 62.66
CA TRP B 184 3.91 -23.52 61.48
C TRP B 184 3.76 -22.09 60.99
N ILE B 185 4.90 -21.46 60.68
CA ILE B 185 4.97 -20.07 60.23
C ILE B 185 5.81 -20.03 58.96
N VAL B 186 5.29 -19.36 57.93
CA VAL B 186 6.03 -19.12 56.70
C VAL B 186 6.74 -17.78 56.82
N THR B 187 8.04 -17.77 56.54
CA THR B 187 8.80 -16.53 56.52
C THR B 187 9.80 -16.62 55.38
N ALA B 188 10.78 -15.72 55.39
CA ALA B 188 11.78 -15.70 54.33
C ALA B 188 13.01 -16.50 54.75
N ALA B 189 13.72 -17.02 53.75
CA ALA B 189 14.93 -17.77 54.03
C ALA B 189 16.07 -16.84 54.45
N HIS B 190 16.14 -15.65 53.87
CA HIS B 190 17.21 -14.73 54.24
C HIS B 190 17.07 -14.19 55.65
N CYS B 191 15.88 -14.28 56.24
CA CYS B 191 15.72 -13.98 57.66
C CYS B 191 16.56 -14.95 58.50
N VAL B 192 16.54 -16.22 58.14
CA VAL B 192 17.13 -17.31 58.94
C VAL B 192 18.48 -17.75 58.38
N GLU B 193 19.16 -16.92 57.59
CA GLU B 193 20.51 -17.27 57.19
C GLU B 193 21.40 -17.36 58.43
N LYS B 194 22.58 -17.97 58.29
CA LYS B 194 23.55 -17.98 59.38
C LYS B 194 23.85 -16.54 59.80
N PRO B 195 24.04 -16.27 61.08
CA PRO B 195 24.04 -17.18 62.22
C PRO B 195 22.68 -17.35 62.91
N LEU B 196 21.58 -17.18 62.18
CA LEU B 196 20.26 -17.24 62.76
C LEU B 196 19.54 -18.52 62.33
N ASN B 197 20.32 -19.56 62.04
CA ASN B 197 19.75 -20.83 61.62
C ASN B 197 19.32 -21.65 62.81
N ASN B 198 19.78 -21.27 64.00
CA ASN B 198 19.44 -21.96 65.24
C ASN B 198 18.08 -21.46 65.73
N PRO B 199 17.17 -22.37 66.05
CA PRO B 199 15.84 -21.96 66.53
C PRO B 199 15.82 -21.22 67.85
N TRP B 200 16.82 -21.42 68.72
CA TRP B 200 16.80 -20.76 70.03
C TRP B 200 17.03 -19.25 69.96
N HIS B 201 17.43 -18.70 68.82
CA HIS B 201 17.50 -17.24 68.74
C HIS B 201 16.16 -16.56 68.53
N TRP B 202 15.11 -17.29 68.17
CA TRP B 202 13.92 -16.68 67.63
C TRP B 202 12.76 -16.80 68.62
N THR B 203 11.95 -15.74 68.72
CA THR B 203 10.70 -15.76 69.45
C THR B 203 9.60 -15.17 68.57
N ALA B 204 8.44 -15.81 68.55
CA ALA B 204 7.31 -15.33 67.76
C ALA B 204 6.24 -14.68 68.63
N PHE B 205 5.77 -13.51 68.19
CA PHE B 205 4.70 -12.78 68.86
C PHE B 205 3.53 -12.66 67.90
N ALA B 206 2.36 -13.16 68.31
CA ALA B 206 1.14 -13.14 67.54
C ALA B 206 0.03 -12.45 68.32
N GLY B 207 -0.96 -11.94 67.58
CA GLY B 207 -2.08 -11.27 68.20
C GLY B 207 -1.76 -9.99 68.92
N ILE B 208 -0.55 -9.48 68.76
CA ILE B 208 -0.10 -8.26 69.42
C ILE B 208 0.26 -7.26 68.32
N LEU B 209 -0.29 -6.06 68.41
CA LEU B 209 -0.03 -5.11 67.33
C LEU B 209 1.14 -4.19 67.60
N ARG B 210 1.40 -3.87 68.86
CA ARG B 210 2.44 -2.94 69.26
C ARG B 210 3.68 -3.68 69.75
N GLN B 211 4.85 -3.31 69.20
CA GLN B 211 6.09 -3.93 69.65
C GLN B 211 6.29 -3.78 71.16
N SER B 212 5.88 -2.63 71.71
CA SER B 212 6.06 -2.37 73.14
C SER B 212 5.31 -3.37 74.01
N PHE B 213 4.29 -4.04 73.45
CA PHE B 213 3.49 -5.03 74.14
C PHE B 213 3.96 -6.46 73.92
N MET B 214 5.18 -6.65 73.41
CA MET B 214 5.78 -7.95 73.23
C MET B 214 6.85 -8.09 74.31
N PHE B 215 6.42 -8.42 75.53
CA PHE B 215 7.39 -8.50 76.60
C PHE B 215 8.04 -9.87 76.68
N TYR B 216 9.11 -9.94 77.48
CA TYR B 216 9.83 -11.20 77.70
C TYR B 216 8.88 -12.23 78.29
N GLY B 217 8.66 -13.37 77.63
CA GLY B 217 7.74 -14.35 78.16
C GLY B 217 6.43 -14.52 77.42
N ALA B 218 6.00 -13.51 76.66
CA ALA B 218 4.74 -13.56 75.96
C ALA B 218 4.82 -14.14 74.55
N GLY B 219 6.02 -14.42 74.06
CA GLY B 219 6.18 -14.86 72.70
C GLY B 219 6.46 -16.35 72.69
N TYR B 220 6.07 -17.01 71.60
CA TYR B 220 6.23 -18.45 71.49
C TYR B 220 7.61 -18.80 70.95
N GLN B 221 8.28 -19.70 71.66
CA GLN B 221 9.62 -20.12 71.27
C GLN B 221 9.57 -20.91 69.97
N VAL B 222 10.57 -20.71 69.13
CA VAL B 222 10.66 -21.44 67.87
C VAL B 222 11.53 -22.66 68.08
N GLU B 223 11.00 -23.83 67.72
CA GLU B 223 11.69 -25.11 67.87
C GLU B 223 12.53 -25.44 66.64
N LYS B 224 12.00 -25.26 65.42
CA LYS B 224 12.71 -25.68 64.23
C LYS B 224 12.69 -24.57 63.19
N VAL B 225 13.79 -24.45 62.45
CA VAL B 225 13.95 -23.51 61.33
C VAL B 225 14.46 -24.28 60.12
N ILE B 226 13.68 -24.26 59.03
CA ILE B 226 13.99 -25.00 57.81
C ILE B 226 14.06 -24.02 56.65
N SER B 227 15.26 -23.79 56.10
CA SER B 227 15.37 -23.03 54.87
C SER B 227 15.11 -23.94 53.67
N HIS B 228 14.58 -23.36 52.60
CA HIS B 228 14.41 -24.09 51.35
C HIS B 228 15.75 -24.62 50.86
N PRO B 229 15.83 -25.89 50.45
CA PRO B 229 17.13 -26.47 50.10
C PRO B 229 17.83 -25.78 48.93
N ASN B 230 17.09 -25.17 48.00
CA ASN B 230 17.68 -24.49 46.86
C ASN B 230 17.72 -22.97 47.03
N TYR B 231 17.75 -22.49 48.28
CA TYR B 231 17.84 -21.05 48.50
C TYR B 231 19.22 -20.53 48.12
N ASP B 232 19.25 -19.47 47.31
CA ASP B 232 20.47 -18.84 46.83
C ASP B 232 20.49 -17.41 47.38
N SER B 233 21.27 -17.18 48.44
CA SER B 233 21.34 -15.84 49.02
C SER B 233 21.88 -14.81 48.04
N LYS B 234 22.67 -15.23 47.07
CA LYS B 234 23.23 -14.30 46.09
C LYS B 234 22.13 -13.64 45.27
N THR B 235 21.11 -14.41 44.87
CA THR B 235 20.04 -13.93 44.02
C THR B 235 18.71 -13.84 44.74
N LYS B 236 18.65 -14.27 46.00
CA LYS B 236 17.40 -14.38 46.75
C LYS B 236 16.43 -15.32 46.07
N ASN B 237 16.94 -16.24 45.24
CA ASN B 237 16.06 -17.22 44.64
C ASN B 237 15.64 -18.24 45.69
N ASN B 238 14.38 -18.64 45.64
CA ASN B 238 13.81 -19.58 46.58
C ASN B 238 13.93 -19.05 48.01
N ASP B 239 13.58 -17.77 48.19
CA ASP B 239 13.73 -17.10 49.49
C ASP B 239 12.47 -17.38 50.32
N ILE B 240 12.43 -18.57 50.91
CA ILE B 240 11.33 -18.96 51.78
C ILE B 240 11.85 -19.93 52.83
N ALA B 241 11.28 -19.84 54.03
CA ALA B 241 11.65 -20.75 55.11
C ALA B 241 10.44 -21.02 55.97
N LEU B 242 10.51 -22.12 56.72
CA LEU B 242 9.47 -22.51 57.65
C LEU B 242 10.00 -22.50 59.06
N MET B 243 9.19 -21.98 59.98
CA MET B 243 9.44 -22.07 61.41
C MET B 243 8.38 -22.92 62.07
N LYS B 244 8.80 -23.91 62.84
CA LYS B 244 7.88 -24.68 63.66
C LYS B 244 8.08 -24.24 65.11
N LEU B 245 6.97 -23.89 65.76
CA LEU B 245 7.01 -23.42 67.13
C LEU B 245 7.07 -24.58 68.13
N GLN B 246 7.64 -24.29 69.29
CA GLN B 246 7.70 -25.28 70.36
C GLN B 246 6.31 -25.55 70.94
N LYS B 247 5.45 -24.54 70.99
CA LYS B 247 4.12 -24.67 71.56
C LYS B 247 3.07 -24.19 70.57
N PRO B 248 1.95 -24.90 70.46
CA PRO B 248 0.91 -24.50 69.51
C PRO B 248 0.26 -23.16 69.84
N LEU B 249 -0.06 -22.40 68.80
CA LEU B 249 -0.78 -21.15 68.98
C LEU B 249 -2.24 -21.43 69.33
N THR B 250 -2.80 -20.56 70.17
CA THR B 250 -4.23 -20.60 70.48
C THR B 250 -4.96 -19.67 69.52
N PHE B 251 -5.80 -20.23 68.65
CA PHE B 251 -6.49 -19.42 67.66
C PHE B 251 -7.72 -18.75 68.26
N ASN B 252 -7.97 -17.51 67.83
CA ASN B 252 -9.12 -16.75 68.28
C ASN B 252 -9.44 -15.72 67.20
N ASP B 253 -10.14 -14.65 67.59
CA ASP B 253 -10.45 -13.59 66.63
C ASP B 253 -9.21 -12.83 66.20
N LEU B 254 -8.16 -12.84 67.02
CA LEU B 254 -6.95 -12.08 66.77
C LEU B 254 -5.84 -12.94 66.15
N VAL B 255 -5.90 -14.25 66.32
CA VAL B 255 -4.87 -15.16 65.82
C VAL B 255 -5.55 -16.24 65.00
N LYS B 256 -5.31 -16.25 63.69
CA LYS B 256 -5.87 -17.21 62.76
C LYS B 256 -4.83 -17.47 61.68
N PRO B 257 -4.90 -18.61 61.01
CA PRO B 257 -3.96 -18.89 59.92
C PRO B 257 -4.47 -18.37 58.59
N VAL B 258 -3.52 -18.17 57.69
CA VAL B 258 -3.84 -17.84 56.30
C VAL B 258 -3.76 -19.13 55.48
N CYS B 259 -4.58 -19.21 54.44
CA CYS B 259 -4.63 -20.41 53.62
C CYS B 259 -3.43 -20.45 52.68
N LEU B 260 -2.82 -21.62 52.54
CA LEU B 260 -1.80 -21.79 51.52
C LEU B 260 -2.44 -21.74 50.12
N PRO B 261 -1.75 -21.16 49.14
CA PRO B 261 -2.36 -21.05 47.81
C PRO B 261 -2.36 -22.39 47.07
N ASN B 262 -3.46 -22.65 46.39
CA ASN B 262 -3.58 -23.84 45.58
C ASN B 262 -3.22 -23.52 44.14
N PRO B 263 -2.86 -24.53 43.34
CA PRO B 263 -2.70 -24.29 41.90
C PRO B 263 -4.04 -23.91 41.27
N GLY B 264 -3.97 -22.96 40.33
CA GLY B 264 -5.19 -22.54 39.64
C GLY B 264 -6.04 -21.50 40.34
N MET B 265 -5.42 -20.58 41.09
CA MET B 265 -6.18 -19.52 41.74
C MET B 265 -6.86 -18.61 40.72
N MET B 266 -6.30 -18.49 39.52
CA MET B 266 -6.83 -17.65 38.44
C MET B 266 -6.98 -16.18 38.86
N LEU B 267 -5.93 -15.67 39.51
CA LEU B 267 -5.85 -14.29 39.95
C LEU B 267 -5.79 -13.36 38.73
N GLN B 268 -6.20 -12.10 38.94
CA GLN B 268 -6.07 -11.10 37.88
C GLN B 268 -4.60 -10.78 37.61
N PRO B 269 -4.27 -10.33 36.40
CA PRO B 269 -2.86 -9.97 36.11
C PRO B 269 -2.30 -8.92 37.04
N GLU B 270 -3.12 -7.95 37.44
CA GLU B 270 -2.71 -6.92 38.38
C GLU B 270 -3.63 -7.05 39.58
N GLN B 271 -3.73 -8.27 40.12
CA GLN B 271 -4.57 -8.54 41.26
C GLN B 271 -4.22 -7.64 42.43
N LEU B 272 -5.26 -7.10 43.06
CA LEU B 272 -5.10 -6.28 44.25
C LEU B 272 -4.75 -7.14 45.45
N CYS B 273 -3.64 -6.82 46.11
CA CYS B 273 -3.15 -7.57 47.26
C CYS B 273 -2.88 -6.60 48.40
N TRP B 274 -2.64 -7.15 49.58
CA TRP B 274 -2.32 -6.38 50.76
C TRP B 274 -0.99 -6.83 51.33
N ILE B 275 -0.21 -5.88 51.86
CA ILE B 275 0.96 -6.21 52.66
C ILE B 275 0.77 -5.61 54.05
N SER B 276 1.34 -6.28 55.05
CA SER B 276 1.30 -5.83 56.43
C SER B 276 2.60 -6.16 57.14
N GLY B 277 2.89 -5.39 58.18
CA GLY B 277 4.09 -5.63 58.97
C GLY B 277 4.46 -4.44 59.83
N TRP B 278 5.65 -4.54 60.43
CA TRP B 278 6.25 -3.51 61.26
C TRP B 278 7.40 -2.88 60.49
N GLY B 279 7.23 -2.89 59.18
CA GLY B 279 8.23 -2.37 58.28
C GLY B 279 8.41 -0.88 58.43
N ALA B 280 9.64 -0.43 58.24
CA ALA B 280 9.95 0.98 58.39
C ALA B 280 9.25 1.68 57.26
N THR B 281 8.44 2.67 57.63
CA THR B 281 7.67 3.47 56.68
C THR B 281 8.55 4.27 55.75
N GLU B 282 9.67 4.79 56.24
CA GLU B 282 10.62 5.52 55.42
C GLU B 282 11.89 4.69 55.28
N GLU B 283 12.56 4.82 54.14
CA GLU B 283 13.82 4.09 53.94
C GLU B 283 14.81 4.55 54.99
N LYS B 284 15.61 3.60 55.48
CA LYS B 284 16.68 3.80 56.46
C LYS B 284 16.05 4.12 57.81
N GLY B 285 14.71 4.10 57.88
CA GLY B 285 13.91 4.43 59.04
C GLY B 285 13.97 3.27 60.01
N LYS B 286 13.55 3.50 61.25
CA LYS B 286 13.62 2.36 62.15
C LYS B 286 12.30 1.59 62.16
N THR B 287 12.32 0.45 62.85
CA THR B 287 11.16 -0.43 62.91
C THR B 287 9.92 0.30 63.41
N SER B 288 8.82 0.20 62.66
CA SER B 288 7.58 0.81 63.10
C SER B 288 7.13 0.19 64.41
N GLU B 289 6.71 1.03 65.37
CA GLU B 289 6.23 0.50 66.63
C GLU B 289 4.95 -0.31 66.45
N VAL B 290 4.04 0.20 65.63
CA VAL B 290 2.71 -0.40 65.45
C VAL B 290 2.64 -1.08 64.10
N LEU B 291 1.76 -2.06 64.02
CA LEU B 291 1.54 -2.80 62.78
C LEU B 291 0.86 -1.90 61.76
N ASN B 292 1.34 -1.96 60.52
CA ASN B 292 0.77 -1.18 59.44
C ASN B 292 0.41 -2.12 58.29
N ALA B 293 -0.42 -1.62 57.40
CA ALA B 293 -0.83 -2.37 56.23
C ALA B 293 -1.09 -1.40 55.08
N ALA B 294 -0.91 -1.90 53.86
CA ALA B 294 -1.08 -1.10 52.66
C ALA B 294 -1.58 -1.96 51.53
N LYS B 295 -2.14 -1.30 50.54
CA LYS B 295 -2.61 -1.97 49.34
C LYS B 295 -1.53 -1.92 48.28
N VAL B 296 -1.39 -3.01 47.53
CA VAL B 296 -0.46 -3.07 46.41
C VAL B 296 -1.17 -3.79 45.27
N LEU B 297 -0.63 -3.65 44.07
CA LEU B 297 -1.09 -4.41 42.93
C LEU B 297 0.02 -5.32 42.45
N LEU B 298 -0.34 -6.53 42.09
CA LEU B 298 0.58 -7.43 41.41
C LEU B 298 1.04 -6.81 40.11
N ILE B 299 2.27 -7.11 39.74
CA ILE B 299 2.86 -6.65 38.49
C ILE B 299 3.23 -7.89 37.71
N GLU B 300 2.80 -7.94 36.44
CA GLU B 300 3.09 -9.10 35.63
C GLU B 300 4.60 -9.34 35.58
N THR B 301 4.98 -10.60 35.71
CA THR B 301 6.40 -10.95 35.72
C THR B 301 7.09 -10.51 34.43
N GLN B 302 6.39 -10.63 33.30
CA GLN B 302 6.96 -10.20 32.03
C GLN B 302 7.31 -8.71 32.06
N ARG B 303 6.39 -7.88 32.54
CA ARG B 303 6.71 -6.46 32.66
C ARG B 303 7.75 -6.23 33.75
N CYS B 304 7.75 -7.06 34.78
CA CYS B 304 8.72 -6.91 35.86
C CYS B 304 10.12 -7.34 35.43
N ASN B 305 10.22 -8.27 34.48
CA ASN B 305 11.55 -8.65 34.00
C ASN B 305 12.07 -7.74 32.91
N SER B 306 11.37 -6.64 32.63
CA SER B 306 11.84 -5.68 31.64
C SER B 306 13.22 -5.15 32.00
N ARG B 307 13.92 -4.64 30.98
CA ARG B 307 15.27 -4.14 31.19
C ARG B 307 15.28 -3.00 32.21
N TYR B 308 14.25 -2.14 32.17
CA TYR B 308 14.21 -0.96 33.01
C TYR B 308 13.47 -1.19 34.32
N VAL B 309 13.19 -2.44 34.68
CA VAL B 309 12.70 -2.79 36.00
C VAL B 309 13.80 -3.56 36.70
N TYR B 310 13.75 -4.90 36.60
CA TYR B 310 14.69 -5.78 37.27
C TYR B 310 15.49 -6.65 36.31
N ASP B 311 15.21 -6.58 35.00
CA ASP B 311 16.10 -7.12 33.95
C ASP B 311 16.43 -8.58 34.17
N ASN B 312 15.37 -9.39 34.23
CA ASN B 312 15.49 -10.84 34.27
C ASN B 312 16.12 -11.30 35.57
N LEU B 313 15.82 -10.59 36.66
CA LEU B 313 16.16 -11.05 37.99
C LEU B 313 15.00 -11.75 38.65
N ILE B 314 13.80 -11.60 38.11
CA ILE B 314 12.63 -12.21 38.71
C ILE B 314 12.57 -13.63 38.16
N THR B 315 12.70 -14.59 39.06
CA THR B 315 12.66 -16.00 38.72
C THR B 315 11.25 -16.53 38.86
N PRO B 316 11.00 -17.75 38.38
CA PRO B 316 9.69 -18.37 38.62
C PRO B 316 9.36 -18.49 40.11
N ALA B 317 10.35 -18.45 40.97
CA ALA B 317 10.17 -18.45 42.42
C ALA B 317 9.91 -17.05 42.98
N MET B 318 9.68 -16.06 42.11
CA MET B 318 9.41 -14.69 42.52
C MET B 318 8.17 -14.14 41.85
N ILE B 319 7.52 -13.20 42.54
CA ILE B 319 6.44 -12.39 42.01
C ILE B 319 6.77 -10.95 42.36
N CYS B 320 6.18 -10.02 41.63
CA CYS B 320 6.42 -8.61 41.86
C CYS B 320 5.13 -7.94 42.29
N ALA B 321 5.25 -6.97 43.18
CA ALA B 321 4.08 -6.24 43.62
C ALA B 321 4.50 -4.84 44.00
N GLY B 322 3.55 -3.92 43.91
CA GLY B 322 3.80 -2.57 44.34
C GLY B 322 3.13 -1.54 43.47
N PHE B 323 3.92 -0.55 43.08
CA PHE B 323 3.52 0.43 42.07
C PHE B 323 4.77 0.82 41.33
N LEU B 324 4.70 0.82 40.00
CA LEU B 324 5.88 1.05 39.20
C LEU B 324 6.29 2.52 39.22
N GLN B 325 5.34 3.44 39.12
CA GLN B 325 5.70 4.85 39.06
C GLN B 325 6.35 5.32 40.34
N GLY B 326 5.97 4.75 41.48
CA GLY B 326 6.63 5.03 42.72
C GLY B 326 5.81 5.98 43.57
N ASN B 327 6.52 6.69 44.44
CA ASN B 327 5.92 7.68 45.33
C ASN B 327 4.85 7.12 46.26
N VAL B 328 4.57 5.82 46.18
CA VAL B 328 3.53 5.20 46.99
C VAL B 328 4.23 4.39 48.07
N ASP B 329 3.92 4.76 49.32
CA ASP B 329 4.45 4.14 50.52
C ASP B 329 4.04 2.68 50.70
N SER B 330 4.59 1.77 49.89
CA SER B 330 4.30 0.36 50.16
C SER B 330 5.35 -0.26 51.09
N CYS B 331 5.87 0.53 52.04
CA CYS B 331 6.93 0.09 52.94
C CYS B 331 6.42 -0.62 54.20
N GLN B 332 5.10 -0.70 54.39
CA GLN B 332 4.53 -1.25 55.61
C GLN B 332 4.94 -2.70 55.84
N GLY B 333 5.33 -3.42 54.80
CA GLY B 333 5.68 -4.81 54.99
C GLY B 333 7.10 -4.92 55.52
N ASP B 334 7.34 -5.96 56.33
CA ASP B 334 8.67 -6.32 56.78
C ASP B 334 9.15 -7.55 56.01
N ALA B 335 10.46 -7.75 56.02
CA ALA B 335 11.03 -8.95 55.41
C ALA B 335 10.38 -10.19 55.99
N GLY B 336 10.06 -11.14 55.10
CA GLY B 336 9.33 -12.35 55.45
C GLY B 336 7.87 -12.15 55.76
N GLY B 337 7.38 -10.90 55.78
CA GLY B 337 6.00 -10.61 56.06
C GLY B 337 5.05 -11.10 54.99
N PRO B 338 3.75 -11.05 55.28
CA PRO B 338 2.77 -11.66 54.38
C PRO B 338 2.42 -10.75 53.22
N LEU B 339 2.28 -11.36 52.04
CA LEU B 339 1.59 -10.79 50.89
C LEU B 339 0.36 -11.64 50.62
N VAL B 340 -0.83 -11.05 50.78
CA VAL B 340 -2.07 -11.82 50.71
C VAL B 340 -3.01 -11.20 49.70
N THR B 341 -3.95 -12.02 49.23
CA THR B 341 -4.98 -11.57 48.30
C THR B 341 -6.30 -12.23 48.67
N SER B 342 -7.40 -11.59 48.27
CA SER B 342 -8.74 -12.09 48.56
C SER B 342 -9.34 -12.66 47.28
N LYS B 343 -9.68 -13.94 47.32
CA LYS B 343 -10.34 -14.62 46.21
C LYS B 343 -11.29 -15.66 46.78
N ASN B 344 -12.48 -15.73 46.20
CA ASN B 344 -13.54 -16.63 46.67
C ASN B 344 -13.82 -16.40 48.15
N ASN B 345 -13.72 -15.15 48.58
CA ASN B 345 -13.95 -14.74 49.98
C ASN B 345 -12.99 -15.48 50.92
N ILE B 346 -11.77 -15.72 50.45
CA ILE B 346 -10.72 -16.36 51.23
C ILE B 346 -9.44 -15.58 51.05
N TRP B 347 -8.70 -15.39 52.14
CA TRP B 347 -7.41 -14.72 52.09
C TRP B 347 -6.32 -15.77 51.86
N TRP B 348 -5.56 -15.60 50.79
CA TRP B 348 -4.51 -16.51 50.38
C TRP B 348 -3.16 -15.82 50.49
N LEU B 349 -2.16 -16.58 50.92
CA LEU B 349 -0.78 -16.10 50.97
C LEU B 349 -0.14 -16.31 49.61
N ILE B 350 -0.04 -15.22 48.85
CA ILE B 350 0.53 -15.28 47.51
C ILE B 350 2.05 -15.18 47.59
N GLY B 351 2.56 -14.37 48.51
CA GLY B 351 3.98 -14.17 48.61
C GLY B 351 4.43 -13.82 50.02
N ASP B 352 5.74 -13.97 50.23
CA ASP B 352 6.42 -13.51 51.43
C ASP B 352 7.46 -12.48 51.01
N THR B 353 7.53 -11.37 51.75
CA THR B 353 8.42 -10.28 51.36
C THR B 353 9.85 -10.78 51.26
N SER B 354 10.42 -10.72 50.06
CA SER B 354 11.77 -11.21 49.83
C SER B 354 12.78 -10.07 49.72
N TRP B 355 12.79 -9.38 48.59
CA TRP B 355 13.78 -8.33 48.37
C TRP B 355 13.15 -7.18 47.60
N GLY B 356 13.97 -6.20 47.26
CA GLY B 356 13.49 -4.98 46.67
C GLY B 356 14.46 -3.84 46.88
N SER B 357 14.77 -3.10 45.82
CA SER B 357 15.69 -1.97 45.94
C SER B 357 14.99 -0.78 46.56
N GLY B 358 15.46 -0.36 47.73
CA GLY B 358 14.85 0.74 48.44
C GLY B 358 13.37 0.56 48.65
N CYS B 359 12.66 1.65 48.95
CA CYS B 359 11.22 1.53 49.00
C CYS B 359 10.56 2.84 48.61
N ALA B 360 9.37 2.73 48.02
CA ALA B 360 8.66 3.86 47.41
C ALA B 360 9.50 4.52 46.32
N LYS B 361 10.45 3.77 45.78
CA LYS B 361 11.30 4.24 44.69
C LYS B 361 10.78 3.82 43.32
N ALA B 362 10.83 4.74 42.37
CA ALA B 362 10.28 4.44 41.06
C ALA B 362 11.16 3.42 40.38
N TYR B 363 10.54 2.59 39.53
CA TYR B 363 11.19 1.53 38.78
C TYR B 363 11.89 0.55 39.73
N ARG B 364 11.43 0.46 40.99
CA ARG B 364 11.98 -0.51 41.95
C ARG B 364 10.89 -1.12 42.82
N PRO B 365 9.95 -1.87 42.23
CA PRO B 365 8.86 -2.47 43.04
C PRO B 365 9.38 -3.59 43.93
N GLY B 366 8.51 -4.06 44.82
CA GLY B 366 8.89 -5.13 45.74
C GLY B 366 8.82 -6.51 45.10
N VAL B 367 9.80 -7.35 45.43
CA VAL B 367 9.89 -8.73 44.98
C VAL B 367 9.57 -9.66 46.14
N TYR B 368 8.62 -10.57 45.93
CA TYR B 368 8.12 -11.49 46.95
C TYR B 368 8.35 -12.91 46.46
N GLY B 369 8.56 -13.83 47.39
CA GLY B 369 8.59 -15.25 47.04
C GLY B 369 7.24 -15.78 46.56
N ASN B 370 7.32 -16.71 45.60
CA ASN B 370 6.12 -17.25 44.95
C ASN B 370 5.68 -18.50 45.68
N VAL B 371 4.79 -18.31 46.67
CA VAL B 371 4.39 -19.37 47.58
C VAL B 371 3.75 -20.54 46.85
N MET B 372 3.10 -20.26 45.70
CA MET B 372 2.46 -21.32 44.93
C MET B 372 3.42 -22.44 44.56
N VAL B 373 4.66 -22.10 44.18
CA VAL B 373 5.61 -23.14 43.79
C VAL B 373 6.27 -23.79 44.99
N PHE B 374 6.01 -23.29 46.19
CA PHE B 374 6.55 -23.85 47.43
C PHE B 374 5.52 -24.57 48.28
N THR B 375 4.24 -24.54 47.91
CA THR B 375 3.23 -25.15 48.77
C THR B 375 3.46 -26.66 48.96
N ASP B 376 3.92 -27.35 47.91
CA ASP B 376 4.23 -28.77 48.05
C ASP B 376 5.41 -29.00 48.98
N TRP B 377 6.47 -28.19 48.88
CA TRP B 377 7.60 -28.36 49.79
C TRP B 377 7.14 -28.11 51.22
N ILE B 378 6.24 -27.13 51.41
CA ILE B 378 5.71 -26.85 52.75
C ILE B 378 4.94 -28.06 53.26
N TYR B 379 4.10 -28.65 52.39
CA TYR B 379 3.36 -29.86 52.74
C TYR B 379 4.31 -30.99 53.13
N ARG B 380 5.40 -31.15 52.36
CA ARG B 380 6.38 -32.19 52.61
C ARG B 380 7.05 -31.98 53.97
N GLN B 381 7.39 -30.72 54.29
CA GLN B 381 8.05 -30.45 55.56
C GLN B 381 7.10 -30.68 56.72
N MET B 382 5.81 -30.33 56.54
CA MET B 382 4.83 -30.54 57.60
C MET B 382 4.60 -32.02 57.81
N ARG B 383 4.61 -32.81 56.74
CA ARG B 383 4.41 -34.25 56.91
C ARG B 383 5.64 -34.88 57.55
N ALA B 384 6.84 -34.46 57.12
CA ALA B 384 8.05 -35.05 57.67
C ALA B 384 8.28 -34.68 59.13
N ASP B 385 7.66 -33.59 59.62
CA ASP B 385 7.85 -33.26 61.03
C ASP B 385 7.20 -34.31 61.92
N GLY B 386 5.87 -34.35 61.91
CA GLY B 386 5.11 -35.28 62.72
C GLY B 386 5.20 -36.71 62.24
N GLN C 3 9.72 19.58 -11.84
CA GLN C 3 8.58 18.80 -12.31
C GLN C 3 7.92 19.50 -13.51
N VAL C 4 7.48 18.70 -14.48
CA VAL C 4 6.81 19.21 -15.66
C VAL C 4 5.32 19.34 -15.37
N GLN C 5 4.75 20.50 -15.66
CA GLN C 5 3.33 20.73 -15.48
C GLN C 5 2.77 21.56 -16.62
N LEU C 6 1.55 21.24 -17.01
CA LEU C 6 0.79 22.05 -17.96
C LEU C 6 -0.49 22.49 -17.26
N VAL C 7 -0.71 23.80 -17.19
CA VAL C 7 -1.80 24.38 -16.40
C VAL C 7 -2.70 25.19 -17.32
N GLU C 8 -3.93 24.71 -17.49
CA GLU C 8 -4.93 25.40 -18.28
C GLU C 8 -5.76 26.33 -17.41
N SER C 9 -6.19 27.45 -17.99
CA SER C 9 -7.08 28.38 -17.33
C SER C 9 -7.82 29.18 -18.38
N GLY C 10 -8.78 29.97 -17.93
CA GLY C 10 -9.57 30.81 -18.81
C GLY C 10 -10.87 30.21 -19.28
N GLY C 11 -11.15 28.95 -18.93
CA GLY C 11 -12.44 28.38 -19.28
C GLY C 11 -13.57 28.97 -18.46
N GLY C 12 -14.79 28.75 -18.93
CA GLY C 12 -15.95 29.28 -18.24
C GLY C 12 -17.21 29.08 -19.05
N LEU C 13 -18.28 29.68 -18.54
CA LEU C 13 -19.59 29.69 -19.19
C LEU C 13 -19.75 30.97 -20.00
N VAL C 14 -20.17 30.83 -21.26
CA VAL C 14 -20.27 31.96 -22.17
C VAL C 14 -21.50 31.80 -23.05
N GLN C 15 -22.05 32.93 -23.50
CA GLN C 15 -23.20 32.92 -24.38
C GLN C 15 -22.79 32.45 -25.77
N PRO C 16 -23.72 31.84 -26.53
CA PRO C 16 -23.41 31.49 -27.92
C PRO C 16 -23.03 32.73 -28.72
N GLY C 17 -21.96 32.62 -29.49
CA GLY C 17 -21.40 33.75 -30.21
C GLY C 17 -20.35 34.53 -29.45
N GLY C 18 -20.18 34.27 -28.16
CA GLY C 18 -19.19 34.96 -27.37
C GLY C 18 -17.77 34.48 -27.67
N SER C 19 -16.84 35.00 -26.88
CA SER C 19 -15.43 34.71 -27.03
C SER C 19 -14.81 34.40 -25.67
N LEU C 20 -13.78 33.56 -25.69
CA LEU C 20 -12.99 33.26 -24.50
C LEU C 20 -11.51 33.25 -24.88
N ARG C 21 -10.65 33.41 -23.89
CA ARG C 21 -9.21 33.30 -24.10
C ARG C 21 -8.66 32.31 -23.09
N LEU C 22 -8.33 31.11 -23.56
CA LEU C 22 -7.71 30.11 -22.71
C LEU C 22 -6.20 30.34 -22.68
N SER C 23 -5.60 30.03 -21.54
CA SER C 23 -4.16 30.15 -21.36
C SER C 23 -3.61 28.85 -20.80
N CYS C 24 -2.38 28.54 -21.18
CA CYS C 24 -1.72 27.29 -20.79
C CYS C 24 -0.30 27.63 -20.38
N VAL C 25 -0.01 27.50 -19.09
CA VAL C 25 1.32 27.72 -18.55
C VAL C 25 2.07 26.40 -18.57
N VAL C 26 3.23 26.39 -19.22
CA VAL C 26 4.06 25.20 -19.37
C VAL C 26 5.30 25.35 -18.49
N SER C 27 5.60 24.31 -17.72
CA SER C 27 6.81 24.29 -16.91
C SER C 27 7.47 22.93 -17.05
N GLY C 28 8.80 22.92 -17.00
CA GLY C 28 9.58 21.70 -17.07
C GLY C 28 10.28 21.45 -18.39
N PHE C 29 9.98 22.22 -19.44
CA PHE C 29 10.68 22.07 -20.71
C PHE C 29 10.54 23.34 -21.53
N SER C 30 11.37 23.44 -22.57
CA SER C 30 11.43 24.63 -23.42
C SER C 30 10.50 24.48 -24.62
N LEU C 31 9.77 25.56 -24.92
CA LEU C 31 8.88 25.57 -26.07
C LEU C 31 9.63 25.50 -27.40
N ASP C 32 10.94 25.79 -27.39
CA ASP C 32 11.71 25.76 -28.63
C ASP C 32 11.85 24.35 -29.19
N TYR C 33 11.65 23.32 -28.38
CA TYR C 33 11.82 21.94 -28.80
C TYR C 33 10.53 21.13 -28.75
N TYR C 34 9.39 21.75 -28.42
CA TYR C 34 8.16 21.00 -28.27
C TYR C 34 7.01 21.74 -28.92
N ALA C 35 6.17 20.99 -29.62
CA ALA C 35 4.93 21.51 -30.17
C ALA C 35 3.83 21.44 -29.12
N ILE C 36 3.00 22.48 -29.08
CA ILE C 36 1.95 22.61 -28.07
C ILE C 36 0.60 22.59 -28.78
N GLY C 37 -0.25 21.65 -28.39
CA GLY C 37 -1.57 21.53 -28.96
C GLY C 37 -2.67 21.78 -27.95
N TRP C 38 -3.78 22.31 -28.43
CA TRP C 38 -5.03 22.37 -27.68
C TRP C 38 -5.96 21.28 -28.18
N PHE C 39 -6.47 20.47 -27.25
CA PHE C 39 -7.43 19.41 -27.51
C PHE C 39 -8.70 19.73 -26.73
N ARG C 40 -9.81 19.09 -27.11
CA ARG C 40 -11.01 19.18 -26.31
C ARG C 40 -11.69 17.82 -26.28
N GLN C 41 -12.33 17.54 -25.15
CA GLN C 41 -13.10 16.31 -24.97
C GLN C 41 -14.52 16.70 -24.59
N ALA C 42 -15.47 16.38 -25.47
CA ALA C 42 -16.86 16.57 -25.17
C ALA C 42 -17.34 15.51 -24.19
N PRO C 43 -18.44 15.77 -23.47
CA PRO C 43 -18.98 14.75 -22.57
C PRO C 43 -19.34 13.48 -23.32
N GLY C 44 -18.74 12.37 -22.90
CA GLY C 44 -19.02 11.08 -23.50
C GLY C 44 -18.53 10.88 -24.92
N LYS C 45 -17.78 11.84 -25.47
CA LYS C 45 -17.19 11.70 -26.79
C LYS C 45 -15.68 11.55 -26.68
N GLU C 46 -15.06 11.12 -27.78
CA GLU C 46 -13.62 10.99 -27.79
C GLU C 46 -12.93 12.36 -27.80
N ARG C 47 -11.70 12.37 -27.33
CA ARG C 47 -10.90 13.58 -27.32
C ARG C 47 -10.41 13.88 -28.73
N GLU C 48 -10.71 15.09 -29.22
CA GLU C 48 -10.37 15.47 -30.58
C GLU C 48 -9.45 16.67 -30.57
N GLY C 49 -8.61 16.76 -31.61
CA GLY C 49 -7.66 17.87 -31.70
C GLY C 49 -8.33 19.16 -32.13
N VAL C 50 -7.95 20.26 -31.49
CA VAL C 50 -8.51 21.57 -31.77
C VAL C 50 -7.52 22.45 -32.53
N SER C 51 -6.31 22.60 -32.00
CA SER C 51 -5.32 23.45 -32.66
C SER C 51 -3.93 23.01 -32.24
N CYS C 52 -2.94 23.56 -32.95
CA CYS C 52 -1.55 23.17 -32.75
C CYS C 52 -0.65 24.34 -33.13
N ILE C 53 0.39 24.57 -32.33
CA ILE C 53 1.47 25.48 -32.68
C ILE C 53 2.79 24.72 -32.56
N GLY C 54 3.61 24.81 -33.61
CA GLY C 54 4.86 24.08 -33.65
C GLY C 54 5.95 24.71 -32.79
N SER C 55 7.07 23.98 -32.71
CA SER C 55 8.22 24.47 -31.97
C SER C 55 8.80 25.74 -32.58
N SER C 56 8.63 25.91 -33.90
CA SER C 56 9.13 27.10 -34.56
C SER C 56 8.34 28.35 -34.16
N GLY C 57 7.07 28.19 -33.81
CA GLY C 57 6.22 29.31 -33.50
C GLY C 57 5.42 29.83 -34.66
N ASP C 58 5.83 29.52 -35.89
CA ASP C 58 5.10 29.92 -37.09
C ASP C 58 4.09 28.87 -37.53
N LYS C 59 4.41 27.59 -37.38
CA LYS C 59 3.51 26.54 -37.83
C LYS C 59 2.30 26.47 -36.91
N THR C 60 1.12 26.74 -37.44
CA THR C 60 -0.13 26.59 -36.72
C THR C 60 -1.10 25.77 -37.55
N ASN C 61 -1.85 24.91 -36.88
CA ASN C 61 -2.84 24.06 -37.52
C ASN C 61 -4.15 24.12 -36.73
N TYR C 62 -5.26 23.99 -37.44
CA TYR C 62 -6.59 24.05 -36.83
C TYR C 62 -7.49 23.01 -37.46
N ALA C 63 -8.29 22.35 -36.63
CA ALA C 63 -9.31 21.46 -37.14
C ALA C 63 -10.34 22.26 -37.95
N ASP C 64 -10.94 21.59 -38.93
CA ASP C 64 -11.88 22.28 -39.81
C ASP C 64 -13.08 22.83 -39.05
N SER C 65 -13.43 22.22 -37.91
CA SER C 65 -14.59 22.66 -37.16
C SER C 65 -14.40 24.03 -36.50
N VAL C 66 -13.17 24.44 -36.24
CA VAL C 66 -12.86 25.72 -35.63
C VAL C 66 -11.93 26.56 -36.49
N LYS C 67 -11.62 26.09 -37.71
CA LYS C 67 -10.69 26.81 -38.57
C LYS C 67 -11.23 28.20 -38.90
N GLY C 68 -10.39 29.21 -38.68
CA GLY C 68 -10.77 30.58 -38.94
C GLY C 68 -11.53 31.28 -37.83
N ARG C 69 -12.01 30.56 -36.82
CA ARG C 69 -12.66 31.17 -35.67
C ARG C 69 -11.76 31.22 -34.45
N PHE C 70 -10.96 30.18 -34.25
CA PHE C 70 -10.00 30.12 -33.15
C PHE C 70 -8.63 30.55 -33.65
N THR C 71 -7.79 30.99 -32.71
CA THR C 71 -6.43 31.42 -33.02
C THR C 71 -5.50 31.03 -31.88
N ILE C 72 -4.49 30.22 -32.19
CA ILE C 72 -3.50 29.80 -31.21
C ILE C 72 -2.26 30.68 -31.32
N SER C 73 -1.64 30.98 -30.19
CA SER C 73 -0.43 31.79 -30.14
C SER C 73 0.41 31.32 -28.97
N ARG C 74 1.69 31.72 -28.96
CA ARG C 74 2.56 31.35 -27.86
C ARG C 74 3.47 32.52 -27.50
N ASP C 75 3.84 32.55 -26.22
CA ASP C 75 4.81 33.48 -25.68
C ASP C 75 5.93 32.65 -25.05
N ASN C 76 7.09 32.63 -25.71
CA ASN C 76 8.20 31.83 -25.21
C ASN C 76 8.80 32.42 -23.95
N ALA C 77 8.81 33.75 -23.82
CA ALA C 77 9.35 34.37 -22.62
C ALA C 77 8.49 34.05 -21.41
N LYS C 78 7.17 34.01 -21.59
CA LYS C 78 6.25 33.67 -20.52
C LYS C 78 5.95 32.17 -20.45
N ASN C 79 6.47 31.39 -21.39
CA ASN C 79 6.16 29.96 -21.50
C ASN C 79 4.65 29.72 -21.43
N THR C 80 3.89 30.52 -22.18
CA THR C 80 2.43 30.46 -22.09
C THR C 80 1.82 30.42 -23.49
N VAL C 81 0.92 29.48 -23.72
CA VAL C 81 0.20 29.35 -24.98
C VAL C 81 -1.23 29.84 -24.79
N TYR C 82 -1.70 30.68 -25.71
CA TYR C 82 -3.03 31.25 -25.64
C TYR C 82 -3.88 30.72 -26.80
N LEU C 83 -5.15 30.43 -26.50
CA LEU C 83 -6.14 30.03 -27.50
C LEU C 83 -7.30 31.02 -27.44
N GLN C 84 -7.40 31.88 -28.45
CA GLN C 84 -8.51 32.80 -28.60
C GLN C 84 -9.65 32.10 -29.32
N MET C 85 -10.78 31.95 -28.64
CA MET C 85 -11.97 31.31 -29.17
C MET C 85 -13.01 32.38 -29.46
N ASN C 86 -13.17 32.71 -30.74
CA ASN C 86 -14.15 33.69 -31.21
C ASN C 86 -15.33 33.00 -31.87
N SER C 87 -16.47 33.68 -31.87
CA SER C 87 -17.71 33.16 -32.45
C SER C 87 -18.04 31.78 -31.90
N LEU C 88 -17.96 31.66 -30.57
CA LEU C 88 -18.17 30.37 -29.91
C LEU C 88 -19.58 29.86 -30.16
N LYS C 89 -19.66 28.57 -30.50
CA LYS C 89 -20.91 27.88 -30.76
C LYS C 89 -21.24 26.92 -29.62
N PRO C 90 -22.50 26.53 -29.47
CA PRO C 90 -22.82 25.48 -28.48
C PRO C 90 -22.04 24.19 -28.71
N GLU C 91 -21.65 23.92 -29.96
CA GLU C 91 -20.86 22.74 -30.27
C GLU C 91 -19.50 22.76 -29.59
N ASP C 92 -19.00 23.94 -29.21
CA ASP C 92 -17.67 24.05 -28.60
C ASP C 92 -17.66 23.72 -27.12
N THR C 93 -18.78 23.31 -26.54
CA THR C 93 -18.84 22.96 -25.13
C THR C 93 -18.05 21.68 -24.89
N ALA C 94 -16.94 21.79 -24.16
CA ALA C 94 -16.09 20.63 -23.88
C ALA C 94 -15.09 21.01 -22.81
N VAL C 95 -14.36 19.99 -22.32
CA VAL C 95 -13.21 20.22 -21.47
C VAL C 95 -12.00 20.40 -22.38
N TYR C 96 -11.36 21.56 -22.29
CA TYR C 96 -10.23 21.88 -23.15
C TYR C 96 -8.93 21.59 -22.42
N TYR C 97 -8.13 20.71 -23.00
CA TYR C 97 -6.85 20.29 -22.45
C TYR C 97 -5.70 20.89 -23.26
N CYS C 98 -4.62 21.19 -22.57
CA CYS C 98 -3.37 21.60 -23.18
C CYS C 98 -2.42 20.41 -23.17
N ALA C 99 -1.77 20.15 -24.29
CA ALA C 99 -0.89 18.99 -24.40
C ALA C 99 0.38 19.37 -25.13
N ALA C 100 1.43 18.60 -24.88
CA ALA C 100 2.75 18.84 -25.47
C ALA C 100 3.28 17.56 -26.09
N GLU C 101 3.81 17.71 -27.32
CA GLU C 101 4.46 16.66 -28.08
C GLU C 101 5.85 17.12 -28.45
N SER C 102 6.77 16.18 -28.63
CA SER C 102 8.15 16.54 -28.91
C SER C 102 8.30 17.03 -30.35
N ALA C 103 9.52 17.45 -30.70
CA ALA C 103 9.83 17.92 -32.04
C ALA C 103 10.53 16.87 -32.88
N LEU C 104 10.97 15.75 -32.28
CA LEU C 104 11.46 14.64 -33.09
C LEU C 104 10.40 14.20 -34.09
N TYR C 105 9.14 14.19 -33.67
CA TYR C 105 8.03 13.89 -34.55
C TYR C 105 7.57 15.18 -35.23
N SER C 106 6.52 15.07 -36.04
CA SER C 106 6.02 16.23 -36.77
C SER C 106 5.55 17.32 -35.82
N ASP C 107 5.89 18.57 -36.14
CA ASP C 107 5.52 19.69 -35.29
C ASP C 107 4.00 19.83 -35.21
N CYS C 108 3.36 20.24 -36.31
CA CYS C 108 1.91 20.31 -36.37
C CYS C 108 1.40 19.41 -37.48
N THR C 109 0.42 18.58 -37.15
CA THR C 109 -0.26 17.71 -38.10
C THR C 109 -1.63 18.28 -38.44
N GLU C 110 -2.17 17.84 -39.57
CA GLU C 110 -3.52 18.25 -39.92
C GLU C 110 -4.54 17.56 -39.03
N GLU C 111 -4.31 16.30 -38.70
CA GLU C 111 -5.11 15.56 -37.73
C GLU C 111 -4.24 15.34 -36.49
N GLN C 112 -4.62 15.96 -35.38
CA GLN C 112 -3.85 15.92 -34.15
C GLN C 112 -4.07 14.57 -33.48
N ASN C 113 -3.06 13.70 -33.54
CA ASN C 113 -3.15 12.41 -32.86
C ASN C 113 -2.82 12.59 -31.38
N PRO C 114 -3.78 12.35 -30.48
CA PRO C 114 -3.48 12.51 -29.04
C PRO C 114 -2.40 11.57 -28.53
N MET C 115 -2.15 10.46 -29.21
CA MET C 115 -1.13 9.52 -28.73
C MET C 115 0.29 10.04 -28.99
N LEU C 116 0.47 10.94 -29.95
CA LEU C 116 1.79 11.53 -30.16
C LEU C 116 2.14 12.52 -29.06
N TYR C 117 1.15 13.06 -28.37
CA TYR C 117 1.40 14.05 -27.33
C TYR C 117 1.73 13.34 -26.02
N ASP C 118 2.88 13.69 -25.45
CA ASP C 118 3.41 12.95 -24.31
C ASP C 118 3.03 13.57 -22.98
N TYR C 119 2.80 14.88 -22.90
CA TYR C 119 2.51 15.50 -21.61
C TYR C 119 1.19 16.25 -21.66
N TRP C 120 0.41 16.14 -20.59
CA TRP C 120 -0.95 16.65 -20.57
C TRP C 120 -1.19 17.47 -19.30
N GLY C 121 -1.98 18.52 -19.46
CA GLY C 121 -2.51 19.26 -18.32
C GLY C 121 -3.81 18.66 -17.82
N GLN C 122 -4.40 19.35 -16.84
CA GLN C 122 -5.64 18.89 -16.25
C GLN C 122 -6.88 19.37 -16.99
N GLY C 123 -6.77 20.44 -17.77
CA GLY C 123 -7.88 20.94 -18.57
C GLY C 123 -8.71 21.99 -17.85
N THR C 124 -9.50 22.72 -18.64
CA THR C 124 -10.43 23.72 -18.13
C THR C 124 -11.76 23.56 -18.84
N GLN C 125 -12.85 23.75 -18.11
CA GLN C 125 -14.19 23.53 -18.66
C GLN C 125 -14.64 24.77 -19.43
N VAL C 126 -15.13 24.56 -20.65
CA VAL C 126 -15.72 25.63 -21.47
C VAL C 126 -17.12 25.19 -21.87
N THR C 127 -18.12 25.99 -21.52
CA THR C 127 -19.50 25.75 -21.91
C THR C 127 -20.03 26.98 -22.63
N VAL C 128 -20.69 26.76 -23.76
CA VAL C 128 -21.23 27.83 -24.60
C VAL C 128 -22.73 27.62 -24.71
N SER C 129 -23.50 28.30 -23.87
CA SER C 129 -24.96 28.18 -23.88
C SER C 129 -25.58 29.51 -23.46
N SER C 130 -26.87 29.65 -23.78
CA SER C 130 -27.60 30.85 -23.40
C SER C 130 -27.90 30.81 -21.90
N HIS C 131 -27.28 31.69 -21.13
CA HIS C 131 -27.45 31.69 -19.69
C HIS C 131 -27.50 33.11 -19.12
N HIS C 132 -26.42 33.86 -19.30
CA HIS C 132 -26.37 35.23 -18.78
C HIS C 132 -25.39 36.04 -19.62
N HIS C 133 -25.89 37.10 -20.26
CA HIS C 133 -25.07 37.95 -21.11
C HIS C 133 -24.20 38.89 -20.26
N THR D 10 -29.18 -41.16 -59.63
CA THR D 10 -29.06 -41.83 -58.33
C THR D 10 -30.16 -42.88 -58.12
N VAL D 11 -29.76 -44.10 -57.80
CA VAL D 11 -30.69 -45.20 -57.53
C VAL D 11 -30.74 -45.40 -56.02
N TYR D 12 -31.88 -45.09 -55.42
CA TYR D 12 -32.04 -45.08 -53.98
C TYR D 12 -32.93 -46.22 -53.51
N ARG D 13 -32.43 -46.99 -52.55
CA ARG D 13 -33.18 -48.06 -51.89
C ARG D 13 -33.02 -47.80 -50.40
N ARG D 14 -34.05 -47.18 -49.82
CA ARG D 14 -34.03 -46.80 -48.41
C ARG D 14 -34.28 -48.00 -47.49
N ILE D 15 -33.71 -47.93 -46.30
CA ILE D 15 -34.00 -48.92 -45.27
C ILE D 15 -35.42 -48.69 -44.76
N PRO D 16 -36.26 -49.72 -44.66
CA PRO D 16 -37.66 -49.48 -44.30
C PRO D 16 -37.80 -49.15 -42.82
N ASN D 17 -38.90 -48.49 -42.49
CA ASN D 17 -39.30 -48.22 -41.11
C ASN D 17 -38.26 -47.40 -40.36
N LEU D 18 -37.55 -46.52 -41.08
CA LEU D 18 -36.65 -45.60 -40.40
C LEU D 18 -37.45 -44.48 -39.73
N PRO D 19 -37.07 -44.07 -38.52
CA PRO D 19 -37.82 -43.04 -37.81
C PRO D 19 -37.63 -41.67 -38.43
N ASP D 20 -38.50 -40.75 -38.03
CA ASP D 20 -38.36 -39.36 -38.42
C ASP D 20 -37.22 -38.69 -37.66
N CYS D 21 -36.50 -37.80 -38.34
CA CYS D 21 -35.34 -37.17 -37.72
C CYS D 21 -35.76 -36.15 -36.67
N ASP D 22 -36.95 -35.57 -36.81
CA ASP D 22 -37.47 -34.56 -35.89
C ASP D 22 -36.49 -33.40 -35.74
N ILE D 23 -35.91 -32.97 -36.86
CA ILE D 23 -35.01 -31.82 -36.86
C ILE D 23 -35.75 -30.56 -36.43
N ASP D 24 -37.04 -30.47 -36.76
CA ASP D 24 -37.84 -29.34 -36.31
C ASP D 24 -37.91 -29.28 -34.78
N ASN D 25 -38.08 -30.44 -34.13
CA ASN D 25 -38.07 -30.48 -32.68
C ASN D 25 -36.75 -29.99 -32.11
N TRP D 26 -35.65 -30.26 -32.81
CA TRP D 26 -34.35 -29.77 -32.39
C TRP D 26 -34.25 -28.27 -32.54
N LEU D 27 -34.61 -27.75 -33.71
CA LEU D 27 -34.51 -26.31 -33.94
C LEU D 27 -35.47 -25.52 -33.08
N ASN D 28 -36.66 -26.07 -32.82
CA ASN D 28 -37.69 -25.37 -32.04
C ASN D 28 -37.61 -25.67 -30.55
N ASN D 29 -36.53 -26.32 -30.09
CA ASN D 29 -36.36 -26.56 -28.66
C ASN D 29 -36.32 -25.25 -27.90
N VAL D 30 -36.90 -25.25 -26.70
CA VAL D 30 -37.03 -24.01 -25.92
C VAL D 30 -35.67 -23.53 -25.41
N SER D 31 -34.76 -24.45 -25.11
CA SER D 31 -33.43 -24.08 -24.64
C SER D 31 -32.58 -23.69 -25.85
N VAL D 32 -32.26 -22.41 -25.95
CA VAL D 32 -31.51 -21.86 -27.09
C VAL D 32 -30.15 -21.43 -26.57
N PRO D 33 -29.06 -22.01 -27.07
CA PRO D 33 -27.73 -21.65 -26.57
C PRO D 33 -27.21 -20.38 -27.23
N SER D 34 -26.26 -19.74 -26.54
CA SER D 34 -25.55 -18.60 -27.08
C SER D 34 -24.39 -19.07 -27.96
N PRO D 35 -23.91 -18.23 -28.88
CA PRO D 35 -22.78 -18.64 -29.73
C PRO D 35 -21.59 -19.14 -28.94
N LEU D 36 -21.39 -18.63 -27.73
CA LEU D 36 -20.30 -19.10 -26.88
C LEU D 36 -20.44 -20.59 -26.57
N ASN D 37 -21.68 -21.07 -26.42
CA ASN D 37 -21.93 -22.46 -26.11
C ASN D 37 -22.89 -23.08 -27.12
N TRP D 38 -22.66 -22.79 -28.41
CA TRP D 38 -23.50 -23.32 -29.49
C TRP D 38 -23.64 -24.83 -29.38
N GLU D 39 -24.83 -25.33 -29.69
CA GLU D 39 -25.12 -26.74 -29.47
C GLU D 39 -25.22 -27.48 -30.80
N ARG D 40 -24.89 -28.78 -30.77
CA ARG D 40 -24.83 -29.60 -31.96
C ARG D 40 -25.68 -30.85 -31.80
N ARG D 41 -26.36 -31.24 -32.87
CA ARG D 41 -27.07 -32.51 -32.92
C ARG D 41 -26.77 -33.17 -34.25
N ILE D 42 -26.36 -34.43 -34.23
CA ILE D 42 -26.06 -35.18 -35.44
C ILE D 42 -27.20 -36.15 -35.71
N PHE D 43 -27.78 -36.07 -36.91
CA PHE D 43 -28.86 -36.93 -37.33
C PHE D 43 -28.31 -38.00 -38.28
N SER D 44 -28.63 -39.26 -37.97
CA SER D 44 -28.20 -40.39 -38.79
C SER D 44 -29.27 -41.48 -38.71
N ASN D 45 -29.40 -42.24 -39.79
CA ASN D 45 -30.31 -43.38 -39.86
C ASN D 45 -31.76 -42.97 -39.61
N CYS D 46 -32.18 -41.89 -40.27
CA CYS D 46 -33.54 -41.41 -40.12
C CYS D 46 -33.98 -40.75 -41.43
N ASN D 47 -35.29 -40.53 -41.55
CA ASN D 47 -35.88 -39.89 -42.72
C ASN D 47 -36.31 -38.47 -42.40
N PHE D 48 -36.15 -37.58 -43.38
CA PHE D 48 -36.51 -36.17 -43.21
C PHE D 48 -37.33 -35.68 -44.41
N ASN D 49 -38.00 -34.55 -44.20
CA ASN D 49 -38.84 -33.91 -45.22
C ASN D 49 -38.48 -32.43 -45.22
N LEU D 50 -37.67 -32.00 -46.20
CA LEU D 50 -37.13 -30.65 -46.17
C LEU D 50 -38.22 -29.59 -46.28
N SER D 51 -39.26 -29.85 -47.10
CA SER D 51 -40.36 -28.91 -47.19
C SER D 51 -41.12 -28.83 -45.86
N THR D 52 -41.38 -29.98 -45.23
CA THR D 52 -42.06 -29.99 -43.94
C THR D 52 -41.22 -29.27 -42.89
N LEU D 53 -39.90 -29.43 -42.94
CA LEU D 53 -39.03 -28.69 -42.05
C LEU D 53 -39.13 -27.19 -42.28
N LEU D 54 -39.04 -26.76 -43.55
CA LEU D 54 -39.12 -25.34 -43.90
C LEU D 54 -40.47 -24.76 -43.54
N ARG D 55 -41.50 -25.59 -43.40
CA ARG D 55 -42.80 -25.10 -42.97
C ARG D 55 -42.94 -25.04 -41.45
N LEU D 56 -42.48 -26.08 -40.75
CA LEU D 56 -42.63 -26.11 -39.29
C LEU D 56 -41.72 -25.10 -38.60
N VAL D 57 -40.59 -24.78 -39.21
CA VAL D 57 -39.64 -23.81 -38.67
C VAL D 57 -39.90 -22.47 -39.35
N HIS D 58 -40.01 -21.42 -38.54
CA HIS D 58 -40.27 -20.08 -39.08
C HIS D 58 -39.00 -19.60 -39.78
N VAL D 59 -38.85 -20.02 -41.03
CA VAL D 59 -37.61 -19.82 -41.78
C VAL D 59 -37.57 -18.38 -42.30
N ASP D 60 -36.53 -17.65 -41.94
CA ASP D 60 -36.28 -16.33 -42.49
C ASP D 60 -35.38 -16.39 -43.71
N SER D 61 -34.35 -17.23 -43.67
CA SER D 61 -33.42 -17.37 -44.79
C SER D 61 -32.84 -18.77 -44.78
N PHE D 62 -32.55 -19.28 -45.97
CA PHE D 62 -31.91 -20.58 -46.11
C PHE D 62 -31.05 -20.55 -47.36
N SER D 63 -29.74 -20.77 -47.21
CA SER D 63 -28.86 -20.77 -48.37
C SER D 63 -27.73 -21.75 -48.17
N CYS D 64 -27.31 -22.41 -49.25
CA CYS D 64 -26.35 -23.50 -49.16
C CYS D 64 -25.06 -23.14 -49.90
N ASN D 65 -23.95 -23.70 -49.42
CA ASN D 65 -22.64 -23.57 -50.02
C ASN D 65 -22.08 -24.96 -50.28
N ASN D 66 -21.48 -25.14 -51.45
CA ASN D 66 -20.94 -26.42 -51.91
C ASN D 66 -22.02 -27.49 -51.97
N LEU D 67 -23.27 -27.08 -52.21
CA LEU D 67 -24.38 -28.03 -52.30
C LEU D 67 -25.55 -27.35 -53.00
N ASP D 68 -26.16 -28.06 -53.94
CA ASP D 68 -27.35 -27.56 -54.62
C ASP D 68 -28.57 -27.72 -53.72
N LYS D 69 -29.30 -26.62 -53.51
CA LYS D 69 -30.50 -26.64 -52.68
C LYS D 69 -31.51 -27.67 -53.18
N SER D 70 -31.73 -27.74 -54.49
CA SER D 70 -32.76 -28.60 -55.04
C SER D 70 -32.41 -30.09 -54.92
N LYS D 71 -31.13 -30.42 -54.92
CA LYS D 71 -30.70 -31.81 -54.92
C LYS D 71 -30.82 -32.48 -53.55
N ILE D 72 -31.18 -31.72 -52.52
CA ILE D 72 -31.41 -32.32 -51.21
C ILE D 72 -32.60 -33.26 -51.26
N PHE D 73 -33.62 -32.91 -52.04
CA PHE D 73 -34.87 -33.66 -52.05
C PHE D 73 -34.66 -35.01 -52.74
N GLY D 74 -35.07 -36.08 -52.05
CA GLY D 74 -34.88 -37.43 -52.54
C GLY D 74 -33.52 -38.03 -52.27
N SER D 75 -32.54 -37.23 -51.85
CA SER D 75 -31.19 -37.70 -51.63
C SER D 75 -31.01 -38.29 -50.23
N CYS D 76 -29.96 -39.09 -50.08
CA CYS D 76 -29.57 -39.67 -48.80
C CYS D 76 -28.21 -39.11 -48.37
N PHE D 77 -27.97 -39.15 -47.07
CA PHE D 77 -26.70 -38.71 -46.51
C PHE D 77 -26.26 -39.66 -45.40
N ASN D 78 -24.95 -39.76 -45.19
CA ASN D 78 -24.44 -40.50 -44.04
C ASN D 78 -24.90 -39.84 -42.74
N SER D 79 -24.78 -38.52 -42.65
CA SER D 79 -25.27 -37.82 -41.48
C SER D 79 -25.53 -36.36 -41.83
N ILE D 80 -26.34 -35.72 -40.99
CA ILE D 80 -26.58 -34.29 -41.09
C ILE D 80 -26.28 -33.70 -39.73
N THR D 81 -25.26 -32.86 -39.66
CA THR D 81 -24.87 -32.19 -38.43
C THR D 81 -25.56 -30.84 -38.38
N VAL D 82 -26.31 -30.59 -37.30
CA VAL D 82 -27.04 -29.35 -37.15
C VAL D 82 -26.52 -28.65 -35.91
N ASP D 83 -25.80 -27.55 -36.12
CA ASP D 83 -25.38 -26.67 -35.04
C ASP D 83 -26.36 -25.51 -34.95
N LYS D 84 -26.63 -25.05 -33.74
CA LYS D 84 -27.60 -23.98 -33.55
C LYS D 84 -27.16 -23.08 -32.41
N PHE D 85 -27.53 -21.81 -32.52
CA PHE D 85 -27.37 -20.85 -31.43
C PHE D 85 -28.17 -19.60 -31.74
N ALA D 86 -28.55 -18.88 -30.69
CA ALA D 86 -29.25 -17.61 -30.86
C ALA D 86 -28.30 -16.57 -31.44
N ILE D 87 -28.86 -15.66 -32.24
CA ILE D 87 -28.09 -14.65 -32.94
C ILE D 87 -28.14 -13.36 -32.13
N PRO D 88 -27.03 -12.91 -31.55
CA PRO D 88 -26.99 -11.53 -31.05
C PRO D 88 -27.08 -10.57 -32.23
N ASN D 89 -28.02 -9.62 -32.14
CA ASN D 89 -28.43 -8.87 -33.33
C ASN D 89 -27.25 -8.12 -33.93
N ARG D 90 -26.57 -7.30 -33.13
CA ARG D 90 -25.47 -6.49 -33.63
C ARG D 90 -24.36 -7.31 -34.28
N ARG D 91 -24.41 -8.64 -34.16
CA ARG D 91 -23.38 -9.51 -34.67
C ARG D 91 -23.85 -10.39 -35.83
N ARG D 92 -25.06 -10.14 -36.36
CA ARG D 92 -25.58 -11.01 -37.41
C ARG D 92 -24.64 -11.02 -38.62
N ASP D 93 -24.09 -9.87 -38.99
CA ASP D 93 -23.20 -9.82 -40.15
C ASP D 93 -21.94 -10.66 -39.97
N ASP D 94 -21.58 -11.00 -38.72
CA ASP D 94 -20.45 -11.89 -38.52
C ASP D 94 -20.70 -13.30 -39.03
N LEU D 95 -21.95 -13.65 -39.34
CA LEU D 95 -22.29 -14.99 -39.80
C LEU D 95 -22.14 -15.15 -41.30
N GLN D 96 -21.77 -14.10 -42.02
CA GLN D 96 -21.48 -14.21 -43.44
C GLN D 96 -20.32 -15.18 -43.66
N LEU D 97 -20.42 -15.97 -44.72
CA LEU D 97 -19.39 -16.95 -45.03
C LEU D 97 -18.01 -16.30 -45.17
N GLY D 98 -17.03 -16.83 -44.44
CA GLY D 98 -15.69 -16.32 -44.48
C GLY D 98 -15.46 -15.05 -43.70
N SER D 99 -16.46 -14.56 -42.97
CA SER D 99 -16.28 -13.35 -42.18
C SER D 99 -15.26 -13.55 -41.07
N SER D 100 -14.51 -12.49 -40.77
CA SER D 100 -13.60 -12.45 -39.65
C SER D 100 -14.23 -11.79 -38.42
N GLY D 101 -15.55 -11.77 -38.36
CA GLY D 101 -16.25 -11.17 -37.25
C GLY D 101 -16.10 -11.95 -35.96
N PHE D 102 -16.61 -11.34 -34.88
CA PHE D 102 -16.42 -11.91 -33.55
C PHE D 102 -17.05 -13.29 -33.42
N LEU D 103 -18.19 -13.51 -34.08
CA LEU D 103 -18.87 -14.79 -33.92
C LEU D 103 -18.04 -15.94 -34.50
N GLN D 104 -17.56 -15.80 -35.74
CA GLN D 104 -16.75 -16.86 -36.32
C GLN D 104 -15.30 -16.85 -35.83
N SER D 105 -14.85 -15.76 -35.20
CA SER D 105 -13.49 -15.71 -34.68
C SER D 105 -13.39 -16.25 -33.27
N SER D 106 -14.47 -16.16 -32.49
CA SER D 106 -14.38 -16.48 -31.07
C SER D 106 -15.57 -17.29 -30.55
N ASN D 107 -16.42 -17.81 -31.42
CA ASN D 107 -17.56 -18.59 -30.95
C ASN D 107 -17.82 -19.82 -31.81
N TYR D 108 -18.11 -19.63 -33.09
CA TYR D 108 -18.38 -20.75 -33.98
C TYR D 108 -17.91 -20.40 -35.39
N LYS D 109 -16.93 -21.15 -35.90
CA LYS D 109 -16.43 -20.94 -37.26
C LYS D 109 -17.20 -21.80 -38.23
N ILE D 110 -17.80 -21.16 -39.23
CA ILE D 110 -18.55 -21.88 -40.26
C ILE D 110 -17.55 -22.46 -41.27
N ASP D 111 -17.54 -23.79 -41.37
CA ASP D 111 -16.64 -24.46 -42.32
C ASP D 111 -17.10 -24.17 -43.73
N ILE D 112 -16.33 -23.34 -44.44
CA ILE D 112 -16.70 -22.97 -45.81
C ILE D 112 -16.37 -24.04 -46.83
N SER D 113 -15.56 -25.04 -46.47
CA SER D 113 -15.19 -26.10 -47.41
C SER D 113 -16.20 -27.24 -47.43
N SER D 114 -16.98 -27.41 -46.38
CA SER D 114 -17.96 -28.48 -46.31
C SER D 114 -19.21 -28.14 -47.12
N SER D 115 -19.91 -29.18 -47.53
CA SER D 115 -21.24 -29.03 -48.14
C SER D 115 -22.22 -28.68 -47.03
N SER D 116 -22.55 -27.40 -46.92
CA SER D 116 -23.30 -26.92 -45.77
C SER D 116 -24.44 -26.03 -46.22
N CYS D 117 -25.36 -25.78 -45.30
CA CYS D 117 -26.49 -24.89 -45.51
C CYS D 117 -26.73 -24.08 -44.24
N GLN D 118 -26.86 -22.77 -44.39
CA GLN D 118 -27.12 -21.86 -43.29
C GLN D 118 -28.60 -21.53 -43.27
N LEU D 119 -29.24 -21.78 -42.12
CA LEU D 119 -30.66 -21.55 -41.91
C LEU D 119 -30.81 -20.50 -40.81
N TYR D 120 -31.31 -19.33 -41.19
CA TYR D 120 -31.68 -18.29 -40.24
C TYR D 120 -33.19 -18.39 -40.01
N TYR D 121 -33.59 -18.59 -38.76
CA TYR D 121 -35.00 -18.69 -38.44
C TYR D 121 -35.26 -17.91 -37.16
N SER D 122 -36.47 -18.01 -36.63
CA SER D 122 -36.81 -17.28 -35.42
C SER D 122 -37.86 -18.05 -34.65
N LEU D 123 -37.93 -17.75 -33.35
CA LEU D 123 -38.91 -18.39 -32.48
C LEU D 123 -39.66 -17.35 -31.67
N PRO D 124 -40.91 -17.64 -31.28
CA PRO D 124 -41.68 -16.70 -30.48
C PRO D 124 -41.11 -16.58 -29.08
N LEU D 125 -41.12 -15.34 -28.56
CA LEU D 125 -40.40 -15.04 -27.33
C LEU D 125 -40.92 -15.84 -26.15
N VAL D 126 -42.22 -16.17 -26.13
CA VAL D 126 -42.80 -16.85 -24.99
C VAL D 126 -42.28 -18.28 -24.83
N ASN D 127 -41.72 -18.86 -25.89
CA ASN D 127 -41.26 -20.24 -25.87
C ASN D 127 -39.74 -20.34 -25.92
N VAL D 128 -39.02 -19.27 -25.56
CA VAL D 128 -37.58 -19.21 -25.68
C VAL D 128 -36.98 -18.98 -24.31
N THR D 129 -35.94 -19.76 -23.98
CA THR D 129 -35.09 -19.54 -22.82
C THR D 129 -33.64 -19.57 -23.28
N ILE D 130 -32.96 -18.44 -23.22
CA ILE D 130 -31.58 -18.34 -23.68
C ILE D 130 -30.66 -19.02 -22.67
N ASN D 131 -29.83 -19.94 -23.16
CA ASN D 131 -28.87 -20.67 -22.32
C ASN D 131 -27.49 -20.05 -22.53
N ASN D 132 -27.15 -19.08 -21.67
CA ASN D 132 -25.82 -18.46 -21.67
C ASN D 132 -24.92 -19.22 -20.71
N PHE D 133 -23.95 -19.94 -21.26
CA PHE D 133 -23.02 -20.73 -20.44
C PHE D 133 -21.61 -20.58 -21.00
N ASN D 134 -20.63 -20.51 -20.10
CA ASN D 134 -19.22 -20.42 -20.50
C ASN D 134 -18.62 -21.82 -20.53
N PRO D 135 -18.27 -22.35 -21.70
CA PRO D 135 -17.73 -23.71 -21.76
C PRO D 135 -16.29 -23.83 -21.29
N SER D 136 -15.62 -22.72 -20.99
CA SER D 136 -14.21 -22.75 -20.63
C SER D 136 -13.99 -23.53 -19.34
N SER D 137 -13.21 -24.60 -19.43
CA SER D 137 -12.94 -25.41 -18.25
C SER D 137 -12.07 -24.64 -17.25
N TRP D 138 -11.09 -23.88 -17.73
CA TRP D 138 -10.19 -23.19 -16.81
C TRP D 138 -10.79 -21.92 -16.23
N ASN D 139 -11.63 -21.21 -17.00
CA ASN D 139 -12.35 -20.08 -16.44
C ASN D 139 -13.18 -20.52 -15.23
N ARG D 140 -13.91 -21.62 -15.36
CA ARG D 140 -14.64 -22.15 -14.22
C ARG D 140 -13.70 -22.69 -13.15
N ARG D 141 -12.57 -23.27 -13.55
CA ARG D 141 -11.61 -23.79 -12.58
C ARG D 141 -11.14 -22.70 -11.64
N TYR D 142 -10.95 -21.48 -12.16
CA TYR D 142 -10.54 -20.36 -11.32
C TYR D 142 -11.69 -19.40 -11.04
N GLY D 143 -12.94 -19.90 -11.10
CA GLY D 143 -14.11 -19.18 -10.60
C GLY D 143 -14.89 -18.36 -11.59
N PHE D 144 -15.30 -18.94 -12.71
CA PHE D 144 -16.08 -18.18 -13.70
C PHE D 144 -17.39 -17.68 -13.10
N GLY D 145 -18.15 -18.57 -12.50
CA GLY D 145 -19.48 -18.22 -11.98
C GLY D 145 -20.57 -18.50 -13.01
N SER D 146 -21.30 -17.45 -13.38
CA SER D 146 -22.37 -17.58 -14.36
C SER D 146 -22.68 -16.20 -14.92
N PHE D 147 -23.46 -16.17 -16.00
CA PHE D 147 -23.89 -14.94 -16.65
C PHE D 147 -25.22 -14.49 -16.04
N ASN D 148 -25.18 -13.36 -15.32
CA ASN D 148 -26.39 -12.75 -14.78
C ASN D 148 -26.87 -11.69 -15.74
N LEU D 149 -27.68 -12.10 -16.73
CA LEU D 149 -28.19 -11.20 -17.74
C LEU D 149 -29.71 -11.22 -17.77
N SER D 150 -30.28 -10.18 -18.38
CA SER D 150 -31.71 -10.12 -18.57
C SER D 150 -32.15 -11.19 -19.56
N SER D 151 -33.47 -11.38 -19.64
CA SER D 151 -34.01 -12.37 -20.57
C SER D 151 -33.69 -11.98 -22.01
N TYR D 152 -33.40 -12.99 -22.82
CA TYR D 152 -33.15 -12.89 -24.25
C TYR D 152 -31.85 -12.16 -24.60
N ASP D 153 -31.01 -11.87 -23.61
CA ASP D 153 -29.66 -11.41 -23.89
C ASP D 153 -28.78 -12.62 -24.19
N VAL D 154 -28.02 -12.54 -25.28
CA VAL D 154 -27.22 -13.64 -25.79
C VAL D 154 -25.76 -13.24 -25.73
N VAL D 155 -24.94 -14.10 -25.14
CA VAL D 155 -23.52 -13.84 -24.92
C VAL D 155 -22.71 -14.27 -26.12
N TYR D 156 -21.67 -13.50 -26.42
CA TYR D 156 -20.67 -13.87 -27.43
C TYR D 156 -19.30 -13.43 -26.95
N SER D 157 -18.27 -14.07 -27.50
CA SER D 157 -16.90 -13.78 -27.10
C SER D 157 -16.26 -12.79 -28.05
N ASP D 158 -15.48 -11.86 -27.48
CA ASP D 158 -14.65 -10.96 -28.27
C ASP D 158 -13.28 -11.53 -28.57
N HIS D 159 -12.70 -12.22 -27.58
CA HIS D 159 -11.34 -12.74 -27.67
C HIS D 159 -11.27 -14.05 -26.91
N CYS D 160 -10.69 -15.07 -27.54
CA CYS D 160 -10.52 -16.36 -26.91
C CYS D 160 -9.07 -16.55 -26.50
N PHE D 161 -8.86 -17.16 -25.34
CA PHE D 161 -7.53 -17.38 -24.79
C PHE D 161 -7.39 -18.84 -24.37
N SER D 162 -6.30 -19.46 -24.80
CA SER D 162 -5.94 -20.81 -24.37
C SER D 162 -4.77 -20.73 -23.39
N VAL D 163 -4.76 -21.67 -22.44
CA VAL D 163 -3.70 -21.78 -21.44
C VAL D 163 -3.29 -23.24 -21.34
N ASN D 164 -2.06 -23.46 -20.89
CA ASN D 164 -1.60 -24.80 -20.63
C ASN D 164 -2.23 -25.35 -19.35
N SER D 165 -2.08 -26.66 -19.14
CA SER D 165 -2.73 -27.32 -18.01
C SER D 165 -2.19 -26.85 -16.67
N ASP D 166 -0.96 -26.34 -16.63
CA ASP D 166 -0.35 -25.88 -15.38
C ASP D 166 -0.64 -24.42 -15.09
N PHE D 167 -1.54 -23.79 -15.84
CA PHE D 167 -1.78 -22.36 -15.67
C PHE D 167 -2.49 -22.06 -14.36
N CYS D 168 -2.09 -20.94 -13.75
CA CYS D 168 -2.73 -20.38 -12.59
C CYS D 168 -2.58 -18.87 -12.69
N PRO D 169 -3.66 -18.10 -12.48
CA PRO D 169 -3.59 -16.64 -12.63
C PRO D 169 -3.19 -15.88 -11.36
N CYS D 170 -2.96 -16.55 -10.25
CA CYS D 170 -2.63 -15.88 -9.00
C CYS D 170 -1.13 -15.84 -8.76
N ALA D 171 -0.69 -14.77 -8.12
CA ALA D 171 0.71 -14.65 -7.75
C ALA D 171 0.99 -15.39 -6.45
N ASP D 172 2.25 -15.75 -6.26
CA ASP D 172 2.67 -16.47 -5.06
C ASP D 172 2.70 -15.51 -3.88
N PRO D 173 1.98 -15.81 -2.78
CA PRO D 173 2.01 -14.92 -1.62
C PRO D 173 3.40 -14.73 -1.02
N SER D 174 4.24 -15.76 -1.06
CA SER D 174 5.59 -15.63 -0.50
C SER D 174 6.39 -14.57 -1.24
N VAL D 175 6.20 -14.47 -2.57
CA VAL D 175 6.85 -13.44 -3.35
C VAL D 175 6.17 -12.09 -3.15
N VAL D 176 4.83 -12.08 -3.14
CA VAL D 176 4.09 -10.83 -3.01
C VAL D 176 4.37 -10.15 -1.67
N ASN D 177 4.70 -10.93 -0.64
CA ASN D 177 5.00 -10.34 0.67
C ASN D 177 6.16 -9.36 0.60
N SER D 178 7.05 -9.51 -0.37
CA SER D 178 8.17 -8.59 -0.55
C SER D 178 7.85 -7.44 -1.51
N CYS D 179 6.69 -7.46 -2.16
CA CYS D 179 6.32 -6.39 -3.09
C CYS D 179 6.18 -5.07 -2.36
N ALA D 180 6.85 -4.04 -2.88
CA ALA D 180 6.72 -2.68 -2.37
C ALA D 180 5.88 -1.80 -3.27
N LYS D 181 5.85 -2.07 -4.56
CA LYS D 181 5.09 -1.29 -5.52
C LYS D 181 4.31 -2.23 -6.44
N SER D 182 3.08 -1.84 -6.76
CA SER D 182 2.21 -2.63 -7.63
C SER D 182 2.02 -4.04 -7.08
N LYS D 183 1.72 -4.12 -5.79
CA LYS D 183 1.52 -5.38 -5.09
C LYS D 183 0.30 -6.09 -5.66
N PRO D 184 0.47 -7.18 -6.40
CA PRO D 184 -0.68 -7.87 -6.96
C PRO D 184 -1.34 -8.72 -5.90
N PRO D 185 -2.63 -8.98 -6.02
CA PRO D 185 -3.27 -9.91 -5.08
C PRO D 185 -2.75 -11.32 -5.30
N SER D 186 -2.73 -12.11 -4.22
CA SER D 186 -2.12 -13.42 -4.24
C SER D 186 -3.02 -14.44 -3.57
N ALA D 187 -2.79 -15.71 -3.89
CA ALA D 187 -3.58 -16.82 -3.35
C ALA D 187 -2.83 -18.12 -3.62
N ILE D 188 -3.34 -19.20 -3.03
CA ILE D 188 -2.74 -20.52 -3.19
C ILE D 188 -3.25 -21.14 -4.49
N CYS D 189 -2.33 -21.48 -5.40
CA CYS D 189 -2.70 -22.17 -6.62
C CYS D 189 -2.87 -23.66 -6.35
N PRO D 190 -3.76 -24.32 -7.10
CA PRO D 190 -3.90 -25.78 -6.94
C PRO D 190 -2.60 -26.49 -7.27
N ALA D 191 -2.43 -27.67 -6.69
CA ALA D 191 -1.23 -28.46 -6.89
C ALA D 191 -1.00 -28.72 -8.38
N GLY D 192 0.27 -28.77 -8.77
CA GLY D 192 0.65 -29.03 -10.13
C GLY D 192 0.55 -27.83 -11.07
N THR D 193 0.09 -26.68 -10.58
CA THR D 193 0.01 -25.48 -11.37
C THR D 193 1.13 -24.51 -11.00
N LYS D 194 1.45 -23.62 -11.95
CA LYS D 194 2.50 -22.63 -11.76
C LYS D 194 1.87 -21.28 -11.43
N TYR D 195 2.38 -20.65 -10.36
CA TYR D 195 1.91 -19.34 -9.97
C TYR D 195 2.18 -18.31 -11.08
N ARG D 196 1.38 -17.24 -11.07
CA ARG D 196 1.61 -16.13 -11.97
C ARG D 196 3.00 -15.56 -11.76
N HIS D 197 3.74 -15.38 -12.85
CA HIS D 197 5.11 -14.93 -12.77
C HIS D 197 5.17 -13.44 -12.47
N CYS D 198 5.92 -13.08 -11.42
CA CYS D 198 6.16 -11.70 -11.06
C CYS D 198 7.64 -11.51 -10.79
N ASP D 199 8.22 -10.47 -11.38
CA ASP D 199 9.61 -10.13 -11.16
C ASP D 199 9.71 -8.98 -10.17
N LEU D 200 10.65 -9.10 -9.24
CA LEU D 200 11.05 -8.00 -8.38
C LEU D 200 12.16 -7.22 -9.10
N ASP D 201 11.85 -6.00 -9.50
CA ASP D 201 12.77 -5.13 -10.21
C ASP D 201 13.21 -3.99 -9.30
N THR D 202 14.38 -3.44 -9.61
CA THR D 202 14.83 -2.26 -8.87
C THR D 202 15.15 -1.13 -9.85
N THR D 203 14.14 -0.70 -10.61
CA THR D 203 14.30 0.39 -11.57
C THR D 203 14.71 1.69 -10.87
N LEU D 204 15.81 2.29 -11.33
CA LEU D 204 16.32 3.55 -10.81
C LEU D 204 16.40 3.54 -9.29
N TYR D 205 15.67 4.44 -8.64
CA TYR D 205 15.60 4.45 -7.18
C TYR D 205 14.42 3.65 -6.63
N VAL D 206 13.54 3.14 -7.49
CA VAL D 206 12.38 2.37 -7.05
C VAL D 206 12.83 0.94 -6.73
N LYS D 207 12.77 0.57 -5.45
CA LYS D 207 13.18 -0.75 -5.00
C LYS D 207 11.98 -1.67 -4.84
N ASN D 208 12.19 -2.94 -5.13
CA ASN D 208 11.15 -3.97 -4.98
C ASN D 208 9.86 -3.58 -5.71
N TRP D 209 10.03 -3.23 -6.98
CA TRP D 209 8.91 -2.94 -7.87
C TRP D 209 8.46 -4.25 -8.51
N CYS D 210 7.23 -4.67 -8.21
CA CYS D 210 6.72 -5.95 -8.67
C CYS D 210 6.07 -5.76 -10.04
N ARG D 211 6.58 -6.50 -11.03
CA ARG D 211 6.08 -6.44 -12.39
C ARG D 211 5.66 -7.83 -12.82
N CYS D 212 4.38 -8.00 -13.12
CA CYS D 212 3.81 -9.32 -13.34
C CYS D 212 3.36 -9.49 -14.78
N SER D 213 3.05 -10.74 -15.13
CA SER D 213 2.64 -11.09 -16.48
C SER D 213 1.26 -10.52 -16.79
N CYS D 214 0.96 -10.46 -18.09
CA CYS D 214 -0.38 -10.11 -18.59
C CYS D 214 -0.80 -8.70 -18.16
N LEU D 215 0.16 -7.80 -18.04
CA LEU D 215 -0.24 -6.42 -17.77
C LEU D 215 -0.43 -5.66 -19.09
N PRO D 216 -1.44 -4.81 -19.20
CA PRO D 216 -2.48 -4.52 -18.20
C PRO D 216 -3.58 -5.58 -18.17
N ASP D 217 -3.80 -6.27 -19.29
CA ASP D 217 -4.77 -7.35 -19.38
C ASP D 217 -4.37 -8.25 -20.54
N PRO D 218 -4.80 -9.51 -20.53
CA PRO D 218 -4.36 -10.43 -21.60
C PRO D 218 -4.80 -10.00 -23.00
N ILE D 219 -5.76 -9.07 -23.11
CA ILE D 219 -6.18 -8.62 -24.43
C ILE D 219 -5.23 -7.56 -24.96
N SER D 220 -4.81 -6.61 -24.13
CA SER D 220 -3.96 -5.50 -24.55
C SER D 220 -2.58 -5.56 -23.91
N THR D 221 -2.14 -6.73 -23.46
CA THR D 221 -0.86 -6.85 -22.78
C THR D 221 0.26 -6.35 -23.67
N TYR D 222 1.14 -5.52 -23.09
CA TYR D 222 2.29 -5.03 -23.83
C TYR D 222 3.28 -6.15 -24.15
N SER D 223 3.22 -7.26 -23.41
CA SER D 223 4.10 -8.40 -23.61
C SER D 223 3.27 -9.67 -23.75
N PRO D 224 2.73 -9.93 -24.94
CA PRO D 224 2.01 -11.19 -25.15
C PRO D 224 2.90 -12.41 -24.96
N ASN D 225 4.21 -12.28 -25.20
CA ASN D 225 5.11 -13.42 -25.10
C ASN D 225 5.18 -13.94 -23.66
N THR D 226 5.09 -13.04 -22.68
CA THR D 226 5.19 -13.43 -21.28
C THR D 226 3.85 -13.80 -20.65
N CYS D 227 2.76 -13.39 -21.27
CA CYS D 227 1.45 -13.72 -20.72
C CYS D 227 1.08 -15.15 -21.08
N PRO D 228 0.85 -16.04 -20.11
CA PRO D 228 0.49 -17.43 -20.43
C PRO D 228 -0.85 -17.58 -21.14
N GLN D 229 -1.74 -16.59 -21.03
CA GLN D 229 -3.01 -16.63 -21.74
C GLN D 229 -2.75 -16.22 -23.19
N LYS D 230 -2.84 -17.18 -24.11
CA LYS D 230 -2.50 -16.95 -25.50
C LYS D 230 -3.76 -16.72 -26.32
N LYS D 231 -3.77 -15.65 -27.10
CA LYS D 231 -4.90 -15.37 -27.99
C LYS D 231 -5.04 -16.46 -29.05
N VAL D 232 -6.28 -16.87 -29.30
CA VAL D 232 -6.57 -17.93 -30.26
C VAL D 232 -7.86 -17.60 -31.00
N VAL D 233 -7.94 -18.08 -32.23
CA VAL D 233 -9.16 -18.03 -33.03
C VAL D 233 -9.76 -19.43 -33.03
N VAL D 234 -11.09 -19.50 -32.89
CA VAL D 234 -11.75 -20.80 -32.81
C VAL D 234 -11.59 -21.55 -34.12
N GLY D 235 -11.32 -22.85 -34.00
CA GLY D 235 -11.29 -23.73 -35.15
C GLY D 235 -12.66 -24.27 -35.49
N ILE D 236 -12.71 -25.00 -36.61
CA ILE D 236 -13.96 -25.57 -37.06
C ILE D 236 -14.40 -26.64 -36.06
N GLY D 237 -15.65 -26.53 -35.60
CA GLY D 237 -16.15 -27.46 -34.62
C GLY D 237 -15.61 -27.27 -33.23
N GLU D 238 -14.95 -26.15 -32.95
CA GLU D 238 -14.41 -25.87 -31.63
C GLU D 238 -15.18 -24.72 -30.98
N HIS D 239 -15.30 -24.79 -29.66
CA HIS D 239 -15.80 -23.68 -28.86
C HIS D 239 -14.64 -22.78 -28.42
N CYS D 240 -15.00 -21.61 -27.90
CA CYS D 240 -14.01 -20.70 -27.34
C CYS D 240 -13.34 -21.35 -26.14
N PRO D 241 -12.02 -21.52 -26.14
CA PRO D 241 -11.36 -22.17 -24.99
C PRO D 241 -11.43 -21.38 -23.71
N GLY D 242 -11.60 -20.06 -23.78
CA GLY D 242 -11.78 -19.29 -22.57
C GLY D 242 -11.71 -17.78 -22.74
N LEU D 243 -12.42 -17.06 -21.87
CA LEU D 243 -12.34 -15.61 -21.84
C LEU D 243 -11.04 -15.17 -21.19
N GLY D 244 -10.59 -13.97 -21.57
CA GLY D 244 -9.40 -13.42 -20.96
C GLY D 244 -9.62 -13.11 -19.48
N ILE D 245 -8.61 -13.40 -18.67
CA ILE D 245 -8.67 -13.18 -17.23
C ILE D 245 -7.70 -12.06 -16.88
N ASN D 246 -8.22 -11.00 -16.27
CA ASN D 246 -7.36 -9.96 -15.70
C ASN D 246 -6.76 -10.51 -14.41
N GLU D 247 -5.49 -10.92 -14.49
CA GLU D 247 -4.85 -11.56 -13.34
C GLU D 247 -4.72 -10.63 -12.14
N GLU D 248 -4.88 -9.32 -12.34
CA GLU D 248 -4.83 -8.37 -11.24
C GLU D 248 -6.06 -8.43 -10.34
N LYS D 249 -7.06 -9.23 -10.69
CA LYS D 249 -8.27 -9.35 -9.88
C LYS D 249 -8.50 -10.79 -9.43
N CYS D 250 -7.43 -11.57 -9.30
CA CYS D 250 -7.56 -12.99 -9.01
C CYS D 250 -7.00 -13.42 -7.66
N GLY D 251 -6.14 -12.63 -7.04
CA GLY D 251 -5.68 -13.00 -5.72
C GLY D 251 -6.56 -12.53 -4.60
N THR D 252 -7.78 -12.10 -4.90
CA THR D 252 -8.70 -11.65 -3.86
C THR D 252 -8.85 -12.71 -2.77
N GLN D 253 -9.04 -13.96 -3.17
CA GLN D 253 -9.12 -15.09 -2.25
C GLN D 253 -10.13 -14.80 -1.14
N LEU D 254 -11.32 -14.36 -1.55
CA LEU D 254 -12.36 -13.97 -0.61
C LEU D 254 -12.77 -15.13 0.29
N ASN D 255 -12.74 -16.36 -0.22
CA ASN D 255 -13.06 -17.53 0.59
C ASN D 255 -12.42 -18.76 -0.06
N HIS D 256 -12.69 -19.93 0.52
CA HIS D 256 -12.24 -21.23 0.04
C HIS D 256 -10.72 -21.39 0.12
N SER D 257 -10.01 -20.32 0.49
CA SER D 257 -8.54 -20.34 0.61
C SER D 257 -7.89 -20.90 -0.64
N SER D 258 -8.33 -20.40 -1.80
CA SER D 258 -7.81 -20.86 -3.07
C SER D 258 -7.86 -19.70 -4.07
N CYS D 259 -7.06 -19.82 -5.12
CA CYS D 259 -7.02 -18.80 -6.16
C CYS D 259 -8.39 -18.63 -6.79
N PHE D 260 -8.95 -17.43 -6.65
CA PHE D 260 -10.31 -17.15 -7.14
C PHE D 260 -10.39 -15.75 -7.73
N CYS D 261 -10.91 -15.66 -8.95
CA CYS D 261 -11.01 -14.39 -9.66
C CYS D 261 -12.41 -13.82 -9.54
N SER D 262 -12.49 -12.51 -9.30
CA SER D 262 -13.78 -11.83 -9.24
C SER D 262 -14.45 -11.91 -10.61
N PRO D 263 -15.79 -11.84 -10.65
CA PRO D 263 -16.50 -11.98 -11.93
C PRO D 263 -16.13 -10.91 -12.95
N ASP D 264 -15.79 -9.71 -12.50
CA ASP D 264 -15.41 -8.64 -13.43
C ASP D 264 -13.97 -8.76 -13.90
N ALA D 265 -13.27 -9.84 -13.56
CA ALA D 265 -11.94 -10.10 -14.10
C ALA D 265 -11.98 -10.75 -15.48
N PHE D 266 -13.09 -11.39 -15.83
CA PHE D 266 -13.21 -12.06 -17.13
C PHE D 266 -13.55 -11.02 -18.19
N LEU D 267 -12.72 -10.95 -19.22
CA LEU D 267 -12.79 -9.91 -20.23
C LEU D 267 -13.03 -10.53 -21.60
N GLY D 268 -13.22 -9.66 -22.59
CA GLY D 268 -13.33 -10.11 -23.96
C GLY D 268 -14.62 -10.81 -24.29
N TRP D 269 -15.72 -10.39 -23.66
CA TRP D 269 -17.03 -10.95 -23.93
C TRP D 269 -18.07 -9.85 -23.87
N SER D 270 -19.17 -10.04 -24.59
CA SER D 270 -20.26 -9.08 -24.61
C SER D 270 -21.57 -9.84 -24.82
N PHE D 271 -22.65 -9.07 -24.95
CA PHE D 271 -23.95 -9.69 -25.19
C PHE D 271 -24.83 -8.70 -25.95
N ASP D 272 -25.85 -9.26 -26.62
CA ASP D 272 -26.88 -8.45 -27.25
C ASP D 272 -28.16 -9.25 -27.30
N SER D 273 -29.29 -8.54 -27.37
CA SER D 273 -30.57 -9.22 -27.45
C SER D 273 -30.77 -9.83 -28.84
N CYS D 274 -31.48 -10.96 -28.87
CA CYS D 274 -31.84 -11.61 -30.13
C CYS D 274 -33.19 -11.15 -30.66
N ILE D 275 -33.89 -10.30 -29.91
CA ILE D 275 -35.29 -10.03 -30.21
C ILE D 275 -35.41 -9.14 -31.45
N SER D 276 -36.25 -9.56 -32.39
CA SER D 276 -36.63 -8.75 -33.53
C SER D 276 -38.07 -9.09 -33.91
N ASN D 277 -38.92 -8.06 -33.95
CA ASN D 277 -40.34 -8.23 -34.26
C ASN D 277 -40.99 -9.24 -33.32
N ASN D 278 -40.69 -9.10 -32.03
CA ASN D 278 -41.20 -10.00 -30.98
C ASN D 278 -40.83 -11.46 -31.25
N ARG D 279 -39.69 -11.69 -31.90
CA ARG D 279 -39.17 -13.04 -32.11
C ARG D 279 -37.67 -13.04 -31.90
N CYS D 280 -37.15 -14.17 -31.45
CA CYS D 280 -35.73 -14.36 -31.20
C CYS D 280 -35.12 -15.04 -32.43
N ASN D 281 -34.11 -14.38 -33.02
CA ASN D 281 -33.45 -14.91 -34.20
C ASN D 281 -32.45 -15.99 -33.82
N ILE D 282 -32.40 -17.06 -34.61
CA ILE D 282 -31.56 -18.21 -34.36
C ILE D 282 -30.86 -18.60 -35.64
N PHE D 283 -29.59 -18.98 -35.53
CA PHE D 283 -28.80 -19.48 -36.64
C PHE D 283 -28.59 -20.98 -36.47
N SER D 284 -28.61 -21.70 -37.59
CA SER D 284 -28.26 -23.12 -37.59
C SER D 284 -27.44 -23.42 -38.85
N ASN D 285 -26.46 -24.30 -38.68
CA ASN D 285 -25.60 -24.76 -39.76
C ASN D 285 -25.83 -26.25 -39.95
N PHE D 286 -26.21 -26.63 -41.17
CA PHE D 286 -26.39 -28.02 -41.56
C PHE D 286 -25.16 -28.45 -42.36
N ILE D 287 -24.45 -29.46 -41.86
CA ILE D 287 -23.30 -30.03 -42.54
C ILE D 287 -23.72 -31.41 -43.03
N PHE D 288 -23.69 -31.58 -44.35
CA PHE D 288 -24.18 -32.81 -44.99
C PHE D 288 -23.00 -33.73 -45.26
N ASN D 289 -22.87 -34.77 -44.43
CA ASN D 289 -21.75 -35.69 -44.52
C ASN D 289 -22.19 -36.91 -45.32
N GLY D 290 -21.47 -37.18 -46.41
CA GLY D 290 -21.74 -38.30 -47.28
C GLY D 290 -22.93 -38.10 -48.20
N ILE D 291 -22.81 -37.17 -49.15
CA ILE D 291 -23.90 -36.92 -50.10
C ILE D 291 -24.07 -38.13 -51.01
N ASN D 292 -25.32 -38.50 -51.27
CA ASN D 292 -25.67 -39.64 -52.12
C ASN D 292 -25.13 -40.95 -51.54
N SER D 293 -25.06 -41.03 -50.22
CA SER D 293 -24.66 -42.26 -49.54
C SER D 293 -25.40 -42.35 -48.22
N GLY D 294 -25.31 -43.52 -47.59
CA GLY D 294 -25.83 -43.67 -46.24
C GLY D 294 -27.32 -43.98 -46.18
N THR D 295 -27.92 -43.64 -45.04
CA THR D 295 -29.31 -44.00 -44.78
C THR D 295 -30.14 -42.84 -44.23
N THR D 296 -29.57 -41.65 -44.10
CA THR D 296 -30.33 -40.47 -43.71
C THR D 296 -30.89 -39.85 -44.97
N CYS D 297 -32.14 -40.18 -45.29
CA CYS D 297 -32.69 -39.97 -46.61
C CYS D 297 -33.88 -39.01 -46.60
N SER D 298 -34.03 -38.29 -47.71
CA SER D 298 -35.13 -37.36 -47.89
C SER D 298 -36.38 -38.08 -48.38
N ASN D 299 -37.51 -37.84 -47.71
CA ASN D 299 -38.80 -38.33 -48.14
C ASN D 299 -39.60 -37.30 -48.93
N ASP D 300 -38.96 -36.20 -49.34
CA ASP D 300 -39.66 -35.18 -50.12
C ASP D 300 -40.04 -35.71 -51.49
N LEU D 301 -39.20 -36.55 -52.08
CA LEU D 301 -39.54 -37.30 -53.28
C LEU D 301 -39.72 -38.76 -52.90
N LEU D 302 -40.68 -39.41 -53.54
CA LEU D 302 -41.02 -40.78 -53.18
C LEU D 302 -39.97 -41.75 -53.70
N TYR D 303 -40.07 -43.00 -53.22
CA TYR D 303 -39.20 -44.06 -53.71
C TYR D 303 -39.66 -44.52 -55.08
N SER D 304 -39.77 -43.58 -56.03
CA SER D 304 -40.04 -43.86 -57.44
C SER D 304 -38.87 -44.54 -58.12
N ASN D 305 -37.81 -44.82 -57.35
CA ASN D 305 -36.72 -45.68 -57.80
C ASN D 305 -37.16 -47.10 -58.13
N THR D 306 -38.45 -47.42 -58.01
CA THR D 306 -38.93 -48.75 -58.40
C THR D 306 -38.58 -49.05 -59.85
N GLU D 307 -38.61 -48.03 -60.71
CA GLU D 307 -38.19 -48.15 -62.10
C GLU D 307 -36.71 -47.76 -62.18
N ILE D 308 -35.86 -48.69 -61.74
CA ILE D 308 -34.41 -48.49 -61.78
C ILE D 308 -33.96 -48.27 -63.22
N SER D 309 -33.26 -47.16 -63.46
CA SER D 309 -32.77 -46.87 -64.81
C SER D 309 -31.67 -47.85 -65.17
N THR D 310 -31.91 -48.64 -66.21
CA THR D 310 -30.97 -49.66 -66.65
C THR D 310 -30.25 -49.22 -67.92
N GLY D 311 -29.00 -49.62 -68.04
CA GLY D 311 -28.20 -49.33 -69.22
C GLY D 311 -27.51 -47.99 -69.20
N VAL D 312 -27.73 -47.18 -68.16
CA VAL D 312 -27.11 -45.87 -68.02
C VAL D 312 -26.28 -45.86 -66.73
N CYS D 313 -25.16 -45.15 -66.76
CA CYS D 313 -24.32 -45.03 -65.57
C CYS D 313 -25.02 -44.14 -64.55
N VAL D 314 -25.30 -44.71 -63.38
CA VAL D 314 -25.97 -44.00 -62.30
C VAL D 314 -25.28 -44.30 -60.98
N ASN D 315 -25.35 -43.34 -60.06
CA ASN D 315 -25.00 -43.62 -58.68
C ASN D 315 -26.10 -44.45 -58.04
N TYR D 316 -25.71 -45.34 -57.13
CA TYR D 316 -26.71 -46.15 -56.45
C TYR D 316 -26.39 -46.22 -54.97
N ASP D 317 -27.46 -46.27 -54.16
CA ASP D 317 -27.38 -46.52 -52.72
C ASP D 317 -28.44 -47.56 -52.42
N LEU D 318 -28.04 -48.82 -52.38
CA LEU D 318 -28.97 -49.95 -52.24
C LEU D 318 -28.86 -50.48 -50.82
N TYR D 319 -29.74 -50.02 -49.93
CA TYR D 319 -29.79 -50.46 -48.54
C TYR D 319 -28.48 -50.22 -47.81
N GLY D 320 -27.74 -49.17 -48.18
CA GLY D 320 -26.50 -48.82 -47.54
C GLY D 320 -25.24 -49.14 -48.33
N ILE D 321 -25.32 -49.99 -49.35
CA ILE D 321 -24.16 -50.30 -50.18
C ILE D 321 -24.07 -49.22 -51.26
N THR D 322 -23.04 -48.38 -51.18
CA THR D 322 -22.87 -47.26 -52.10
C THR D 322 -21.88 -47.61 -53.21
N GLY D 323 -22.19 -47.14 -54.42
CA GLY D 323 -21.29 -47.32 -55.53
C GLY D 323 -21.84 -46.68 -56.78
N GLN D 324 -21.20 -46.99 -57.91
CA GLN D 324 -21.64 -46.53 -59.21
C GLN D 324 -21.54 -47.68 -60.20
N GLY D 325 -22.49 -47.76 -61.12
CA GLY D 325 -22.45 -48.82 -62.10
C GLY D 325 -23.61 -48.74 -63.07
N ILE D 326 -23.57 -49.63 -64.06
CA ILE D 326 -24.57 -49.71 -65.12
C ILE D 326 -25.49 -50.89 -64.82
N PHE D 327 -26.78 -50.60 -64.64
CA PHE D 327 -27.75 -51.66 -64.37
C PHE D 327 -28.19 -52.33 -65.67
N LYS D 328 -28.24 -53.66 -65.66
CA LYS D 328 -28.76 -54.47 -66.76
C LYS D 328 -29.62 -55.56 -66.16
N GLU D 329 -30.91 -55.57 -66.50
CA GLU D 329 -31.83 -56.54 -65.92
C GLU D 329 -31.48 -57.96 -66.38
N VAL D 330 -31.46 -58.89 -65.42
CA VAL D 330 -31.02 -60.26 -65.64
C VAL D 330 -31.90 -61.21 -64.83
N SER D 331 -31.91 -62.49 -65.22
CA SER D 331 -32.66 -63.53 -64.53
C SER D 331 -31.77 -64.32 -63.56
N ALA D 332 -32.39 -65.21 -62.80
CA ALA D 332 -31.68 -66.03 -61.82
C ALA D 332 -30.78 -67.08 -62.45
N VAL D 333 -31.01 -67.43 -63.73
CA VAL D 333 -30.20 -68.46 -64.37
C VAL D 333 -28.76 -68.00 -64.53
N TYR D 334 -28.56 -66.71 -64.82
CA TYR D 334 -27.20 -66.20 -65.01
C TYR D 334 -26.40 -66.24 -63.72
N TYR D 335 -27.07 -66.04 -62.57
CA TYR D 335 -26.37 -66.18 -61.30
C TYR D 335 -26.04 -67.64 -61.00
N ASN D 336 -26.83 -68.58 -61.52
CA ASN D 336 -26.54 -70.00 -61.37
C ASN D 336 -25.20 -70.38 -61.99
N ASN D 348 -15.96 -58.94 -60.61
CA ASN D 348 -15.89 -57.90 -61.63
C ASN D 348 -17.21 -57.14 -61.73
N ILE D 349 -18.30 -57.83 -61.36
CA ILE D 349 -19.66 -57.33 -61.53
C ILE D 349 -20.45 -57.67 -60.28
N ILE D 350 -21.43 -56.82 -59.96
CA ILE D 350 -22.32 -57.06 -58.82
C ILE D 350 -23.75 -57.11 -59.35
N GLY D 351 -24.72 -57.36 -58.47
CA GLY D 351 -26.12 -57.40 -58.85
C GLY D 351 -26.95 -57.60 -57.60
N PHE D 352 -28.24 -57.26 -57.73
CA PHE D 352 -29.11 -57.34 -56.57
C PHE D 352 -30.54 -57.64 -57.01
N LYS D 353 -31.34 -58.12 -56.05
CA LYS D 353 -32.76 -58.38 -56.26
C LYS D 353 -33.55 -57.27 -55.57
N ASP D 354 -34.21 -56.43 -56.36
CA ASP D 354 -35.08 -55.37 -55.86
C ASP D 354 -36.34 -55.98 -55.27
N PHE D 355 -36.44 -56.00 -53.94
CA PHE D 355 -37.54 -56.67 -53.28
C PHE D 355 -38.89 -56.00 -53.55
N LEU D 356 -38.91 -54.77 -54.07
CA LEU D 356 -40.19 -54.16 -54.43
C LEU D 356 -40.81 -54.83 -55.63
N THR D 357 -40.00 -55.17 -56.64
CA THR D 357 -40.48 -55.84 -57.84
C THR D 357 -39.93 -57.26 -58.00
N ASN D 358 -39.04 -57.69 -57.11
CA ASN D 358 -38.36 -58.98 -57.19
C ASN D 358 -37.57 -59.15 -58.49
N LYS D 359 -37.25 -58.04 -59.16
CA LYS D 359 -36.44 -58.09 -60.38
C LYS D 359 -34.96 -58.10 -60.02
N THR D 360 -34.21 -58.99 -60.65
CA THR D 360 -32.76 -59.08 -60.46
C THR D 360 -32.04 -58.28 -61.55
N TYR D 361 -30.90 -57.70 -61.17
CA TYR D 361 -30.12 -56.85 -62.06
C TYR D 361 -28.64 -57.21 -61.95
N THR D 362 -27.84 -56.64 -62.84
CA THR D 362 -26.39 -56.68 -62.76
C THR D 362 -25.86 -55.25 -62.79
N ILE D 363 -24.67 -55.06 -62.23
CA ILE D 363 -24.06 -53.74 -62.09
C ILE D 363 -22.62 -53.82 -62.59
N LEU D 364 -22.34 -53.19 -63.73
CA LEU D 364 -21.06 -53.05 -64.38
C LEU D 364 -20.44 -51.69 -64.06
N PRO D 365 -19.14 -51.65 -63.75
CA PRO D 365 -18.51 -50.36 -63.42
C PRO D 365 -18.45 -49.45 -64.64
N CYS D 366 -18.64 -48.15 -64.40
CA CYS D 366 -18.64 -47.16 -65.47
C CYS D 366 -17.22 -46.88 -65.94
N THR E 10 -33.92 55.58 11.00
CA THR E 10 -32.52 55.36 11.41
C THR E 10 -31.57 55.66 10.25
N VAL E 11 -30.59 56.53 10.51
CA VAL E 11 -29.60 56.92 9.52
C VAL E 11 -28.28 56.24 9.88
N TYR E 12 -27.84 55.30 9.04
CA TYR E 12 -26.63 54.52 9.28
C TYR E 12 -25.56 54.96 8.29
N ARG E 13 -24.40 55.35 8.81
CA ARG E 13 -23.27 55.81 8.00
C ARG E 13 -21.98 55.14 8.46
N ARG E 14 -21.46 54.22 7.63
CA ARG E 14 -20.21 53.55 7.96
C ARG E 14 -19.03 54.50 7.74
N ILE E 15 -17.94 54.23 8.44
CA ILE E 15 -16.74 55.08 8.32
C ILE E 15 -16.13 54.91 6.93
N PRO E 16 -15.87 56.01 6.22
CA PRO E 16 -15.41 55.92 4.82
C PRO E 16 -13.93 55.58 4.69
N ASN E 17 -13.58 55.12 3.48
CA ASN E 17 -12.19 54.91 3.05
C ASN E 17 -11.47 53.86 3.88
N LEU E 18 -12.20 52.89 4.41
CA LEU E 18 -11.54 51.76 5.03
C LEU E 18 -11.04 50.79 3.95
N PRO E 19 -9.86 50.22 4.10
CA PRO E 19 -9.31 49.34 3.07
C PRO E 19 -10.02 47.99 3.03
N ASP E 20 -9.77 47.27 1.94
CA ASP E 20 -10.25 45.88 1.85
C ASP E 20 -9.43 44.99 2.77
N CYS E 21 -10.09 44.02 3.39
CA CYS E 21 -9.39 43.15 4.34
C CYS E 21 -8.49 42.15 3.63
N ASP E 22 -8.82 41.80 2.39
CA ASP E 22 -8.05 40.82 1.61
C ASP E 22 -7.91 39.50 2.37
N ILE E 23 -8.99 39.09 3.03
CA ILE E 23 -8.98 37.82 3.74
C ILE E 23 -8.80 36.66 2.77
N ASP E 24 -9.30 36.80 1.55
CA ASP E 24 -9.07 35.77 0.53
C ASP E 24 -7.59 35.62 0.22
N ASN E 25 -6.87 36.74 0.13
CA ASN E 25 -5.42 36.67 -0.07
C ASN E 25 -4.74 35.95 1.07
N TRP E 26 -5.25 36.09 2.29
CA TRP E 26 -4.67 35.39 3.43
C TRP E 26 -4.96 33.89 3.35
N LEU E 27 -6.22 33.51 3.13
CA LEU E 27 -6.57 32.10 3.10
C LEU E 27 -5.94 31.38 1.91
N ASN E 28 -5.80 32.07 0.78
CA ASN E 28 -5.26 31.49 -0.44
C ASN E 28 -3.75 31.65 -0.54
N ASN E 29 -3.09 32.06 0.54
CA ASN E 29 -1.65 32.21 0.55
C ASN E 29 -0.98 30.88 0.22
N VAL E 30 0.13 30.94 -0.53
CA VAL E 30 0.76 29.71 -1.02
C VAL E 30 1.43 28.96 0.13
N SER E 31 1.94 29.66 1.14
CA SER E 31 2.57 29.03 2.28
C SER E 31 1.48 28.56 3.23
N VAL E 32 1.32 27.25 3.34
CA VAL E 32 0.25 26.63 4.12
C VAL E 32 0.88 25.93 5.33
N PRO E 33 0.57 26.34 6.55
CA PRO E 33 1.16 25.71 7.73
C PRO E 33 0.43 24.43 8.12
N SER E 34 1.15 23.59 8.86
CA SER E 34 0.59 22.39 9.45
C SER E 34 -0.11 22.75 10.77
N PRO E 35 -1.05 21.90 11.23
CA PRO E 35 -1.72 22.19 12.51
C PRO E 35 -0.74 22.39 13.66
N LEU E 36 0.43 21.77 13.61
CA LEU E 36 1.42 21.94 14.65
C LEU E 36 1.85 23.40 14.77
N ASN E 37 1.92 24.10 13.64
CA ASN E 37 2.33 25.50 13.60
C ASN E 37 1.27 26.35 12.91
N TRP E 38 0.00 26.13 13.28
CA TRP E 38 -1.12 26.87 12.70
C TRP E 38 -0.87 28.37 12.77
N GLU E 39 -1.28 29.08 11.71
CA GLU E 39 -0.97 30.50 11.62
C GLU E 39 -2.22 31.35 11.83
N ARG E 40 -2.02 32.55 12.36
CA ARG E 40 -3.12 33.42 12.73
C ARG E 40 -2.95 34.80 12.09
N ARG E 41 -4.06 35.37 11.63
CA ARG E 41 -4.08 36.74 11.14
C ARG E 41 -5.31 37.46 11.68
N ILE E 42 -5.10 38.66 12.24
CA ILE E 42 -6.18 39.45 12.79
C ILE E 42 -6.50 40.58 11.83
N PHE E 43 -7.76 40.68 11.43
CA PHE E 43 -8.22 41.75 10.56
C PHE E 43 -9.00 42.78 11.38
N SER E 44 -8.62 44.03 11.25
CA SER E 44 -9.28 45.13 11.97
C SER E 44 -9.23 46.38 11.10
N ASN E 45 -10.26 47.22 11.26
CA ASN E 45 -10.34 48.51 10.58
C ASN E 45 -10.28 48.36 9.06
N CYS E 46 -11.07 47.42 8.55
CA CYS E 46 -11.16 47.20 7.11
C CYS E 46 -12.56 46.73 6.76
N ASN E 47 -12.88 46.77 5.48
CA ASN E 47 -14.16 46.32 4.97
C ASN E 47 -13.99 45.00 4.27
N PHE E 48 -14.98 44.12 4.41
CA PHE E 48 -14.95 42.80 3.80
C PHE E 48 -16.27 42.53 3.09
N ASN E 49 -16.25 41.53 2.22
CA ASN E 49 -17.41 41.11 1.45
C ASN E 49 -17.49 39.59 1.56
N LEU E 50 -18.39 39.11 2.41
CA LEU E 50 -18.42 37.69 2.72
C LEU E 50 -18.78 36.87 1.49
N SER E 51 -19.67 37.39 0.64
CA SER E 51 -19.98 36.69 -0.60
C SER E 51 -18.77 36.64 -1.52
N THR E 52 -18.04 37.75 -1.64
CA THR E 52 -16.83 37.75 -2.46
C THR E 52 -15.79 36.81 -1.89
N LEU E 53 -15.69 36.75 -0.56
CA LEU E 53 -14.76 35.81 0.07
C LEU E 53 -15.15 34.37 -0.25
N LEU E 54 -16.42 34.02 -0.02
CA LEU E 54 -16.90 32.65 -0.28
C LEU E 54 -16.82 32.28 -1.76
N ARG E 55 -16.77 33.26 -2.66
CA ARG E 55 -16.61 32.94 -4.08
C ARG E 55 -15.13 32.79 -4.46
N LEU E 56 -14.28 33.69 -3.96
CA LEU E 56 -12.85 33.63 -4.31
C LEU E 56 -12.17 32.42 -3.69
N VAL E 57 -12.66 31.95 -2.55
CA VAL E 57 -12.11 30.79 -1.86
C VAL E 57 -12.93 29.57 -2.25
N HIS E 58 -12.26 28.49 -2.66
CA HIS E 58 -12.95 27.26 -3.07
C HIS E 58 -13.52 26.60 -1.82
N VAL E 59 -14.70 27.05 -1.42
CA VAL E 59 -15.30 26.65 -0.15
C VAL E 59 -15.96 25.29 -0.30
N ASP E 60 -15.55 24.34 0.54
CA ASP E 60 -16.23 23.06 0.64
C ASP E 60 -17.32 23.08 1.70
N SER E 61 -17.05 23.73 2.83
CA SER E 61 -18.01 23.80 3.92
C SER E 61 -17.79 25.08 4.70
N PHE E 62 -18.89 25.63 5.21
CA PHE E 62 -18.84 26.82 6.07
C PHE E 62 -19.99 26.73 7.04
N SER E 63 -19.68 26.74 8.34
CA SER E 63 -20.74 26.68 9.34
C SER E 63 -20.32 27.45 10.58
N CYS E 64 -21.28 28.10 11.22
CA CYS E 64 -20.98 28.99 12.33
C CYS E 64 -21.60 28.46 13.63
N ASN E 65 -20.91 28.76 14.73
CA ASN E 65 -21.34 28.44 16.09
C ASN E 65 -21.33 29.72 16.91
N ASN E 66 -22.36 29.88 17.74
CA ASN E 66 -22.56 31.09 18.55
C ASN E 66 -22.68 32.35 17.69
N LEU E 67 -23.16 32.18 16.47
CA LEU E 67 -23.33 33.31 15.55
C LEU E 67 -24.26 32.89 14.44
N ASP E 68 -25.21 33.77 14.10
CA ASP E 68 -26.09 33.51 12.97
C ASP E 68 -25.33 33.80 11.69
N LYS E 69 -25.29 32.80 10.80
CA LYS E 69 -24.61 32.95 9.52
C LYS E 69 -25.10 34.17 8.75
N SER E 70 -26.42 34.37 8.70
CA SER E 70 -26.98 35.44 7.90
C SER E 70 -26.69 36.82 8.48
N LYS E 71 -26.53 36.92 9.79
CA LYS E 71 -26.35 38.21 10.44
C LYS E 71 -24.94 38.78 10.27
N ILE E 72 -24.02 38.02 9.67
CA ILE E 72 -22.69 38.56 9.39
C ILE E 72 -22.78 39.68 8.36
N PHE E 73 -23.67 39.54 7.39
CA PHE E 73 -23.75 40.49 6.29
C PHE E 73 -24.33 41.81 6.77
N GLY E 74 -23.64 42.90 6.45
CA GLY E 74 -24.01 44.22 6.90
C GLY E 74 -23.56 44.56 8.30
N SER E 75 -23.09 43.59 9.07
CA SER E 75 -22.67 43.82 10.44
C SER E 75 -21.21 44.27 10.49
N CYS E 76 -20.85 44.89 11.61
CA CYS E 76 -19.49 45.32 11.90
C CYS E 76 -18.94 44.51 13.07
N PHE E 77 -17.62 44.42 13.13
CA PHE E 77 -16.96 43.70 14.21
C PHE E 77 -15.73 44.50 14.66
N ASN E 78 -15.38 44.36 15.94
CA ASN E 78 -14.15 44.94 16.43
C ASN E 78 -12.94 44.34 15.72
N SER E 79 -12.92 43.02 15.57
CA SER E 79 -11.87 42.35 14.84
C SER E 79 -12.36 40.98 14.38
N ILE E 80 -11.68 40.43 13.38
CA ILE E 80 -11.93 39.07 12.93
C ILE E 80 -10.59 38.33 12.95
N THR E 81 -10.49 37.32 13.80
CA THR E 81 -9.29 36.51 13.90
C THR E 81 -9.45 35.28 13.02
N VAL E 82 -8.51 35.08 12.09
CA VAL E 82 -8.57 33.96 11.16
C VAL E 82 -7.36 33.09 11.42
N ASP E 83 -7.59 31.90 11.97
CA ASP E 83 -6.57 30.88 12.12
C ASP E 83 -6.69 29.89 10.98
N LYS E 84 -5.55 29.38 10.50
CA LYS E 84 -5.56 28.49 9.35
C LYS E 84 -4.48 27.43 9.50
N PHE E 85 -4.75 26.26 8.90
CA PHE E 85 -3.77 25.20 8.75
C PHE E 85 -4.30 24.15 7.77
N ALA E 86 -3.37 23.42 7.15
CA ALA E 86 -3.74 22.33 6.26
C ALA E 86 -4.31 21.16 7.06
N ILE E 87 -5.23 20.42 6.45
CA ILE E 87 -5.94 19.32 7.11
C ILE E 87 -5.26 18.01 6.71
N PRO E 88 -4.60 17.31 7.63
CA PRO E 88 -4.26 15.91 7.37
C PRO E 88 -5.52 15.07 7.31
N ASN E 89 -5.64 14.28 6.24
CA ASN E 89 -6.94 13.69 5.89
C ASN E 89 -7.49 12.82 7.02
N ARG E 90 -6.70 11.83 7.46
CA ARG E 90 -7.19 10.93 8.49
C ARG E 90 -7.61 11.64 9.78
N ARG E 91 -7.32 12.93 9.91
CA ARG E 91 -7.62 13.67 11.12
C ARG E 91 -8.74 14.69 10.94
N ARG E 92 -9.42 14.68 9.79
CA ARG E 92 -10.47 15.68 9.55
C ARG E 92 -11.54 15.64 10.64
N ASP E 93 -11.92 14.44 11.08
CA ASP E 93 -12.94 14.30 12.10
C ASP E 93 -12.52 14.90 13.44
N ASP E 94 -11.21 15.11 13.65
CA ASP E 94 -10.75 15.78 14.86
C ASP E 94 -11.17 17.24 14.90
N LEU E 95 -11.65 17.80 13.80
CA LEU E 95 -12.03 19.20 13.73
C LEU E 95 -13.47 19.45 14.13
N GLN E 96 -14.23 18.41 14.47
CA GLN E 96 -15.58 18.60 15.00
C GLN E 96 -15.54 19.39 16.29
N LEU E 97 -16.53 20.27 16.47
CA LEU E 97 -16.58 21.10 17.67
C LEU E 97 -16.60 20.23 18.92
N GLY E 98 -15.69 20.51 19.84
CA GLY E 98 -15.61 19.78 21.09
C GLY E 98 -14.99 18.40 20.98
N SER E 99 -14.50 18.01 19.81
CA SER E 99 -13.87 16.70 19.65
C SER E 99 -12.60 16.63 20.47
N SER E 100 -12.32 15.42 20.98
CA SER E 100 -11.07 15.14 21.69
C SER E 100 -10.02 14.52 20.78
N GLY E 101 -10.12 14.75 19.48
CA GLY E 101 -9.15 14.21 18.54
C GLY E 101 -7.78 14.87 18.68
N PHE E 102 -6.82 14.29 17.94
CA PHE E 102 -5.43 14.71 18.07
C PHE E 102 -5.23 16.17 17.69
N LEU E 103 -5.97 16.66 16.70
CA LEU E 103 -5.76 18.02 16.23
C LEU E 103 -6.12 19.04 17.30
N GLN E 104 -7.29 18.90 17.92
CA GLN E 104 -7.69 19.84 18.97
C GLN E 104 -7.06 19.52 20.32
N SER E 105 -6.47 18.35 20.48
CA SER E 105 -5.80 17.99 21.74
C SER E 105 -4.34 18.41 21.76
N SER E 106 -3.69 18.48 20.59
CA SER E 106 -2.26 18.67 20.55
C SER E 106 -1.80 19.65 19.48
N ASN E 107 -2.70 20.40 18.85
CA ASN E 107 -2.30 21.35 17.81
C ASN E 107 -3.05 22.66 17.91
N TYR E 108 -4.38 22.63 17.78
CA TYR E 108 -5.17 23.85 17.85
C TYR E 108 -6.53 23.51 18.44
N LYS E 109 -6.84 24.07 19.61
CA LYS E 109 -8.13 23.85 20.26
C LYS E 109 -9.12 24.91 19.77
N ILE E 110 -10.24 24.46 19.22
CA ILE E 110 -11.28 25.37 18.74
C ILE E 110 -12.06 25.90 19.92
N ASP E 111 -12.04 27.23 20.10
CA ASP E 111 -12.79 27.86 21.18
C ASP E 111 -14.28 27.74 20.86
N ILE E 112 -14.96 26.84 21.56
CA ILE E 112 -16.39 26.64 21.31
C ILE E 112 -17.26 27.70 21.94
N SER E 113 -16.71 28.52 22.85
CA SER E 113 -17.47 29.57 23.51
C SER E 113 -17.51 30.86 22.70
N SER E 114 -16.55 31.08 21.81
CA SER E 114 -16.53 32.29 21.01
C SER E 114 -17.52 32.20 19.86
N SER E 115 -17.94 33.37 19.39
CA SER E 115 -18.74 33.46 18.16
C SER E 115 -17.80 33.19 16.98
N SER E 116 -17.86 31.97 16.45
CA SER E 116 -16.87 31.53 15.48
C SER E 116 -17.56 30.87 14.28
N CYS E 117 -16.79 30.74 13.21
CA CYS E 117 -17.23 30.06 12.00
C CYS E 117 -16.09 29.22 11.47
N GLN E 118 -16.38 27.97 11.13
CA GLN E 118 -15.40 27.03 10.61
C GLN E 118 -15.57 26.97 9.09
N LEU E 119 -14.48 27.24 8.38
CA LEU E 119 -14.44 27.25 6.92
C LEU E 119 -13.47 26.17 6.47
N TYR E 120 -14.01 25.13 5.83
CA TYR E 120 -13.22 24.09 5.18
C TYR E 120 -13.17 24.42 3.69
N TYR E 121 -11.97 24.59 3.16
CA TYR E 121 -11.81 24.91 1.75
C TYR E 121 -10.64 24.10 1.20
N SER E 122 -10.27 24.38 -0.05
CA SER E 122 -9.18 23.64 -0.69
C SER E 122 -8.47 24.53 -1.69
N LEU E 123 -7.24 24.17 -2.00
CA LEU E 123 -6.43 24.89 -2.96
C LEU E 123 -5.80 23.95 -3.99
N PRO E 124 -5.53 24.44 -5.20
CA PRO E 124 -4.91 23.59 -6.22
C PRO E 124 -3.48 23.22 -5.88
N LEU E 125 -3.11 21.98 -6.19
CA LEU E 125 -1.84 21.44 -5.74
C LEU E 125 -0.64 22.24 -6.25
N VAL E 126 -0.75 22.82 -7.44
CA VAL E 126 0.39 23.51 -8.04
C VAL E 126 0.78 24.78 -7.27
N ASN E 127 -0.13 25.32 -6.46
CA ASN E 127 0.11 26.58 -5.75
C ASN E 127 0.28 26.38 -4.24
N VAL E 128 0.64 25.18 -3.81
CA VAL E 128 0.69 24.83 -2.40
C VAL E 128 2.11 24.44 -2.02
N THR E 129 2.61 25.02 -0.93
CA THR E 129 3.84 24.59 -0.28
C THR E 129 3.56 24.43 1.21
N ILE E 130 3.61 23.19 1.70
CA ILE E 130 3.29 22.91 3.09
C ILE E 130 4.45 23.36 3.98
N ASN E 131 4.14 24.17 4.99
CA ASN E 131 5.13 24.64 5.96
C ASN E 131 5.00 23.81 7.22
N ASN E 132 5.78 22.74 7.29
CA ASN E 132 5.85 21.89 8.48
C ASN E 132 6.96 22.41 9.38
N PHE E 133 6.57 23.00 10.52
CA PHE E 133 7.53 23.56 11.45
C PHE E 133 7.13 23.20 12.89
N ASN E 134 8.14 22.94 13.72
CA ASN E 134 7.91 22.65 15.13
C ASN E 134 8.05 23.95 15.91
N PRO E 135 6.97 24.48 16.48
CA PRO E 135 7.07 25.75 17.23
C PRO E 135 7.74 25.61 18.58
N SER E 136 8.03 24.40 19.03
CA SER E 136 8.59 24.18 20.36
C SER E 136 9.96 24.82 20.49
N SER E 137 10.08 25.77 21.41
CA SER E 137 11.37 26.44 21.62
C SER E 137 12.40 25.49 22.22
N TRP E 138 11.98 24.62 23.15
CA TRP E 138 12.94 23.74 23.80
C TRP E 138 13.32 22.54 22.92
N ASN E 139 12.39 22.05 22.11
CA ASN E 139 12.74 21.02 21.13
C ASN E 139 13.83 21.53 20.20
N ARG E 140 13.70 22.77 19.71
CA ARG E 140 14.76 23.36 18.90
C ARG E 140 16.01 23.61 19.73
N ARG E 141 15.85 23.98 21.01
CA ARG E 141 17.01 24.22 21.86
C ARG E 141 17.88 22.97 21.99
N TYR E 142 17.27 21.80 22.06
CA TYR E 142 18.01 20.55 22.16
C TYR E 142 18.05 19.77 20.85
N GLY E 143 17.91 20.47 19.72
CA GLY E 143 18.20 19.88 18.43
C GLY E 143 17.02 19.27 17.70
N PHE E 144 15.95 20.04 17.51
CA PHE E 144 14.78 19.54 16.79
C PHE E 144 15.14 19.16 15.36
N GLY E 145 15.77 20.06 14.63
CA GLY E 145 16.09 19.83 13.23
C GLY E 145 14.97 20.35 12.32
N SER E 146 14.42 19.46 11.51
CA SER E 146 13.32 19.82 10.62
C SER E 146 12.63 18.55 10.15
N PHE E 147 11.44 18.74 9.57
CA PHE E 147 10.67 17.63 9.01
C PHE E 147 11.06 17.51 7.54
N ASN E 148 11.78 16.45 7.19
CA ASN E 148 12.11 16.16 5.80
C ASN E 148 11.06 15.18 5.29
N LEU E 149 9.95 15.73 4.81
CA LEU E 149 8.82 14.93 4.34
C LEU E 149 8.53 15.26 2.89
N SER E 150 7.76 14.38 2.26
CA SER E 150 7.36 14.58 0.87
C SER E 150 6.43 15.78 0.76
N SER E 151 6.21 16.21 -0.48
CA SER E 151 5.31 17.33 -0.74
C SER E 151 3.89 16.99 -0.30
N TYR E 152 3.20 17.98 0.25
CA TYR E 152 1.80 17.93 0.67
C TYR E 152 1.58 17.03 1.87
N ASP E 153 2.64 16.54 2.52
CA ASP E 153 2.50 15.89 3.81
C ASP E 153 2.43 16.95 4.90
N VAL E 154 1.44 16.80 5.79
CA VAL E 154 1.13 17.77 6.83
C VAL E 154 1.35 17.10 8.17
N VAL E 155 2.13 17.75 9.04
CA VAL E 155 2.50 17.21 10.34
C VAL E 155 1.46 17.58 11.38
N TYR E 156 1.22 16.66 12.30
CA TYR E 156 0.39 16.93 13.47
C TYR E 156 0.98 16.21 14.68
N SER E 157 0.64 16.70 15.86
CA SER E 157 1.17 16.15 17.10
C SER E 157 0.20 15.16 17.72
N ASP E 158 0.75 14.07 18.26
CA ASP E 158 -0.02 13.12 19.07
C ASP E 158 -0.04 13.50 20.55
N HIS E 159 1.07 14.02 21.06
CA HIS E 159 1.21 14.29 22.48
C HIS E 159 2.07 15.53 22.67
N CYS E 160 1.60 16.46 23.49
CA CYS E 160 2.36 17.66 23.79
C CYS E 160 2.93 17.56 25.20
N PHE E 161 4.15 18.05 25.36
CA PHE E 161 4.87 17.97 26.64
C PHE E 161 5.43 19.34 26.98
N SER E 162 5.18 19.77 28.21
CA SER E 162 5.76 20.99 28.75
C SER E 162 6.85 20.65 29.76
N VAL E 163 7.86 21.51 29.81
CA VAL E 163 8.97 21.39 30.75
C VAL E 163 9.23 22.76 31.36
N ASN E 164 9.84 22.75 32.55
CA ASN E 164 10.27 23.99 33.17
C ASN E 164 11.51 24.52 32.47
N SER E 165 11.86 25.78 32.78
CA SER E 165 12.97 26.43 32.11
C SER E 165 14.32 25.76 32.39
N ASP E 166 14.44 25.04 33.50
CA ASP E 166 15.69 24.39 33.87
C ASP E 166 15.82 22.98 33.32
N PHE E 167 14.94 22.57 32.41
CA PHE E 167 14.95 21.21 31.89
C PHE E 167 16.14 21.00 30.95
N CYS E 168 16.73 19.80 31.06
CA CYS E 168 17.76 19.32 30.14
C CYS E 168 17.60 17.81 30.04
N PRO E 169 17.62 17.24 28.84
CA PRO E 169 17.39 15.80 28.69
C PRO E 169 18.64 14.93 28.79
N CYS E 170 19.82 15.51 28.95
CA CYS E 170 21.07 14.75 29.00
C CYS E 170 21.48 14.48 30.44
N ALA E 171 22.10 13.32 30.64
CA ALA E 171 22.62 12.94 31.95
C ALA E 171 24.01 13.55 32.17
N ASP E 172 24.37 13.67 33.45
CA ASP E 172 25.67 14.24 33.81
C ASP E 172 26.77 13.22 33.52
N PRO E 173 27.80 13.57 32.74
CA PRO E 173 28.87 12.59 32.47
C PRO E 173 29.59 12.09 33.70
N SER E 174 29.76 12.93 34.72
CA SER E 174 30.44 12.49 35.94
C SER E 174 29.69 11.36 36.62
N VAL E 175 28.36 11.41 36.58
CA VAL E 175 27.54 10.33 37.15
C VAL E 175 27.55 9.12 36.23
N VAL E 176 27.43 9.35 34.92
CA VAL E 176 27.38 8.26 33.94
C VAL E 176 28.67 7.44 33.94
N ASN E 177 29.80 8.07 34.28
CA ASN E 177 31.07 7.35 34.27
C ASN E 177 31.07 6.16 35.22
N SER E 178 30.24 6.18 36.25
CA SER E 178 30.14 5.06 37.18
C SER E 178 29.08 4.04 36.81
N CYS E 179 28.28 4.31 35.78
CA CYS E 179 27.23 3.37 35.38
C CYS E 179 27.84 2.06 34.91
N ALA E 180 27.36 0.95 35.45
CA ALA E 180 27.77 -0.38 35.00
C ALA E 180 26.71 -1.08 34.15
N LYS E 181 25.44 -0.76 34.36
CA LYS E 181 24.33 -1.33 33.60
C LYS E 181 23.41 -0.22 33.15
N SER E 182 22.91 -0.33 31.92
CA SER E 182 22.00 0.67 31.34
C SER E 182 22.64 2.06 31.38
N LYS E 183 23.88 2.14 30.94
CA LYS E 183 24.63 3.39 30.92
C LYS E 183 23.99 4.37 29.94
N PRO E 184 23.36 5.45 30.41
CA PRO E 184 22.71 6.37 29.49
C PRO E 184 23.73 7.26 28.82
N PRO E 185 23.42 7.77 27.62
CA PRO E 185 24.32 8.74 26.99
C PRO E 185 24.31 10.06 27.75
N SER E 186 25.44 10.77 27.69
CA SER E 186 25.64 11.97 28.48
C SER E 186 26.24 13.07 27.62
N ALA E 187 26.08 14.31 28.09
CA ALA E 187 26.58 15.49 27.40
C ALA E 187 26.54 16.67 28.37
N ILE E 188 27.14 17.77 27.95
CA ILE E 188 27.17 18.99 28.76
C ILE E 188 25.87 19.75 28.54
N CYS E 189 25.11 19.97 29.62
CA CYS E 189 23.90 20.77 29.52
C CYS E 189 24.23 22.26 29.53
N PRO E 190 23.43 23.08 28.85
CA PRO E 190 23.65 24.53 28.91
C PRO E 190 23.54 25.05 30.32
N ALA E 191 24.20 26.18 30.57
CA ALA E 191 24.19 26.79 31.89
C ALA E 191 22.77 27.08 32.34
N GLY E 192 22.55 26.98 33.64
CA GLY E 192 21.24 27.22 34.22
C GLY E 192 20.26 26.08 34.10
N THR E 193 20.65 24.97 33.47
CA THR E 193 19.79 23.81 33.33
C THR E 193 20.24 22.70 34.29
N LYS E 194 19.29 21.83 34.61
CA LYS E 194 19.54 20.69 35.50
C LYS E 194 19.68 19.43 34.66
N TYR E 195 20.75 18.67 34.91
CA TYR E 195 20.95 17.42 34.19
C TYR E 195 19.79 16.47 34.44
N ARG E 196 19.61 15.55 33.49
CA ARG E 196 18.63 14.48 33.63
C ARG E 196 18.91 13.67 34.91
N HIS E 197 17.86 13.46 35.70
CA HIS E 197 18.02 12.78 36.97
C HIS E 197 18.24 11.28 36.73
N CYS E 198 19.33 10.75 37.27
CA CYS E 198 19.65 9.34 37.20
C CYS E 198 20.07 8.86 38.57
N ASP E 199 19.49 7.75 39.03
CA ASP E 199 19.85 7.14 40.30
C ASP E 199 20.78 5.96 40.07
N LEU E 200 21.83 5.89 40.89
CA LEU E 200 22.68 4.70 40.98
C LEU E 200 22.07 3.77 42.02
N ASP E 201 21.61 2.61 41.56
CA ASP E 201 21.02 1.61 42.43
C ASP E 201 21.96 0.42 42.55
N THR E 202 21.81 -0.32 43.64
CA THR E 202 22.57 -1.56 43.78
C THR E 202 21.61 -2.71 44.03
N THR E 203 20.70 -2.91 43.08
CA THR E 203 19.71 -3.98 43.18
C THR E 203 20.37 -5.34 43.29
N LEU E 204 19.99 -6.11 44.31
CA LEU E 204 20.51 -7.45 44.53
C LEU E 204 22.03 -7.44 44.49
N TYR E 205 22.63 -8.22 43.59
CA TYR E 205 24.08 -8.19 43.39
C TYR E 205 24.50 -7.24 42.28
N VAL E 206 23.54 -6.67 41.54
CA VAL E 206 23.84 -5.75 40.45
C VAL E 206 24.16 -4.39 41.09
N LYS E 207 25.41 -3.98 41.04
CA LYS E 207 25.84 -2.72 41.60
C LYS E 207 25.98 -1.67 40.49
N ASN E 208 25.72 -0.42 40.85
CA ASN E 208 25.79 0.72 39.93
C ASN E 208 24.92 0.50 38.70
N TRP E 209 23.67 0.13 38.95
CA TRP E 209 22.65 0.03 37.93
C TRP E 209 22.00 1.41 37.80
N CYS E 210 22.17 2.04 36.64
CA CYS E 210 21.71 3.41 36.44
C CYS E 210 20.27 3.41 35.95
N ARG E 211 19.40 4.08 36.69
CA ARG E 211 17.99 4.17 36.34
C ARG E 211 17.62 5.64 36.26
N CYS E 212 17.18 6.07 35.08
CA CYS E 212 16.97 7.48 34.82
C CYS E 212 15.50 7.78 34.59
N SER E 213 15.18 9.07 34.53
CA SER E 213 13.81 9.52 34.38
C SER E 213 13.27 9.20 32.98
N CYS E 214 11.94 9.22 32.86
CA CYS E 214 11.25 9.12 31.58
C CYS E 214 11.53 7.78 30.88
N LEU E 215 11.73 6.73 31.64
CA LEU E 215 11.89 5.44 30.98
C LEU E 215 10.52 4.75 30.83
N PRO E 216 10.26 4.12 29.68
CA PRO E 216 11.11 3.99 28.50
C PRO E 216 11.08 5.22 27.59
N ASP E 217 10.00 6.00 27.62
CA ASP E 217 9.89 7.22 26.85
C ASP E 217 8.86 8.11 27.52
N PRO E 218 8.91 9.42 27.27
CA PRO E 218 7.96 10.32 27.97
C PRO E 218 6.50 10.03 27.65
N ILE E 219 6.20 9.27 26.60
CA ILE E 219 4.82 8.94 26.29
C ILE E 219 4.34 7.77 27.14
N SER E 220 5.16 6.74 27.29
CA SER E 220 4.79 5.53 28.02
C SER E 220 5.60 5.33 29.29
N THR E 221 6.18 6.41 29.83
CA THR E 221 7.01 6.29 31.01
C THR E 221 6.24 5.64 32.15
N TYR E 222 6.87 4.66 32.79
CA TYR E 222 6.24 4.00 33.93
C TYR E 222 6.10 4.93 35.12
N SER E 223 6.91 5.99 35.20
CA SER E 223 6.89 6.94 36.31
C SER E 223 6.74 8.35 35.76
N PRO E 224 5.52 8.76 35.42
CA PRO E 224 5.32 10.15 34.98
C PRO E 224 5.67 11.16 36.05
N ASN E 225 5.56 10.77 37.33
CA ASN E 225 5.86 11.71 38.41
C ASN E 225 7.32 12.12 38.42
N THR E 226 8.21 11.21 38.03
CA THR E 226 9.64 11.50 38.00
C THR E 226 10.10 12.06 36.66
N CYS E 227 9.31 11.91 35.60
CA CYS E 227 9.69 12.43 34.30
C CYS E 227 9.39 13.93 34.23
N PRO E 228 10.39 14.78 34.00
CA PRO E 228 10.13 16.23 33.95
C PRO E 228 9.27 16.66 32.77
N GLN E 229 9.18 15.85 31.71
CA GLN E 229 8.33 16.16 30.58
C GLN E 229 6.89 15.84 30.94
N LYS E 230 6.06 16.86 31.12
CA LYS E 230 4.69 16.68 31.59
C LYS E 230 3.73 16.72 30.41
N LYS E 231 2.86 15.72 30.32
CA LYS E 231 1.83 15.71 29.29
C LYS E 231 0.85 16.86 29.48
N VAL E 232 0.48 17.52 28.38
CA VAL E 232 -0.40 18.67 28.40
C VAL E 232 -1.31 18.63 27.19
N VAL E 233 -2.50 19.22 27.36
CA VAL E 233 -3.43 19.47 26.27
C VAL E 233 -3.39 20.96 25.93
N VAL E 234 -3.39 21.26 24.64
CA VAL E 234 -3.28 22.65 24.21
C VAL E 234 -4.49 23.45 24.65
N GLY E 235 -4.24 24.68 25.11
CA GLY E 235 -5.31 25.61 25.41
C GLY E 235 -5.73 26.38 24.17
N ILE E 236 -6.78 27.19 24.35
CA ILE E 236 -7.30 27.99 23.25
C ILE E 236 -6.26 29.03 22.85
N GLY E 237 -5.97 29.11 21.55
CA GLY E 237 -4.98 30.05 21.09
C GLY E 237 -3.55 29.70 21.40
N GLU E 238 -3.28 28.46 21.83
CA GLU E 238 -1.94 28.01 22.15
C GLU E 238 -1.48 26.99 21.12
N HIS E 239 -0.18 26.99 20.86
CA HIS E 239 0.46 25.95 20.08
C HIS E 239 0.93 24.81 20.99
N CYS E 240 1.31 23.70 20.39
CA CYS E 240 1.89 22.58 21.13
C CYS E 240 3.20 23.01 21.75
N PRO E 241 3.35 22.93 23.09
CA PRO E 241 4.62 23.37 23.70
C PRO E 241 5.81 22.51 23.33
N GLY E 242 5.60 21.26 22.94
CA GLY E 242 6.70 20.44 22.46
C GLY E 242 6.41 18.97 22.29
N LEU E 243 7.11 18.33 21.35
CA LEU E 243 7.02 16.89 21.17
C LEU E 243 7.79 16.16 22.25
N GLY E 244 7.38 14.93 22.53
CA GLY E 244 8.09 14.13 23.51
C GLY E 244 9.49 13.79 23.04
N ILE E 245 10.44 13.83 23.98
CA ILE E 245 11.84 13.55 23.70
C ILE E 245 12.24 12.27 24.42
N ASN E 246 12.71 11.29 23.67
CA ASN E 246 13.34 10.09 24.23
C ASN E 246 14.73 10.48 24.72
N GLU E 247 14.87 10.65 26.03
CA GLU E 247 16.14 11.10 26.60
C GLU E 247 17.26 10.09 26.38
N GLU E 248 16.93 8.85 26.03
CA GLU E 248 17.95 7.84 25.78
C GLU E 248 18.70 8.04 24.47
N LYS E 249 18.31 9.02 23.65
CA LYS E 249 18.95 9.29 22.39
C LYS E 249 19.45 10.73 22.30
N CYS E 250 19.78 11.33 23.45
CA CYS E 250 20.14 12.74 23.50
C CYS E 250 21.59 13.02 23.87
N GLY E 251 22.30 12.04 24.42
CA GLY E 251 23.71 12.24 24.72
C GLY E 251 24.61 11.92 23.56
N THR E 252 24.05 11.82 22.35
CA THR E 252 24.85 11.52 21.17
C THR E 252 26.02 12.48 21.05
N GLN E 253 25.75 13.79 21.14
CA GLN E 253 26.78 14.83 21.16
C GLN E 253 27.83 14.61 20.08
N LEU E 254 27.35 14.43 18.83
CA LEU E 254 28.26 14.12 17.73
C LEU E 254 29.34 15.19 17.60
N ASN E 255 28.98 16.45 17.82
CA ASN E 255 29.93 17.55 17.83
C ASN E 255 29.28 18.71 18.59
N HIS E 256 29.90 19.89 18.50
CA HIS E 256 29.42 21.13 19.11
C HIS E 256 29.57 21.13 20.62
N SER E 257 29.97 19.99 21.20
CA SER E 257 30.20 19.87 22.64
C SER E 257 29.01 20.35 23.45
N SER E 258 27.83 19.91 23.05
CA SER E 258 26.61 20.30 23.74
C SER E 258 25.58 19.19 23.65
N CYS E 259 24.63 19.20 24.58
CA CYS E 259 23.56 18.23 24.60
C CYS E 259 22.73 18.33 23.31
N PHE E 260 22.71 17.26 22.54
CA PHE E 260 22.03 17.25 21.25
C PHE E 260 21.35 15.91 21.03
N CYS E 261 20.06 15.95 20.68
CA CYS E 261 19.25 14.76 20.52
C CYS E 261 19.15 14.38 19.05
N SER E 262 19.29 13.09 18.77
CA SER E 262 19.12 12.60 17.41
C SER E 262 17.69 12.86 16.95
N PRO E 263 17.46 13.00 15.64
CA PRO E 263 16.12 13.33 15.15
C PRO E 263 15.06 12.29 15.51
N ASP E 264 15.44 11.01 15.60
CA ASP E 264 14.48 9.97 15.93
C ASP E 264 14.20 9.89 17.43
N ALA E 265 14.72 10.82 18.23
CA ALA E 265 14.38 10.88 19.64
C ALA E 265 13.06 11.62 19.89
N PHE E 266 12.63 12.45 18.96
CA PHE E 266 11.38 13.21 19.12
C PHE E 266 10.20 12.31 18.76
N LEU E 267 9.28 12.15 19.71
CA LEU E 267 8.19 11.19 19.60
C LEU E 267 6.85 11.90 19.65
N GLY E 268 5.78 11.13 19.44
CA GLY E 268 4.44 11.66 19.60
C GLY E 268 3.99 12.57 18.50
N TRP E 269 4.43 12.32 17.26
CA TRP E 269 4.02 13.13 16.12
C TRP E 269 3.85 12.23 14.90
N SER E 270 3.00 12.66 13.98
CA SER E 270 2.75 11.92 12.75
C SER E 270 2.44 12.91 11.64
N PHE E 271 2.13 12.40 10.46
CA PHE E 271 1.78 13.25 9.34
C PHE E 271 0.87 12.49 8.38
N ASP E 272 0.14 13.26 7.57
CA ASP E 272 -0.66 12.67 6.50
C ASP E 272 -0.80 13.69 5.37
N SER E 273 -1.06 13.20 4.18
CA SER E 273 -1.23 14.09 3.04
C SER E 273 -2.58 14.81 3.11
N CYS E 274 -2.60 16.05 2.62
CA CYS E 274 -3.81 16.85 2.55
C CYS E 274 -4.55 16.69 1.24
N ILE E 275 -4.00 15.94 0.28
CA ILE E 275 -4.51 15.95 -1.08
C ILE E 275 -5.83 15.21 -1.15
N SER E 276 -6.83 15.84 -1.77
CA SER E 276 -8.10 15.19 -2.08
C SER E 276 -8.61 15.78 -3.38
N ASN E 277 -8.87 14.91 -4.35
CA ASN E 277 -9.36 15.33 -5.67
C ASN E 277 -8.41 16.35 -6.30
N ASN E 278 -7.11 16.07 -6.21
CA ASN E 278 -6.06 16.95 -6.74
C ASN E 278 -6.13 18.34 -6.11
N ARG E 279 -6.61 18.43 -4.87
CA ARG E 279 -6.60 19.68 -4.11
C ARG E 279 -6.20 19.40 -2.67
N CYS E 280 -5.57 20.39 -2.05
CA CYS E 280 -5.14 20.31 -0.66
C CYS E 280 -6.21 20.95 0.21
N ASN E 281 -6.75 20.19 1.15
CA ASN E 281 -7.79 20.67 2.05
C ASN E 281 -7.19 21.51 3.16
N ILE E 282 -7.87 22.61 3.50
CA ILE E 282 -7.41 23.56 4.49
C ILE E 282 -8.56 23.90 5.42
N PHE E 283 -8.27 24.03 6.72
CA PHE E 283 -9.21 24.47 7.72
C PHE E 283 -8.87 25.88 8.16
N SER E 284 -9.91 26.68 8.43
CA SER E 284 -9.75 28.00 9.01
C SER E 284 -10.85 28.23 10.03
N ASN E 285 -10.49 28.90 11.11
CA ASN E 285 -11.42 29.28 12.16
C ASN E 285 -11.50 30.81 12.21
N PHE E 286 -12.70 31.34 12.04
CA PHE E 286 -12.96 32.77 12.12
C PHE E 286 -13.60 33.06 13.48
N ILE E 287 -12.93 33.91 14.27
CA ILE E 287 -13.44 34.34 15.57
C ILE E 287 -13.83 35.80 15.44
N PHE E 288 -15.11 36.09 15.66
CA PHE E 288 -15.68 37.41 15.47
C PHE E 288 -15.71 38.12 16.82
N ASN E 289 -14.79 39.06 17.01
CA ASN E 289 -14.64 39.77 18.26
C ASN E 289 -15.37 41.11 18.17
N GLY E 290 -16.33 41.33 19.07
CA GLY E 290 -17.09 42.56 19.12
C GLY E 290 -18.13 42.68 18.04
N ILE E 291 -19.17 41.83 18.10
CA ILE E 291 -20.23 41.86 17.11
C ILE E 291 -21.02 43.15 17.23
N ASN E 292 -21.38 43.74 16.08
CA ASN E 292 -22.17 44.96 16.00
C ASN E 292 -21.46 46.15 16.65
N SER E 293 -20.13 46.15 16.60
CA SER E 293 -19.35 47.28 17.07
C SER E 293 -18.08 47.37 16.23
N GLY E 294 -17.34 48.47 16.38
CA GLY E 294 -16.04 48.58 15.74
C GLY E 294 -16.11 49.05 14.30
N THR E 295 -15.07 48.69 13.53
CA THR E 295 -14.91 49.20 12.18
C THR E 295 -14.63 48.12 11.14
N THR E 296 -14.61 46.85 11.51
CA THR E 296 -14.46 45.77 10.54
C THR E 296 -15.85 45.39 10.06
N CYS E 297 -16.27 45.95 8.94
CA CYS E 297 -17.67 45.96 8.54
C CYS E 297 -17.87 45.23 7.22
N SER E 298 -19.04 44.62 7.08
CA SER E 298 -19.42 43.92 5.86
C SER E 298 -19.97 44.90 4.83
N ASN E 299 -19.45 44.81 3.61
CA ASN E 299 -19.97 45.59 2.48
C ASN E 299 -20.95 44.79 1.64
N ASP E 300 -21.43 43.65 2.15
CA ASP E 300 -22.39 42.85 1.41
C ASP E 300 -23.73 43.55 1.27
N LEU E 301 -24.14 44.30 2.29
CA LEU E 301 -25.33 45.14 2.20
C LEU E 301 -24.94 46.62 2.16
N ASN E 305 -31.78 53.03 4.15
CA ASN E 305 -31.51 54.25 4.89
C ASN E 305 -30.71 55.24 4.04
N THR E 306 -30.41 54.84 2.81
CA THR E 306 -29.71 55.73 1.88
C THR E 306 -30.49 57.04 1.67
N GLU E 307 -31.82 56.96 1.61
CA GLU E 307 -32.68 58.13 1.49
C GLU E 307 -33.11 58.54 2.91
N ILE E 308 -32.21 59.28 3.57
CA ILE E 308 -32.45 59.68 4.95
C ILE E 308 -33.76 60.46 5.05
N SER E 309 -34.68 59.94 5.88
CA SER E 309 -35.95 60.60 6.12
C SER E 309 -35.73 61.84 6.99
N THR E 310 -36.12 62.99 6.48
CA THR E 310 -35.91 64.26 7.17
C THR E 310 -37.20 64.74 7.81
N GLY E 311 -37.06 65.41 8.95
CA GLY E 311 -38.20 65.96 9.66
C GLY E 311 -38.86 65.04 10.66
N VAL E 312 -38.38 63.81 10.80
CA VAL E 312 -38.94 62.86 11.76
C VAL E 312 -37.86 62.50 12.76
N CYS E 313 -38.27 62.31 14.01
CA CYS E 313 -37.33 61.91 15.06
C CYS E 313 -36.90 60.46 14.86
N VAL E 314 -35.60 60.24 14.68
CA VAL E 314 -35.05 58.91 14.48
C VAL E 314 -33.78 58.77 15.31
N ASN E 315 -33.50 57.54 15.74
CA ASN E 315 -32.20 57.23 16.28
C ASN E 315 -31.18 57.14 15.14
N TYR E 316 -29.95 57.56 15.42
CA TYR E 316 -28.91 57.53 14.41
C TYR E 316 -27.59 57.01 14.99
N ASP E 317 -26.83 56.33 14.13
CA ASP E 317 -25.46 55.88 14.44
C ASP E 317 -24.60 56.26 13.23
N LEU E 318 -23.93 57.40 13.31
CA LEU E 318 -23.15 57.98 12.22
C LEU E 318 -21.67 57.84 12.52
N TYR E 319 -21.02 56.83 11.92
CA TYR E 319 -19.58 56.61 12.06
C TYR E 319 -19.17 56.38 13.51
N GLY E 320 -20.06 55.82 14.33
CA GLY E 320 -19.77 55.58 15.72
C GLY E 320 -20.38 56.58 16.68
N ILE E 321 -20.83 57.73 16.17
CA ILE E 321 -21.47 58.75 17.00
C ILE E 321 -22.94 58.38 17.14
N THR E 322 -23.36 58.00 18.34
CA THR E 322 -24.74 57.59 18.60
C THR E 322 -25.51 58.74 19.24
N GLY E 323 -26.77 58.88 18.85
CA GLY E 323 -27.63 59.89 19.45
C GLY E 323 -29.03 59.81 18.88
N GLN E 324 -29.83 60.83 19.22
CA GLN E 324 -31.18 60.94 18.70
C GLN E 324 -31.46 62.39 18.31
N GLY E 325 -32.19 62.58 17.23
CA GLY E 325 -32.52 63.92 16.78
C GLY E 325 -33.32 63.90 15.51
N ILE E 326 -33.75 65.09 15.09
CA ILE E 326 -34.56 65.29 13.89
C ILE E 326 -33.66 65.81 12.78
N PHE E 327 -33.53 65.04 11.70
CA PHE E 327 -32.72 65.44 10.56
C PHE E 327 -33.46 66.42 9.68
N LYS E 328 -32.77 67.48 9.25
CA LYS E 328 -33.32 68.43 8.30
C LYS E 328 -32.25 68.76 7.26
N GLU E 329 -32.52 68.38 6.00
CA GLU E 329 -31.57 68.63 4.93
C GLU E 329 -31.43 70.11 4.64
N VAL E 330 -30.20 70.56 4.45
CA VAL E 330 -29.87 71.97 4.24
C VAL E 330 -28.81 72.03 3.15
N SER E 331 -28.62 73.22 2.59
CA SER E 331 -27.63 73.43 1.54
C SER E 331 -26.29 73.84 2.15
N ALA E 332 -25.28 73.99 1.30
CA ALA E 332 -23.94 74.32 1.76
C ALA E 332 -23.85 75.73 2.34
N VAL E 333 -24.83 76.59 2.06
CA VAL E 333 -24.77 77.97 2.53
C VAL E 333 -24.85 78.03 4.06
N TYR E 334 -25.70 77.20 4.67
CA TYR E 334 -25.87 77.24 6.14
C TYR E 334 -24.66 76.74 6.90
N TYR E 335 -23.51 76.58 6.23
CA TYR E 335 -22.26 76.25 6.90
C TYR E 335 -21.82 77.34 7.86
N ASN E 336 -22.43 78.53 7.78
CA ASN E 336 -22.11 79.61 8.71
C ASN E 336 -22.23 79.16 10.16
N ASN E 337 -23.37 78.57 10.52
CA ASN E 337 -23.60 78.00 11.85
C ASN E 337 -23.24 78.99 12.96
N TRP E 338 -23.93 80.13 12.94
CA TRP E 338 -23.68 81.21 13.89
C TRP E 338 -24.00 80.79 15.32
N ASN E 348 -26.40 73.63 20.42
CA ASN E 348 -27.84 73.42 20.46
C ASN E 348 -28.30 72.46 19.38
N ILE E 349 -27.55 72.40 18.27
CA ILE E 349 -27.88 71.53 17.16
C ILE E 349 -26.58 71.06 16.50
N ILE E 350 -26.62 69.87 15.91
CA ILE E 350 -25.48 69.31 15.20
C ILE E 350 -25.87 69.04 13.76
N GLY E 351 -24.94 68.50 12.97
CA GLY E 351 -25.23 68.17 11.59
C GLY E 351 -24.06 67.46 10.97
N PHE E 352 -24.33 66.77 9.87
CA PHE E 352 -23.30 65.96 9.23
C PHE E 352 -23.52 65.95 7.73
N LYS E 353 -22.44 65.64 7.01
CA LYS E 353 -22.47 65.46 5.56
C LYS E 353 -22.37 63.98 5.22
N ASP E 354 -23.41 63.44 4.59
CA ASP E 354 -23.34 62.05 4.14
C ASP E 354 -22.28 61.97 3.05
N PHE E 355 -21.11 61.41 3.39
CA PHE E 355 -19.96 61.45 2.51
C PHE E 355 -20.20 60.71 1.20
N LEU E 356 -21.22 59.84 1.14
CA LEU E 356 -21.56 59.18 -0.12
C LEU E 356 -22.18 60.15 -1.11
N THR E 357 -23.03 61.07 -0.63
CA THR E 357 -23.72 62.01 -1.50
C THR E 357 -23.25 63.45 -1.30
N ASN E 358 -22.33 63.69 -0.36
CA ASN E 358 -21.87 65.04 -0.01
C ASN E 358 -23.02 65.94 0.43
N LYS E 359 -24.15 65.36 0.79
CA LYS E 359 -25.29 66.12 1.27
C LYS E 359 -25.13 66.39 2.75
N THR E 360 -25.30 67.65 3.15
CA THR E 360 -25.23 68.05 4.54
C THR E 360 -26.62 68.10 5.16
N TYR E 361 -26.69 67.80 6.44
CA TYR E 361 -27.95 67.77 7.18
C TYR E 361 -27.76 68.48 8.51
N THR E 362 -28.87 68.75 9.20
CA THR E 362 -28.86 69.29 10.55
C THR E 362 -29.64 68.37 11.47
N ILE E 363 -29.30 68.42 12.76
CA ILE E 363 -29.89 67.53 13.75
C ILE E 363 -30.37 68.38 14.93
N LEU E 364 -31.69 68.46 15.11
CA LEU E 364 -32.37 69.12 16.22
C LEU E 364 -32.83 68.07 17.23
N PRO E 365 -32.68 68.33 18.53
CA PRO E 365 -33.08 67.34 19.53
C PRO E 365 -34.60 67.16 19.56
N CYS E 366 -35.03 65.93 19.79
CA CYS E 366 -36.45 65.61 19.82
C CYS E 366 -37.09 66.08 21.12
N GLN F 3 19.27 -22.33 35.79
CA GLN F 3 18.67 -21.39 34.85
C GLN F 3 17.43 -21.97 34.18
N VAL F 4 16.42 -21.13 33.98
CA VAL F 4 15.18 -21.54 33.33
C VAL F 4 15.36 -21.42 31.82
N GLN F 5 15.02 -22.48 31.09
CA GLN F 5 15.11 -22.49 29.64
C GLN F 5 13.92 -23.25 29.06
N LEU F 6 13.42 -22.75 27.93
CA LEU F 6 12.43 -23.45 27.14
C LEU F 6 13.04 -23.66 25.76
N VAL F 7 13.12 -24.92 25.33
CA VAL F 7 13.85 -25.30 24.12
C VAL F 7 12.87 -25.97 23.17
N GLU F 8 12.59 -25.31 22.05
CA GLU F 8 11.72 -25.87 21.01
C GLU F 8 12.53 -26.62 19.97
N SER F 9 11.92 -27.67 19.43
CA SER F 9 12.50 -28.43 18.33
C SER F 9 11.37 -29.13 17.58
N GLY F 10 11.73 -29.76 16.46
CA GLY F 10 10.78 -30.48 15.64
C GLY F 10 10.17 -29.69 14.50
N GLY F 11 10.48 -28.40 14.38
CA GLY F 11 10.03 -27.63 13.24
C GLY F 11 10.77 -28.02 11.97
N GLY F 12 10.21 -27.60 10.84
CA GLY F 12 10.83 -27.92 9.57
C GLY F 12 9.93 -27.58 8.41
N LEU F 13 10.38 -28.00 7.22
CA LEU F 13 9.62 -27.83 5.99
C LEU F 13 8.81 -29.09 5.72
N VAL F 14 7.51 -28.90 5.43
CA VAL F 14 6.60 -30.02 5.24
C VAL F 14 5.63 -29.69 4.11
N GLN F 15 5.15 -30.73 3.45
CA GLN F 15 4.20 -30.56 2.37
C GLN F 15 2.83 -30.16 2.94
N PRO F 16 2.02 -29.43 2.17
CA PRO F 16 0.65 -29.15 2.62
C PRO F 16 -0.13 -30.44 2.83
N GLY F 17 -0.82 -30.52 3.97
CA GLY F 17 -1.49 -31.72 4.39
C GLY F 17 -0.63 -32.65 5.24
N GLY F 18 0.66 -32.41 5.33
CA GLY F 18 1.55 -33.23 6.14
C GLY F 18 1.34 -32.98 7.62
N SER F 19 2.21 -33.62 8.41
CA SER F 19 2.16 -33.55 9.86
C SER F 19 3.54 -33.29 10.42
N LEU F 20 3.58 -32.61 11.56
CA LEU F 20 4.82 -32.40 12.30
C LEU F 20 4.54 -32.61 13.78
N ARG F 21 5.60 -32.87 14.55
CA ARG F 21 5.49 -32.96 16.01
C ARG F 21 6.53 -32.05 16.63
N LEU F 22 6.08 -30.92 17.18
CA LEU F 22 6.98 -30.02 17.89
C LEU F 22 7.13 -30.47 19.34
N SER F 23 8.32 -30.24 19.89
CA SER F 23 8.61 -30.58 21.28
C SER F 23 9.23 -29.38 21.97
N CYS F 24 8.94 -29.27 23.26
CA CYS F 24 9.38 -28.15 24.09
C CYS F 24 9.91 -28.71 25.40
N VAL F 25 11.22 -28.64 25.60
CA VAL F 25 11.85 -29.08 26.83
C VAL F 25 11.92 -27.89 27.79
N VAL F 26 11.36 -28.08 28.98
CA VAL F 26 11.28 -27.03 30.00
C VAL F 26 12.26 -27.37 31.12
N SER F 27 13.06 -26.39 31.52
CA SER F 27 13.95 -26.52 32.66
C SER F 27 13.85 -25.27 33.52
N GLY F 28 14.00 -25.44 34.83
CA GLY F 28 13.99 -24.34 35.76
C GLY F 28 12.72 -24.20 36.57
N PHE F 29 11.65 -24.91 36.22
CA PHE F 29 10.44 -24.89 37.03
C PHE F 29 9.62 -26.15 36.74
N SER F 30 8.67 -26.41 37.62
CA SER F 30 7.84 -27.61 37.54
C SER F 30 6.57 -27.32 36.76
N LEU F 31 6.19 -28.25 35.89
CA LEU F 31 4.97 -28.12 35.11
C LEU F 31 3.71 -28.19 35.95
N ASP F 32 3.80 -28.69 37.19
CA ASP F 32 2.63 -28.79 38.06
C ASP F 32 2.10 -27.42 38.48
N TYR F 33 2.90 -26.37 38.37
CA TYR F 33 2.49 -25.03 38.78
C TYR F 33 2.46 -24.03 37.63
N TYR F 34 2.69 -24.47 36.40
CA TYR F 34 2.76 -23.55 35.28
C TYR F 34 2.02 -24.12 34.09
N ALA F 35 1.26 -23.26 33.42
CA ALA F 35 0.61 -23.60 32.16
C ALA F 35 1.58 -23.35 31.01
N ILE F 36 1.57 -24.25 30.04
CA ILE F 36 2.50 -24.20 28.91
C ILE F 36 1.68 -23.98 27.65
N GLY F 37 2.00 -22.91 26.93
CA GLY F 37 1.31 -22.59 25.69
C GLY F 37 2.24 -22.65 24.50
N TRP F 38 1.67 -23.01 23.35
CA TRP F 38 2.33 -22.87 22.07
C TRP F 38 1.76 -21.65 21.37
N PHE F 39 2.65 -20.77 20.92
CA PHE F 39 2.31 -19.59 20.15
C PHE F 39 2.98 -19.69 18.78
N ARG F 40 2.49 -18.90 17.84
CA ARG F 40 3.19 -18.78 16.56
C ARG F 40 3.16 -17.34 16.10
N GLN F 41 4.22 -16.94 15.41
CA GLN F 41 4.36 -15.62 14.83
C GLN F 41 4.59 -15.80 13.33
N ALA F 42 3.63 -15.35 12.52
CA ALA F 42 3.77 -15.34 11.08
C ALA F 42 4.72 -14.22 10.66
N PRO F 43 5.32 -14.31 9.46
CA PRO F 43 6.19 -13.23 8.98
C PRO F 43 5.45 -11.90 8.91
N GLY F 44 5.97 -10.90 9.63
CA GLY F 44 5.41 -9.58 9.63
C GLY F 44 4.06 -9.44 10.30
N LYS F 45 3.56 -10.49 10.96
CA LYS F 45 2.32 -10.45 11.70
C LYS F 45 2.59 -10.53 13.20
N GLU F 46 1.56 -10.19 13.98
CA GLU F 46 1.68 -10.28 15.43
C GLU F 46 1.72 -11.74 15.87
N ARG F 47 2.27 -11.95 17.06
CA ARG F 47 2.32 -13.28 17.65
C ARG F 47 0.94 -13.65 18.20
N GLU F 48 0.42 -14.78 17.76
CA GLU F 48 -0.92 -15.23 18.12
C GLU F 48 -0.86 -16.56 18.85
N GLY F 49 -1.83 -16.77 19.75
CA GLY F 49 -1.88 -18.00 20.51
C GLY F 49 -2.37 -19.16 19.67
N VAL F 50 -1.71 -20.30 19.83
CA VAL F 50 -2.02 -21.52 19.10
C VAL F 50 -2.71 -22.55 19.99
N SER F 51 -2.09 -22.89 21.12
CA SER F 51 -2.65 -23.90 22.00
C SER F 51 -2.13 -23.68 23.41
N CYS F 52 -2.76 -24.37 24.35
CA CYS F 52 -2.44 -24.22 25.78
C CYS F 52 -2.78 -25.51 26.49
N ILE F 53 -1.90 -25.92 27.41
CA ILE F 53 -2.19 -26.99 28.36
C ILE F 53 -1.94 -26.44 29.77
N GLY F 54 -2.93 -26.64 30.65
CA GLY F 54 -2.86 -26.09 31.99
C GLY F 54 -1.96 -26.89 32.91
N SER F 55 -1.78 -26.35 34.12
CA SER F 55 -0.97 -27.03 35.13
C SER F 55 -1.55 -28.38 35.52
N SER F 56 -2.88 -28.53 35.45
CA SER F 56 -3.51 -29.80 35.77
C SER F 56 -3.23 -30.87 34.71
N GLY F 57 -3.04 -30.46 33.46
CA GLY F 57 -2.80 -31.38 32.37
C GLY F 57 -4.05 -31.81 31.61
N ASP F 58 -5.23 -31.61 32.18
CA ASP F 58 -6.48 -31.98 31.53
C ASP F 58 -7.03 -30.83 30.69
N LYS F 59 -6.86 -29.60 31.16
CA LYS F 59 -7.36 -28.42 30.46
C LYS F 59 -6.48 -28.13 29.26
N THR F 60 -7.05 -28.24 28.06
CA THR F 60 -6.35 -27.89 26.83
C THR F 60 -7.23 -26.94 26.03
N ASN F 61 -6.60 -25.93 25.44
CA ASN F 61 -7.30 -24.94 24.64
C ASN F 61 -6.58 -24.77 23.31
N TYR F 62 -7.36 -24.49 22.26
CA TYR F 62 -6.85 -24.34 20.91
C TYR F 62 -7.56 -23.19 20.22
N ALA F 63 -6.80 -22.40 19.47
CA ALA F 63 -7.41 -21.38 18.62
C ALA F 63 -8.28 -22.05 17.55
N ASP F 64 -9.33 -21.34 17.14
CA ASP F 64 -10.28 -21.91 16.18
C ASP F 64 -9.62 -22.24 14.85
N SER F 65 -8.52 -21.55 14.51
CA SER F 65 -7.86 -21.78 13.23
C SER F 65 -7.19 -23.15 13.16
N VAL F 66 -6.86 -23.74 14.30
CA VAL F 66 -6.23 -25.06 14.37
C VAL F 66 -7.05 -26.03 15.22
N LYS F 67 -8.23 -25.61 15.68
CA LYS F 67 -9.05 -26.45 16.54
C LYS F 67 -9.43 -27.75 15.83
N GLY F 68 -9.16 -28.88 16.48
CA GLY F 68 -9.46 -30.18 15.92
C GLY F 68 -8.41 -30.76 15.00
N ARG F 69 -7.41 -29.96 14.61
CA ARG F 69 -6.29 -30.45 13.80
C ARG F 69 -5.01 -30.63 14.60
N PHE F 70 -4.75 -29.73 15.54
CA PHE F 70 -3.58 -29.84 16.41
C PHE F 70 -3.97 -30.47 17.74
N THR F 71 -2.98 -31.02 18.42
CA THR F 71 -3.20 -31.65 19.73
C THR F 71 -1.98 -31.41 20.61
N ILE F 72 -2.19 -30.76 21.75
CA ILE F 72 -1.12 -30.50 22.72
C ILE F 72 -1.17 -31.56 23.81
N SER F 73 0.00 -31.97 24.28
CA SER F 73 0.13 -32.95 25.35
C SER F 73 1.40 -32.64 26.12
N ARG F 74 1.54 -33.23 27.30
CA ARG F 74 2.74 -33.02 28.10
C ARG F 74 3.16 -34.31 28.80
N ASP F 75 4.47 -34.41 29.04
CA ASP F 75 5.08 -35.48 29.83
C ASP F 75 5.77 -34.81 31.01
N ASN F 76 5.23 -35.03 32.21
CA ASN F 76 5.74 -34.39 33.41
C ASN F 76 7.10 -34.94 33.81
N ALA F 77 7.31 -36.25 33.64
CA ALA F 77 8.59 -36.85 33.98
C ALA F 77 9.70 -36.35 33.07
N LYS F 78 9.40 -36.17 31.79
CA LYS F 78 10.36 -35.66 30.82
C LYS F 78 10.39 -34.15 30.76
N ASN F 79 9.49 -33.48 31.50
CA ASN F 79 9.33 -32.02 31.43
C ASN F 79 9.26 -31.56 29.98
N THR F 80 8.46 -32.25 29.17
CA THR F 80 8.43 -31.98 27.74
C THR F 80 6.99 -31.86 27.26
N VAL F 81 6.69 -30.79 26.54
CA VAL F 81 5.37 -30.55 25.96
C VAL F 81 5.44 -30.81 24.47
N TYR F 82 4.48 -31.56 23.94
CA TYR F 82 4.43 -31.92 22.53
C TYR F 82 3.22 -31.27 21.88
N LEU F 83 3.42 -30.80 20.66
CA LEU F 83 2.35 -30.25 19.82
C LEU F 83 2.32 -31.05 18.53
N GLN F 84 1.31 -31.91 18.37
CA GLN F 84 1.09 -32.66 17.15
C GLN F 84 0.28 -31.81 16.18
N MET F 85 0.88 -31.48 15.04
CA MET F 85 0.25 -30.66 14.01
C MET F 85 -0.13 -31.57 12.85
N ASN F 86 -1.42 -31.88 12.74
CA ASN F 86 -1.97 -32.69 11.67
C ASN F 86 -2.71 -31.80 10.68
N SER F 87 -2.82 -32.28 9.44
CA SER F 87 -3.49 -31.55 8.36
C SER F 87 -2.92 -30.13 8.23
N LEU F 88 -1.60 -30.04 8.21
CA LEU F 88 -0.93 -28.75 8.14
C LEU F 88 -1.28 -28.03 6.84
N LYS F 89 -1.63 -26.75 6.97
CA LYS F 89 -1.98 -25.90 5.85
C LYS F 89 -0.88 -24.89 5.61
N PRO F 90 -0.80 -24.32 4.39
CA PRO F 90 0.13 -23.21 4.17
C PRO F 90 -0.06 -22.06 5.14
N GLU F 91 -1.27 -21.87 5.67
CA GLU F 91 -1.54 -20.84 6.66
C GLU F 91 -0.75 -21.05 7.94
N ASP F 92 -0.32 -22.27 8.23
CA ASP F 92 0.39 -22.59 9.47
C ASP F 92 1.88 -22.27 9.41
N THR F 93 2.36 -21.68 8.31
CA THR F 93 3.77 -21.32 8.19
C THR F 93 4.09 -20.16 9.14
N ALA F 94 4.92 -20.42 10.15
CA ALA F 94 5.26 -19.41 11.14
C ALA F 94 6.43 -19.91 11.99
N VAL F 95 6.96 -19.00 12.81
CA VAL F 95 7.90 -19.37 13.87
C VAL F 95 7.09 -19.74 15.10
N TYR F 96 7.22 -20.99 15.56
CA TYR F 96 6.44 -21.52 16.67
C TYR F 96 7.26 -21.40 17.95
N TYR F 97 6.73 -20.68 18.93
CA TYR F 97 7.36 -20.45 20.21
C TYR F 97 6.66 -21.25 21.30
N CYS F 98 7.44 -21.72 22.27
CA CYS F 98 6.92 -22.32 23.49
C CYS F 98 7.02 -21.29 24.61
N ALA F 99 5.95 -21.13 25.37
CA ALA F 99 5.91 -20.13 26.42
C ALA F 99 5.28 -20.72 27.67
N ALA F 100 5.62 -20.12 28.80
CA ALA F 100 5.16 -20.57 30.12
C ALA F 100 4.57 -19.40 30.89
N GLU F 101 3.40 -19.64 31.47
CA GLU F 101 2.68 -18.71 32.33
C GLU F 101 2.42 -19.39 33.67
N SER F 102 2.30 -18.59 34.72
CA SER F 102 2.12 -19.18 36.05
C SER F 102 0.69 -19.70 36.20
N ALA F 103 0.41 -20.32 37.35
CA ALA F 103 -0.91 -20.83 37.67
C ALA F 103 -1.68 -19.92 38.61
N LEU F 104 -1.04 -18.89 39.18
CA LEU F 104 -1.77 -17.87 39.92
C LEU F 104 -2.86 -17.25 39.06
N TYR F 105 -2.55 -17.02 37.78
CA TYR F 105 -3.53 -16.55 36.82
C TYR F 105 -4.25 -17.74 36.20
N SER F 106 -5.14 -17.46 35.24
CA SER F 106 -5.90 -18.53 34.62
C SER F 106 -4.98 -19.52 33.92
N ASP F 107 -5.27 -20.81 34.09
CA ASP F 107 -4.45 -21.86 33.49
C ASP F 107 -4.46 -21.75 31.97
N CYS F 108 -5.59 -22.07 31.35
CA CYS F 108 -5.75 -21.92 29.91
C CYS F 108 -6.90 -20.97 29.61
N THR F 109 -6.66 -20.00 28.75
CA THR F 109 -7.67 -19.06 28.28
C THR F 109 -8.12 -19.42 26.88
N GLU F 110 -9.29 -18.92 26.50
CA GLU F 110 -9.75 -19.12 25.13
C GLU F 110 -8.93 -18.28 24.15
N GLU F 111 -8.58 -17.06 24.54
CA GLU F 111 -7.65 -16.22 23.78
C GLU F 111 -6.35 -16.12 24.56
N GLN F 112 -5.28 -16.68 24.00
CA GLN F 112 -3.98 -16.74 24.66
C GLN F 112 -3.32 -15.35 24.61
N ASN F 113 -3.31 -14.66 25.75
CA ASN F 113 -2.65 -13.36 25.86
C ASN F 113 -1.16 -13.57 26.02
N PRO F 114 -0.34 -13.13 25.06
CA PRO F 114 1.12 -13.30 25.20
C PRO F 114 1.70 -12.54 26.38
N MET F 115 1.01 -11.51 26.87
CA MET F 115 1.51 -10.75 28.01
C MET F 115 1.38 -11.51 29.32
N LEU F 116 0.45 -12.47 29.40
CA LEU F 116 0.32 -13.28 30.60
C LEU F 116 1.45 -14.30 30.73
N TYR F 117 2.08 -14.66 29.62
CA TYR F 117 3.14 -15.66 29.62
C TYR F 117 4.47 -14.99 29.96
N ASP F 118 5.13 -15.50 31.00
CA ASP F 118 6.31 -14.84 31.55
C ASP F 118 7.61 -15.37 30.97
N TYR F 119 7.67 -16.63 30.53
CA TYR F 119 8.92 -17.19 30.05
C TYR F 119 8.77 -17.72 28.63
N TRP F 120 9.78 -17.47 27.80
CA TRP F 120 9.69 -17.76 26.37
C TRP F 120 10.94 -18.51 25.91
N GLY F 121 10.73 -19.44 24.98
CA GLY F 121 11.83 -20.07 24.27
C GLY F 121 12.24 -19.27 23.04
N GLN F 122 13.17 -19.84 22.29
CA GLN F 122 13.68 -19.19 21.10
C GLN F 122 12.86 -19.48 19.86
N GLY F 123 12.07 -20.56 19.86
CA GLY F 123 11.20 -20.87 18.76
C GLY F 123 11.85 -21.77 17.72
N THR F 124 11.00 -22.38 16.89
CA THR F 124 11.45 -23.21 15.78
C THR F 124 10.61 -22.87 14.55
N GLN F 125 11.26 -22.88 13.38
CA GLN F 125 10.60 -22.48 12.15
C GLN F 125 9.80 -23.65 11.59
N VAL F 126 8.54 -23.41 11.25
CA VAL F 126 7.68 -24.40 10.60
C VAL F 126 7.17 -23.77 9.30
N THR F 127 7.46 -24.42 8.18
CA THR F 127 6.99 -23.97 6.87
C THR F 127 6.19 -25.11 6.22
N VAL F 128 5.03 -24.78 5.70
CA VAL F 128 4.14 -25.75 5.07
C VAL F 128 3.94 -25.28 3.64
N SER F 129 4.74 -25.82 2.73
CA SER F 129 4.66 -25.45 1.32
C SER F 129 5.06 -26.66 0.47
N SER F 130 4.66 -26.62 -0.80
CA SER F 130 4.99 -27.68 -1.74
C SER F 130 6.45 -27.53 -2.13
N HIS F 131 7.29 -28.47 -1.68
CA HIS F 131 8.72 -28.42 -1.95
C HIS F 131 9.28 -29.83 -2.16
#